data_4MJJ
# 
_entry.id   4MJJ 
# 
_audit_conform.dict_name       mmcif_pdbx.dic 
_audit_conform.dict_version    5.399 
_audit_conform.dict_location   http://mmcif.pdb.org/dictionaries/ascii/mmcif_pdbx.dic 
# 
loop_
_database_2.database_id 
_database_2.database_code 
_database_2.pdbx_database_accession 
_database_2.pdbx_DOI 
PDB   4MJJ         pdb_00004mjj 10.2210/pdb4mjj/pdb 
RCSB  RCSB081989   ?            ?                   
WWPDB D_1000081989 ?            ?                   
# 
loop_
_pdbx_audit_revision_history.ordinal 
_pdbx_audit_revision_history.data_content_type 
_pdbx_audit_revision_history.major_revision 
_pdbx_audit_revision_history.minor_revision 
_pdbx_audit_revision_history.revision_date 
1 'Structure model' 1 0 2013-10-30 
2 'Structure model' 1 1 2024-11-27 
# 
_pdbx_audit_revision_details.ordinal             1 
_pdbx_audit_revision_details.revision_ordinal    1 
_pdbx_audit_revision_details.data_content_type   'Structure model' 
_pdbx_audit_revision_details.provider            repository 
_pdbx_audit_revision_details.type                'Initial release' 
_pdbx_audit_revision_details.description         ? 
_pdbx_audit_revision_details.details             ? 
# 
loop_
_pdbx_audit_revision_group.ordinal 
_pdbx_audit_revision_group.revision_ordinal 
_pdbx_audit_revision_group.data_content_type 
_pdbx_audit_revision_group.group 
1 2 'Structure model' 'Data collection'     
2 2 'Structure model' 'Database references' 
3 2 'Structure model' 'Structure summary'   
# 
loop_
_pdbx_audit_revision_category.ordinal 
_pdbx_audit_revision_category.revision_ordinal 
_pdbx_audit_revision_category.data_content_type 
_pdbx_audit_revision_category.category 
1 2 'Structure model' chem_comp_atom            
2 2 'Structure model' chem_comp_bond            
3 2 'Structure model' database_2                
4 2 'Structure model' pdbx_entry_details        
5 2 'Structure model' pdbx_modification_feature 
6 2 'Structure model' struct_ref_seq_dif        
# 
loop_
_pdbx_audit_revision_item.ordinal 
_pdbx_audit_revision_item.revision_ordinal 
_pdbx_audit_revision_item.data_content_type 
_pdbx_audit_revision_item.item 
1 2 'Structure model' '_database_2.pdbx_DOI'                
2 2 'Structure model' '_database_2.pdbx_database_accession' 
3 2 'Structure model' '_struct_ref_seq_dif.details'         
# 
_pdbx_database_status.status_code                     REL 
_pdbx_database_status.entry_id                        4MJJ 
_pdbx_database_status.recvd_initial_deposition_date   2013-09-03 
_pdbx_database_status.deposit_site                    RCSB 
_pdbx_database_status.process_site                    RCSB 
_pdbx_database_status.status_code_sf                  REL 
_pdbx_database_status.status_code_mr                  ? 
_pdbx_database_status.SG_entry                        ? 
_pdbx_database_status.status_code_cs                  ? 
_pdbx_database_status.methods_development_category    ? 
_pdbx_database_status.pdb_format_compatible           Y 
_pdbx_database_status.status_code_nmr_data            ? 
# 
_audit_author.name           'Huang, Q.Q.' 
_audit_author.pdbx_ordinal   1 
# 
_citation.id                        primary 
_citation.title                     'Crystal structure of the C2A domain of DOC2A' 
_citation.journal_abbrev            'To be Published' 
_citation.journal_volume            ? 
_citation.page_first                ? 
_citation.page_last                 ? 
_citation.year                      ? 
_citation.journal_id_ASTM           ? 
_citation.country                   ? 
_citation.journal_id_ISSN           ? 
_citation.journal_id_CSD            0353 
_citation.book_publisher            ? 
_citation.pdbx_database_id_PubMed   ? 
_citation.pdbx_database_id_DOI      ? 
# 
_citation_author.citation_id        primary 
_citation_author.name               'Huang, Q.Q.' 
_citation_author.ordinal            1 
_citation_author.identifier_ORCID   ? 
# 
loop_
_entity.id 
_entity.type 
_entity.src_method 
_entity.pdbx_description 
_entity.formula_weight 
_entity.pdbx_number_of_molecules 
_entity.pdbx_ec 
_entity.pdbx_mutation 
_entity.pdbx_fragment 
_entity.details 
1 polymer man 'Double C2-like domain-containing protein alpha' 15651.939 1  ? ? 'C2A, unp residues 81-217' ? 
2 water   nat water                                            18.015    89 ? ? ?                          ? 
# 
_entity_name_com.entity_id   1 
_entity_name_com.name        'Doc2, Doc2-alpha' 
# 
_entity_poly.entity_id                      1 
_entity_poly.type                           'polypeptide(L)' 
_entity_poly.nstd_linkage                   no 
_entity_poly.nstd_monomer                   no 
_entity_poly.pdbx_seq_one_letter_code       
;GSYDSDDATALGTLEFDLLYDRASCTLHCSILRAKGLKPMDFNGLADPYVKLHLLPGACKANKLKTKTQRNTLNPVWNED
LTYSGITDDDITHKVLRIAVCDEDKLSHNEFIGEIRVPLRRLKPSQKKHFNICLERQV
;
_entity_poly.pdbx_seq_one_letter_code_can   
;GSYDSDDATALGTLEFDLLYDRASCTLHCSILRAKGLKPMDFNGLADPYVKLHLLPGACKANKLKTKTQRNTLNPVWNED
LTYSGITDDDITHKVLRIAVCDEDKLSHNEFIGEIRVPLRRLKPSQKKHFNICLERQV
;
_entity_poly.pdbx_strand_id                 A 
_entity_poly.pdbx_target_identifier         ? 
# 
_pdbx_entity_nonpoly.entity_id   2 
_pdbx_entity_nonpoly.name        water 
_pdbx_entity_nonpoly.comp_id     HOH 
# 
loop_
_entity_poly_seq.entity_id 
_entity_poly_seq.num 
_entity_poly_seq.mon_id 
_entity_poly_seq.hetero 
1 1   GLY n 
1 2   SER n 
1 3   TYR n 
1 4   ASP n 
1 5   SER n 
1 6   ASP n 
1 7   ASP n 
1 8   ALA n 
1 9   THR n 
1 10  ALA n 
1 11  LEU n 
1 12  GLY n 
1 13  THR n 
1 14  LEU n 
1 15  GLU n 
1 16  PHE n 
1 17  ASP n 
1 18  LEU n 
1 19  LEU n 
1 20  TYR n 
1 21  ASP n 
1 22  ARG n 
1 23  ALA n 
1 24  SER n 
1 25  CYS n 
1 26  THR n 
1 27  LEU n 
1 28  HIS n 
1 29  CYS n 
1 30  SER n 
1 31  ILE n 
1 32  LEU n 
1 33  ARG n 
1 34  ALA n 
1 35  LYS n 
1 36  GLY n 
1 37  LEU n 
1 38  LYS n 
1 39  PRO n 
1 40  MET n 
1 41  ASP n 
1 42  PHE n 
1 43  ASN n 
1 44  GLY n 
1 45  LEU n 
1 46  ALA n 
1 47  ASP n 
1 48  PRO n 
1 49  TYR n 
1 50  VAL n 
1 51  LYS n 
1 52  LEU n 
1 53  HIS n 
1 54  LEU n 
1 55  LEU n 
1 56  PRO n 
1 57  GLY n 
1 58  ALA n 
1 59  CYS n 
1 60  LYS n 
1 61  ALA n 
1 62  ASN n 
1 63  LYS n 
1 64  LEU n 
1 65  LYS n 
1 66  THR n 
1 67  LYS n 
1 68  THR n 
1 69  GLN n 
1 70  ARG n 
1 71  ASN n 
1 72  THR n 
1 73  LEU n 
1 74  ASN n 
1 75  PRO n 
1 76  VAL n 
1 77  TRP n 
1 78  ASN n 
1 79  GLU n 
1 80  ASP n 
1 81  LEU n 
1 82  THR n 
1 83  TYR n 
1 84  SER n 
1 85  GLY n 
1 86  ILE n 
1 87  THR n 
1 88  ASP n 
1 89  ASP n 
1 90  ASP n 
1 91  ILE n 
1 92  THR n 
1 93  HIS n 
1 94  LYS n 
1 95  VAL n 
1 96  LEU n 
1 97  ARG n 
1 98  ILE n 
1 99  ALA n 
1 100 VAL n 
1 101 CYS n 
1 102 ASP n 
1 103 GLU n 
1 104 ASP n 
1 105 LYS n 
1 106 LEU n 
1 107 SER n 
1 108 HIS n 
1 109 ASN n 
1 110 GLU n 
1 111 PHE n 
1 112 ILE n 
1 113 GLY n 
1 114 GLU n 
1 115 ILE n 
1 116 ARG n 
1 117 VAL n 
1 118 PRO n 
1 119 LEU n 
1 120 ARG n 
1 121 ARG n 
1 122 LEU n 
1 123 LYS n 
1 124 PRO n 
1 125 SER n 
1 126 GLN n 
1 127 LYS n 
1 128 LYS n 
1 129 HIS n 
1 130 PHE n 
1 131 ASN n 
1 132 ILE n 
1 133 CYS n 
1 134 LEU n 
1 135 GLU n 
1 136 ARG n 
1 137 GLN n 
1 138 VAL n 
# 
_entity_src_gen.entity_id                          1 
_entity_src_gen.pdbx_src_id                        1 
_entity_src_gen.pdbx_alt_source_flag               sample 
_entity_src_gen.pdbx_seq_type                      ? 
_entity_src_gen.pdbx_beg_seq_num                   ? 
_entity_src_gen.pdbx_end_seq_num                   ? 
_entity_src_gen.gene_src_common_name               human 
_entity_src_gen.gene_src_genus                     ? 
_entity_src_gen.pdbx_gene_src_gene                 DOC2A 
_entity_src_gen.gene_src_species                   ? 
_entity_src_gen.gene_src_strain                    ? 
_entity_src_gen.gene_src_tissue                    ? 
_entity_src_gen.gene_src_tissue_fraction           ? 
_entity_src_gen.gene_src_details                   ? 
_entity_src_gen.pdbx_gene_src_fragment             ? 
_entity_src_gen.pdbx_gene_src_scientific_name      'Homo sapiens' 
_entity_src_gen.pdbx_gene_src_ncbi_taxonomy_id     9606 
_entity_src_gen.pdbx_gene_src_variant              ? 
_entity_src_gen.pdbx_gene_src_cell_line            ? 
_entity_src_gen.pdbx_gene_src_atcc                 ? 
_entity_src_gen.pdbx_gene_src_organ                ? 
_entity_src_gen.pdbx_gene_src_organelle            ? 
_entity_src_gen.pdbx_gene_src_cell                 ? 
_entity_src_gen.pdbx_gene_src_cellular_location    ? 
_entity_src_gen.host_org_common_name               ? 
_entity_src_gen.pdbx_host_org_scientific_name      'Escherichia coli' 
_entity_src_gen.pdbx_host_org_ncbi_taxonomy_id     562 
_entity_src_gen.host_org_genus                     ? 
_entity_src_gen.pdbx_host_org_gene                 ? 
_entity_src_gen.pdbx_host_org_organ                ? 
_entity_src_gen.host_org_species                   ? 
_entity_src_gen.pdbx_host_org_tissue               ? 
_entity_src_gen.pdbx_host_org_tissue_fraction      ? 
_entity_src_gen.pdbx_host_org_strain               ? 
_entity_src_gen.pdbx_host_org_variant              ? 
_entity_src_gen.pdbx_host_org_cell_line            ? 
_entity_src_gen.pdbx_host_org_atcc                 ? 
_entity_src_gen.pdbx_host_org_culture_collection   ? 
_entity_src_gen.pdbx_host_org_cell                 ? 
_entity_src_gen.pdbx_host_org_organelle            ? 
_entity_src_gen.pdbx_host_org_cellular_location    ? 
_entity_src_gen.pdbx_host_org_vector_type          ? 
_entity_src_gen.pdbx_host_org_vector               ? 
_entity_src_gen.host_org_details                   ? 
_entity_src_gen.expression_system_id               ? 
_entity_src_gen.plasmid_name                       ? 
_entity_src_gen.plasmid_details                    ? 
_entity_src_gen.pdbx_description                   ? 
# 
loop_
_chem_comp.id 
_chem_comp.type 
_chem_comp.mon_nstd_flag 
_chem_comp.name 
_chem_comp.pdbx_synonyms 
_chem_comp.formula 
_chem_comp.formula_weight 
ALA 'L-peptide linking' y ALANINE         ? 'C3 H7 N O2'     89.093  
ARG 'L-peptide linking' y ARGININE        ? 'C6 H15 N4 O2 1' 175.209 
ASN 'L-peptide linking' y ASPARAGINE      ? 'C4 H8 N2 O3'    132.118 
ASP 'L-peptide linking' y 'ASPARTIC ACID' ? 'C4 H7 N O4'     133.103 
CYS 'L-peptide linking' y CYSTEINE        ? 'C3 H7 N O2 S'   121.158 
GLN 'L-peptide linking' y GLUTAMINE       ? 'C5 H10 N2 O3'   146.144 
GLU 'L-peptide linking' y 'GLUTAMIC ACID' ? 'C5 H9 N O4'     147.129 
GLY 'peptide linking'   y GLYCINE         ? 'C2 H5 N O2'     75.067  
HIS 'L-peptide linking' y HISTIDINE       ? 'C6 H10 N3 O2 1' 156.162 
HOH non-polymer         . WATER           ? 'H2 O'           18.015  
ILE 'L-peptide linking' y ISOLEUCINE      ? 'C6 H13 N O2'    131.173 
LEU 'L-peptide linking' y LEUCINE         ? 'C6 H13 N O2'    131.173 
LYS 'L-peptide linking' y LYSINE          ? 'C6 H15 N2 O2 1' 147.195 
MET 'L-peptide linking' y METHIONINE      ? 'C5 H11 N O2 S'  149.211 
PHE 'L-peptide linking' y PHENYLALANINE   ? 'C9 H11 N O2'    165.189 
PRO 'L-peptide linking' y PROLINE         ? 'C5 H9 N O2'     115.130 
SER 'L-peptide linking' y SERINE          ? 'C3 H7 N O3'     105.093 
THR 'L-peptide linking' y THREONINE       ? 'C4 H9 N O3'     119.119 
TRP 'L-peptide linking' y TRYPTOPHAN      ? 'C11 H12 N2 O2'  204.225 
TYR 'L-peptide linking' y TYROSINE        ? 'C9 H11 N O3'    181.189 
VAL 'L-peptide linking' y VALINE          ? 'C5 H11 N O2'    117.146 
# 
loop_
_pdbx_poly_seq_scheme.asym_id 
_pdbx_poly_seq_scheme.entity_id 
_pdbx_poly_seq_scheme.seq_id 
_pdbx_poly_seq_scheme.mon_id 
_pdbx_poly_seq_scheme.ndb_seq_num 
_pdbx_poly_seq_scheme.pdb_seq_num 
_pdbx_poly_seq_scheme.auth_seq_num 
_pdbx_poly_seq_scheme.pdb_mon_id 
_pdbx_poly_seq_scheme.auth_mon_id 
_pdbx_poly_seq_scheme.pdb_strand_id 
_pdbx_poly_seq_scheme.pdb_ins_code 
_pdbx_poly_seq_scheme.hetero 
A 1 1   GLY 1   80  ?   ?   ?   A . n 
A 1 2   SER 2   81  ?   ?   ?   A . n 
A 1 3   TYR 3   82  ?   ?   ?   A . n 
A 1 4   ASP 4   83  ?   ?   ?   A . n 
A 1 5   SER 5   84  ?   ?   ?   A . n 
A 1 6   ASP 6   85  ?   ?   ?   A . n 
A 1 7   ASP 7   86  ?   ?   ?   A . n 
A 1 8   ALA 8   87  ?   ?   ?   A . n 
A 1 9   THR 9   88  ?   ?   ?   A . n 
A 1 10  ALA 10  89  89  ALA ALA A . n 
A 1 11  LEU 11  90  90  LEU LEU A . n 
A 1 12  GLY 12  91  91  GLY GLY A . n 
A 1 13  THR 13  92  92  THR THR A . n 
A 1 14  LEU 14  93  93  LEU LEU A . n 
A 1 15  GLU 15  94  94  GLU GLU A . n 
A 1 16  PHE 16  95  95  PHE PHE A . n 
A 1 17  ASP 17  96  96  ASP ASP A . n 
A 1 18  LEU 18  97  97  LEU LEU A . n 
A 1 19  LEU 19  98  98  LEU LEU A . n 
A 1 20  TYR 20  99  99  TYR TYR A . n 
A 1 21  ASP 21  100 100 ASP ASP A . n 
A 1 22  ARG 22  101 101 ARG ARG A . n 
A 1 23  ALA 23  102 102 ALA ALA A . n 
A 1 24  SER 24  103 103 SER SER A . n 
A 1 25  CYS 25  104 104 CYS CYS A . n 
A 1 26  THR 26  105 105 THR THR A . n 
A 1 27  LEU 27  106 106 LEU LEU A . n 
A 1 28  HIS 28  107 107 HIS HIS A . n 
A 1 29  CYS 29  108 108 CYS CYS A . n 
A 1 30  SER 30  109 109 SER SER A . n 
A 1 31  ILE 31  110 110 ILE ILE A . n 
A 1 32  LEU 32  111 111 LEU LEU A . n 
A 1 33  ARG 33  112 112 ARG ARG A . n 
A 1 34  ALA 34  113 113 ALA ALA A . n 
A 1 35  LYS 35  114 114 LYS LYS A . n 
A 1 36  GLY 36  115 115 GLY GLY A . n 
A 1 37  LEU 37  116 116 LEU LEU A . n 
A 1 38  LYS 38  117 117 LYS LYS A . n 
A 1 39  PRO 39  118 118 PRO PRO A . n 
A 1 40  MET 40  119 ?   ?   ?   A . n 
A 1 41  ASP 41  120 ?   ?   ?   A . n 
A 1 42  PHE 42  121 ?   ?   ?   A . n 
A 1 43  ASN 43  122 ?   ?   ?   A . n 
A 1 44  GLY 44  123 ?   ?   ?   A . n 
A 1 45  LEU 45  124 ?   ?   ?   A . n 
A 1 46  ALA 46  125 ?   ?   ?   A . n 
A 1 47  ASP 47  126 126 ASP ASP A . n 
A 1 48  PRO 48  127 127 PRO PRO A . n 
A 1 49  TYR 49  128 128 TYR TYR A . n 
A 1 50  VAL 50  129 129 VAL VAL A . n 
A 1 51  LYS 51  130 130 LYS LYS A . n 
A 1 52  LEU 52  131 131 LEU LEU A . n 
A 1 53  HIS 53  132 132 HIS HIS A . n 
A 1 54  LEU 54  133 133 LEU LEU A . n 
A 1 55  LEU 55  134 134 LEU LEU A . n 
A 1 56  PRO 56  135 135 PRO PRO A . n 
A 1 57  GLY 57  136 136 GLY GLY A . n 
A 1 58  ALA 58  137 137 ALA ALA A . n 
A 1 59  CYS 59  138 138 CYS CYS A . n 
A 1 60  LYS 60  139 139 LYS LYS A . n 
A 1 61  ALA 61  140 140 ALA ALA A . n 
A 1 62  ASN 62  141 141 ASN ASN A . n 
A 1 63  LYS 63  142 142 LYS LYS A . n 
A 1 64  LEU 64  143 143 LEU LEU A . n 
A 1 65  LYS 65  144 144 LYS LYS A . n 
A 1 66  THR 66  145 145 THR THR A . n 
A 1 67  LYS 67  146 146 LYS LYS A . n 
A 1 68  THR 68  147 147 THR THR A . n 
A 1 69  GLN 69  148 148 GLN GLN A . n 
A 1 70  ARG 70  149 149 ARG ARG A . n 
A 1 71  ASN 71  150 150 ASN ASN A . n 
A 1 72  THR 72  151 151 THR THR A . n 
A 1 73  LEU 73  152 152 LEU LEU A . n 
A 1 74  ASN 74  153 153 ASN ASN A . n 
A 1 75  PRO 75  154 154 PRO PRO A . n 
A 1 76  VAL 76  155 155 VAL VAL A . n 
A 1 77  TRP 77  156 156 TRP TRP A . n 
A 1 78  ASN 78  157 157 ASN ASN A . n 
A 1 79  GLU 79  158 158 GLU GLU A . n 
A 1 80  ASP 80  159 159 ASP ASP A . n 
A 1 81  LEU 81  160 160 LEU LEU A . n 
A 1 82  THR 82  161 161 THR THR A . n 
A 1 83  TYR 83  162 162 TYR TYR A . n 
A 1 84  SER 84  163 163 SER SER A . n 
A 1 85  GLY 85  164 164 GLY GLY A . n 
A 1 86  ILE 86  165 165 ILE ILE A . n 
A 1 87  THR 87  166 166 THR THR A . n 
A 1 88  ASP 88  167 167 ASP ASP A . n 
A 1 89  ASP 89  168 168 ASP ASP A . n 
A 1 90  ASP 90  169 169 ASP ASP A . n 
A 1 91  ILE 91  170 170 ILE ILE A . n 
A 1 92  THR 92  171 171 THR THR A . n 
A 1 93  HIS 93  172 172 HIS HIS A . n 
A 1 94  LYS 94  173 173 LYS LYS A . n 
A 1 95  VAL 95  174 174 VAL VAL A . n 
A 1 96  LEU 96  175 175 LEU LEU A . n 
A 1 97  ARG 97  176 176 ARG ARG A . n 
A 1 98  ILE 98  177 177 ILE ILE A . n 
A 1 99  ALA 99  178 178 ALA ALA A . n 
A 1 100 VAL 100 179 179 VAL VAL A . n 
A 1 101 CYS 101 180 180 CYS CYS A . n 
A 1 102 ASP 102 181 181 ASP ASP A . n 
A 1 103 GLU 103 182 182 GLU GLU A . n 
A 1 104 ASP 104 183 183 ASP ASP A . n 
A 1 105 LYS 105 184 ?   ?   ?   A . n 
A 1 106 LEU 106 185 ?   ?   ?   A . n 
A 1 107 SER 107 186 ?   ?   ?   A . n 
A 1 108 HIS 108 187 ?   ?   ?   A . n 
A 1 109 ASN 109 188 ?   ?   ?   A . n 
A 1 110 GLU 110 189 189 GLU GLU A . n 
A 1 111 PHE 111 190 190 PHE PHE A . n 
A 1 112 ILE 112 191 191 ILE ILE A . n 
A 1 113 GLY 113 192 192 GLY GLY A . n 
A 1 114 GLU 114 193 193 GLU GLU A . n 
A 1 115 ILE 115 194 194 ILE ILE A . n 
A 1 116 ARG 116 195 195 ARG ARG A . n 
A 1 117 VAL 117 196 196 VAL VAL A . n 
A 1 118 PRO 118 197 197 PRO PRO A . n 
A 1 119 LEU 119 198 198 LEU LEU A . n 
A 1 120 ARG 120 199 199 ARG ARG A . n 
A 1 121 ARG 121 200 200 ARG ARG A . n 
A 1 122 LEU 122 201 201 LEU LEU A . n 
A 1 123 LYS 123 202 202 LYS LYS A . n 
A 1 124 PRO 124 203 203 PRO PRO A . n 
A 1 125 SER 125 204 204 SER SER A . n 
A 1 126 GLN 126 205 205 GLN GLN A . n 
A 1 127 LYS 127 206 206 LYS LYS A . n 
A 1 128 LYS 128 207 207 LYS LYS A . n 
A 1 129 HIS 129 208 208 HIS HIS A . n 
A 1 130 PHE 130 209 209 PHE PHE A . n 
A 1 131 ASN 131 210 210 ASN ASN A . n 
A 1 132 ILE 132 211 211 ILE ILE A . n 
A 1 133 CYS 133 212 212 CYS CYS A . n 
A 1 134 LEU 134 213 213 LEU LEU A . n 
A 1 135 GLU 135 214 214 GLU GLU A . n 
A 1 136 ARG 136 215 215 ARG ARG A . n 
A 1 137 GLN 137 216 216 GLN GLN A . n 
A 1 138 VAL 138 217 ?   ?   ?   A . n 
# 
loop_
_pdbx_nonpoly_scheme.asym_id 
_pdbx_nonpoly_scheme.entity_id 
_pdbx_nonpoly_scheme.mon_id 
_pdbx_nonpoly_scheme.ndb_seq_num 
_pdbx_nonpoly_scheme.pdb_seq_num 
_pdbx_nonpoly_scheme.auth_seq_num 
_pdbx_nonpoly_scheme.pdb_mon_id 
_pdbx_nonpoly_scheme.auth_mon_id 
_pdbx_nonpoly_scheme.pdb_strand_id 
_pdbx_nonpoly_scheme.pdb_ins_code 
B 2 HOH 1  301 1  HOH HOH A . 
B 2 HOH 2  302 2  HOH HOH A . 
B 2 HOH 3  303 3  HOH HOH A . 
B 2 HOH 4  304 4  HOH HOH A . 
B 2 HOH 5  305 5  HOH HOH A . 
B 2 HOH 6  306 6  HOH HOH A . 
B 2 HOH 7  307 7  HOH HOH A . 
B 2 HOH 8  308 8  HOH HOH A . 
B 2 HOH 9  309 9  HOH HOH A . 
B 2 HOH 10 310 10 HOH HOH A . 
B 2 HOH 11 311 11 HOH HOH A . 
B 2 HOH 12 312 12 HOH HOH A . 
B 2 HOH 13 313 13 HOH HOH A . 
B 2 HOH 14 314 14 HOH HOH A . 
B 2 HOH 15 315 15 HOH HOH A . 
B 2 HOH 16 316 16 HOH HOH A . 
B 2 HOH 17 317 17 HOH HOH A . 
B 2 HOH 18 318 18 HOH HOH A . 
B 2 HOH 19 319 19 HOH HOH A . 
B 2 HOH 20 320 20 HOH HOH A . 
B 2 HOH 21 321 21 HOH HOH A . 
B 2 HOH 22 322 22 HOH HOH A . 
B 2 HOH 23 323 23 HOH HOH A . 
B 2 HOH 24 324 24 HOH HOH A . 
B 2 HOH 25 325 25 HOH HOH A . 
B 2 HOH 26 326 26 HOH HOH A . 
B 2 HOH 27 327 27 HOH HOH A . 
B 2 HOH 28 328 28 HOH HOH A . 
B 2 HOH 29 329 29 HOH HOH A . 
B 2 HOH 30 330 30 HOH HOH A . 
B 2 HOH 31 331 31 HOH HOH A . 
B 2 HOH 32 332 32 HOH HOH A . 
B 2 HOH 33 333 33 HOH HOH A . 
B 2 HOH 34 334 34 HOH HOH A . 
B 2 HOH 35 335 35 HOH HOH A . 
B 2 HOH 36 336 36 HOH HOH A . 
B 2 HOH 37 337 37 HOH HOH A . 
B 2 HOH 38 338 38 HOH HOH A . 
B 2 HOH 39 339 39 HOH HOH A . 
B 2 HOH 40 340 40 HOH HOH A . 
B 2 HOH 41 341 41 HOH HOH A . 
B 2 HOH 42 342 42 HOH HOH A . 
B 2 HOH 43 343 43 HOH HOH A . 
B 2 HOH 44 344 44 HOH HOH A . 
B 2 HOH 45 345 45 HOH HOH A . 
B 2 HOH 46 346 46 HOH HOH A . 
B 2 HOH 47 347 47 HOH HOH A . 
B 2 HOH 48 348 48 HOH HOH A . 
B 2 HOH 49 349 49 HOH HOH A . 
B 2 HOH 50 350 50 HOH HOH A . 
B 2 HOH 51 351 51 HOH HOH A . 
B 2 HOH 52 352 52 HOH HOH A . 
B 2 HOH 53 353 53 HOH HOH A . 
B 2 HOH 54 354 54 HOH HOH A . 
B 2 HOH 55 355 55 HOH HOH A . 
B 2 HOH 56 356 56 HOH HOH A . 
B 2 HOH 57 357 57 HOH HOH A . 
B 2 HOH 58 358 58 HOH HOH A . 
B 2 HOH 59 359 59 HOH HOH A . 
B 2 HOH 60 360 60 HOH HOH A . 
B 2 HOH 61 361 61 HOH HOH A . 
B 2 HOH 62 362 62 HOH HOH A . 
B 2 HOH 63 363 63 HOH HOH A . 
B 2 HOH 64 364 64 HOH HOH A . 
B 2 HOH 65 365 65 HOH HOH A . 
B 2 HOH 66 366 66 HOH HOH A . 
B 2 HOH 67 367 67 HOH HOH A . 
B 2 HOH 68 368 68 HOH HOH A . 
B 2 HOH 69 369 69 HOH HOH A . 
B 2 HOH 70 370 70 HOH HOH A . 
B 2 HOH 71 371 71 HOH HOH A . 
B 2 HOH 72 372 72 HOH HOH A . 
B 2 HOH 73 373 73 HOH HOH A . 
B 2 HOH 74 374 74 HOH HOH A . 
B 2 HOH 75 375 75 HOH HOH A . 
B 2 HOH 76 376 76 HOH HOH A . 
B 2 HOH 77 377 77 HOH HOH A . 
B 2 HOH 78 378 78 HOH HOH A . 
B 2 HOH 79 379 79 HOH HOH A . 
B 2 HOH 80 380 80 HOH HOH A . 
B 2 HOH 81 381 81 HOH HOH A . 
B 2 HOH 82 382 82 HOH HOH A . 
B 2 HOH 83 383 83 HOH HOH A . 
B 2 HOH 84 384 84 HOH HOH A . 
B 2 HOH 85 385 85 HOH HOH A . 
B 2 HOH 86 386 86 HOH HOH A . 
B 2 HOH 87 387 87 HOH HOH A . 
B 2 HOH 88 388 88 HOH HOH A . 
B 2 HOH 89 389 89 HOH HOH A . 
# 
loop_
_software.name 
_software.classification 
_software.version 
_software.citation_id 
_software.pdbx_ordinal 
HKL-2000 'data collection' .                             ? 1 
PHENIX   'model building'  .                             ? 2 
PHENIX   refinement        '(phenix.refine: 1.8.2_1309)' ? 3 
HKL-2000 'data reduction'  .                             ? 4 
HKL-2000 'data scaling'    .                             ? 5 
PHENIX   phasing           .                             ? 6 
# 
_cell.entry_id           4MJJ 
_cell.length_a           83.977 
_cell.length_b           33.064 
_cell.length_c           63.748 
_cell.angle_alpha        90.00 
_cell.angle_beta         124.55 
_cell.angle_gamma        90.00 
_cell.Z_PDB              4 
_cell.pdbx_unique_axis   ? 
_cell.length_a_esd       ? 
_cell.length_b_esd       ? 
_cell.length_c_esd       ? 
_cell.angle_alpha_esd    ? 
_cell.angle_beta_esd     ? 
_cell.angle_gamma_esd    ? 
# 
_symmetry.entry_id                         4MJJ 
_symmetry.space_group_name_H-M             'C 1 2 1' 
_symmetry.pdbx_full_space_group_name_H-M   ? 
_symmetry.cell_setting                     ? 
_symmetry.Int_Tables_number                5 
_symmetry.space_group_name_Hall            ? 
# 
_exptl.entry_id          4MJJ 
_exptl.method            'X-RAY DIFFRACTION' 
_exptl.crystals_number   1 
# 
_exptl_crystal.id                    1 
_exptl_crystal.density_meas          ? 
_exptl_crystal.density_Matthews      2.33 
_exptl_crystal.density_percent_sol   47.18 
_exptl_crystal.description           ? 
_exptl_crystal.F_000                 ? 
_exptl_crystal.preparation           ? 
# 
_exptl_crystal_grow.crystal_id      1 
_exptl_crystal_grow.method          'VAPOR DIFFUSION, HANGING DROP' 
_exptl_crystal_grow.temp            298 
_exptl_crystal_grow.temp_details    ? 
_exptl_crystal_grow.pH              8.0 
_exptl_crystal_grow.pdbx_details    '14% PEG400, 100mM Tris-HCl, pH 8.0, VAPOR DIFFUSION, HANGING DROP, temperature 298K' 
_exptl_crystal_grow.pdbx_pH_range   ? 
# 
_diffrn.id                     1 
_diffrn.ambient_temp           100 
_diffrn.ambient_temp_details   ? 
_diffrn.crystal_id             1 
# 
_diffrn_detector.diffrn_id              1 
_diffrn_detector.detector               CCD 
_diffrn_detector.type                   'ADSC QUANTUM 270' 
_diffrn_detector.pdbx_collection_date   2013-05-25 
_diffrn_detector.details                ? 
# 
_diffrn_radiation.diffrn_id                        1 
_diffrn_radiation.wavelength_id                    1 
_diffrn_radiation.pdbx_monochromatic_or_laue_m_l   M 
_diffrn_radiation.monochromator                    'Si 111 CHANNEL' 
_diffrn_radiation.pdbx_diffrn_protocol             'SINGLE WAVELENGTH' 
_diffrn_radiation.pdbx_scattering_type             x-ray 
# 
_diffrn_radiation_wavelength.id           1 
_diffrn_radiation_wavelength.wavelength   0.918 
_diffrn_radiation_wavelength.wt           1.0 
# 
_diffrn_source.diffrn_id                   1 
_diffrn_source.source                      SYNCHROTRON 
_diffrn_source.type                        'CHESS BEAMLINE F1' 
_diffrn_source.pdbx_synchrotron_site       CHESS 
_diffrn_source.pdbx_synchrotron_beamline   F1 
_diffrn_source.pdbx_wavelength             ? 
_diffrn_source.pdbx_wavelength_list        0.918 
# 
_reflns.entry_id                     4MJJ 
_reflns.observed_criterion_sigma_I   1.0 
_reflns.observed_criterion_sigma_F   1.0 
_reflns.d_resolution_low             35 
_reflns.d_resolution_high            1.70 
_reflns.number_obs                   15658 
_reflns.number_all                   15800 
_reflns.percent_possible_obs         99.1 
_reflns.pdbx_Rmerge_I_obs            0.136 
_reflns.pdbx_Rsym_value              ? 
_reflns.pdbx_netI_over_sigmaI        ? 
_reflns.B_iso_Wilson_estimate        ? 
_reflns.pdbx_redundancy              3.6 
_reflns.R_free_details               ? 
_reflns.limit_h_max                  ? 
_reflns.limit_h_min                  ? 
_reflns.limit_k_max                  ? 
_reflns.limit_k_min                  ? 
_reflns.limit_l_max                  ? 
_reflns.limit_l_min                  ? 
_reflns.observed_criterion_F_max     ? 
_reflns.observed_criterion_F_min     ? 
_reflns.pdbx_chi_squared             ? 
_reflns.pdbx_scaling_rejects         ? 
_reflns.pdbx_ordinal                 1 
_reflns.pdbx_diffrn_id               1 
# 
_reflns_shell.d_res_high             1.70 
_reflns_shell.d_res_low              1.73 
_reflns_shell.percent_possible_all   96.7 
_reflns_shell.Rmerge_I_obs           0.275 
_reflns_shell.pdbx_Rsym_value        ? 
_reflns_shell.meanI_over_sigI_obs    ? 
_reflns_shell.pdbx_redundancy        3.4 
_reflns_shell.percent_possible_obs   ? 
_reflns_shell.number_unique_all      760 
_reflns_shell.number_measured_all    ? 
_reflns_shell.number_measured_obs    ? 
_reflns_shell.number_unique_obs      ? 
_reflns_shell.pdbx_chi_squared       ? 
_reflns_shell.pdbx_ordinal           1 
_reflns_shell.pdbx_diffrn_id         1 
# 
_refine.entry_id                                 4MJJ 
_refine.ls_number_reflns_obs                     9644 
_refine.ls_number_reflns_all                     9978 
_refine.pdbx_ls_sigma_I                          1 
_refine.pdbx_ls_sigma_F                          1 
_refine.pdbx_data_cutoff_high_absF               ? 
_refine.pdbx_data_cutoff_low_absF                ? 
_refine.pdbx_data_cutoff_high_rms_absF           ? 
_refine.ls_d_res_low                             21.215 
_refine.ls_d_res_high                            2.000 
_refine.ls_percent_reflns_obs                    96.65 
_refine.ls_R_factor_obs                          0.2233 
_refine.ls_R_factor_all                          ? 
_refine.ls_R_factor_R_work                       0.2184 
_refine.ls_R_factor_R_free                       0.2670 
_refine.ls_R_factor_R_free_error                 ? 
_refine.ls_R_factor_R_free_error_details         ? 
_refine.ls_percent_reflns_R_free                 9.95 
_refine.ls_number_reflns_R_free                  960 
_refine.ls_number_parameters                     ? 
_refine.ls_number_restraints                     ? 
_refine.occupancy_min                            ? 
_refine.occupancy_max                            ? 
_refine.correlation_coeff_Fo_to_Fc               ? 
_refine.correlation_coeff_Fo_to_Fc_free          ? 
_refine.B_iso_mean                               ? 
_refine.aniso_B[1][1]                            ? 
_refine.aniso_B[2][2]                            ? 
_refine.aniso_B[3][3]                            ? 
_refine.aniso_B[1][2]                            ? 
_refine.aniso_B[1][3]                            ? 
_refine.aniso_B[2][3]                            ? 
_refine.solvent_model_details                    'FLAT BULK SOLVENT MODEL' 
_refine.solvent_model_param_ksol                 ? 
_refine.solvent_model_param_bsol                 ? 
_refine.pdbx_solvent_vdw_probe_radii             1.11 
_refine.pdbx_solvent_ion_probe_radii             ? 
_refine.pdbx_solvent_shrinkage_radii             0.90 
_refine.pdbx_ls_cross_valid_method               ? 
_refine.details                                  ? 
_refine.pdbx_starting_model                      ? 
_refine.pdbx_method_to_determine_struct          'MOLECULAR REPLACEMENT' 
_refine.pdbx_isotropic_thermal_model             ? 
_refine.pdbx_stereochemistry_target_values       ML 
_refine.pdbx_stereochem_target_val_spec_case     ? 
_refine.pdbx_R_Free_selection_details            random 
_refine.pdbx_overall_ESU_R                       ? 
_refine.pdbx_overall_ESU_R_Free                  ? 
_refine.overall_SU_ML                            0.18 
_refine.pdbx_overall_phase_error                 30.39 
_refine.overall_SU_B                             ? 
_refine.overall_SU_R_Cruickshank_DPI             ? 
_refine.ls_redundancy_reflns_obs                 ? 
_refine.B_iso_min                                ? 
_refine.B_iso_max                                ? 
_refine.overall_SU_R_free                        ? 
_refine.ls_wR_factor_R_free                      ? 
_refine.ls_wR_factor_R_work                      ? 
_refine.overall_FOM_free_R_set                   ? 
_refine.overall_FOM_work_R_set                   ? 
_refine.pdbx_diffrn_id                           1 
_refine.pdbx_refine_id                           'X-RAY DIFFRACTION' 
_refine.pdbx_TLS_residual_ADP_flag               ? 
_refine.pdbx_overall_SU_R_free_Cruickshank_DPI   ? 
_refine.pdbx_overall_SU_R_Blow_DPI               ? 
_refine.pdbx_overall_SU_R_free_Blow_DPI          ? 
# 
_refine_hist.pdbx_refine_id                   'X-RAY DIFFRACTION' 
_refine_hist.cycle_id                         LAST 
_refine_hist.pdbx_number_atoms_protein        932 
_refine_hist.pdbx_number_atoms_nucleic_acid   0 
_refine_hist.pdbx_number_atoms_ligand         0 
_refine_hist.number_atoms_solvent             89 
_refine_hist.number_atoms_total               1021 
_refine_hist.d_res_high                       2.000 
_refine_hist.d_res_low                        21.215 
# 
loop_
_refine_ls_restr.type 
_refine_ls_restr.dev_ideal 
_refine_ls_restr.dev_ideal_target 
_refine_ls_restr.weight 
_refine_ls_restr.number 
_refine_ls_restr.pdbx_restraint_function 
_refine_ls_restr.pdbx_refine_id 
f_bond_d           0.008  ? ? 948  ? 'X-RAY DIFFRACTION' 
f_angle_d          1.172  ? ? 1276 ? 'X-RAY DIFFRACTION' 
f_dihedral_angle_d 15.718 ? ? 365  ? 'X-RAY DIFFRACTION' 
f_chiral_restr     0.083  ? ? 148  ? 'X-RAY DIFFRACTION' 
f_plane_restr      0.004  ? ? 161  ? 'X-RAY DIFFRACTION' 
# 
loop_
_refine_ls_shell.pdbx_total_number_of_bins_used 
_refine_ls_shell.d_res_high 
_refine_ls_shell.d_res_low 
_refine_ls_shell.number_reflns_R_work 
_refine_ls_shell.R_factor_R_work 
_refine_ls_shell.percent_reflns_obs 
_refine_ls_shell.R_factor_R_free 
_refine_ls_shell.R_factor_R_free_error 
_refine_ls_shell.percent_reflns_R_free 
_refine_ls_shell.number_reflns_R_free 
_refine_ls_shell.number_reflns_all 
_refine_ls_shell.R_factor_all 
_refine_ls_shell.number_reflns_obs 
_refine_ls_shell.redundancy_reflns_obs 
_refine_ls_shell.pdbx_refine_id 
. 2.0002 2.1056  1164 0.2362 92.00  0.2866 . . 132 . . . . 'X-RAY DIFFRACTION' 
. 2.1056 2.2374  1220 0.2343 96.00  0.3306 . . 138 . . . . 'X-RAY DIFFRACTION' 
. 2.2374 2.4099  1232 0.2341 96.00  0.2761 . . 131 . . . . 'X-RAY DIFFRACTION' 
. 2.4099 2.6520  1244 0.2172 97.00  0.2627 . . 137 . . . . 'X-RAY DIFFRACTION' 
. 2.6520 3.0348  1245 0.2319 98.00  0.2729 . . 136 . . . . 'X-RAY DIFFRACTION' 
. 3.0348 3.8199  1292 0.2091 100.00 0.2455 . . 143 . . . . 'X-RAY DIFFRACTION' 
. 3.8199 21.2165 1287 0.2102 97.00  0.2622 . . 143 . . . . 'X-RAY DIFFRACTION' 
# 
_struct.entry_id                  4MJJ 
_struct.title                     'Crystal structure of the C2A domain of DOC2A' 
_struct.pdbx_model_details        ? 
_struct.pdbx_CASP_flag            ? 
_struct.pdbx_model_type_details   ? 
# 
_struct_keywords.entry_id        4MJJ 
_struct_keywords.pdbx_keywords   'METAL BINDING PROTEIN' 
_struct_keywords.text            'C2 domain, DOC2A, calcium binding protein, METAL BINDING PROTEIN' 
# 
loop_
_struct_asym.id 
_struct_asym.pdbx_blank_PDB_chainid_flag 
_struct_asym.pdbx_modified 
_struct_asym.entity_id 
_struct_asym.details 
A N N 1 ? 
B N N 2 ? 
# 
_struct_ref.id                         1 
_struct_ref.db_name                    UNP 
_struct_ref.db_code                    DOC2A_HUMAN 
_struct_ref.pdbx_db_accession          Q14183 
_struct_ref.entity_id                  1 
_struct_ref.pdbx_seq_one_letter_code   
;SYDSDDATALGTLEFDLLYDRASCTLHCSILRAKGLKPMDFNGLADPYVKLHLLPGACKANKLKTKTQRNTLNPVWNEDL
TYSGITDDDITHKVLRIAVCDEDKLSHNEFIGEIRVPLRRLKPSQKKHFNICLERQV
;
_struct_ref.pdbx_align_begin           81 
_struct_ref.pdbx_db_isoform            ? 
# 
_struct_ref_seq.align_id                      1 
_struct_ref_seq.ref_id                        1 
_struct_ref_seq.pdbx_PDB_id_code              4MJJ 
_struct_ref_seq.pdbx_strand_id                A 
_struct_ref_seq.seq_align_beg                 2 
_struct_ref_seq.pdbx_seq_align_beg_ins_code   ? 
_struct_ref_seq.seq_align_end                 138 
_struct_ref_seq.pdbx_seq_align_end_ins_code   ? 
_struct_ref_seq.pdbx_db_accession             Q14183 
_struct_ref_seq.db_align_beg                  81 
_struct_ref_seq.pdbx_db_align_beg_ins_code    ? 
_struct_ref_seq.db_align_end                  217 
_struct_ref_seq.pdbx_db_align_end_ins_code    ? 
_struct_ref_seq.pdbx_auth_seq_align_beg       81 
_struct_ref_seq.pdbx_auth_seq_align_end       217 
# 
_struct_ref_seq_dif.align_id                     1 
_struct_ref_seq_dif.pdbx_pdb_id_code             4MJJ 
_struct_ref_seq_dif.mon_id                       GLY 
_struct_ref_seq_dif.pdbx_pdb_strand_id           A 
_struct_ref_seq_dif.seq_num                      1 
_struct_ref_seq_dif.pdbx_pdb_ins_code            ? 
_struct_ref_seq_dif.pdbx_seq_db_name             UNP 
_struct_ref_seq_dif.pdbx_seq_db_accession_code   Q14183 
_struct_ref_seq_dif.db_mon_id                    ? 
_struct_ref_seq_dif.pdbx_seq_db_seq_num          ? 
_struct_ref_seq_dif.details                      'expression tag' 
_struct_ref_seq_dif.pdbx_auth_seq_num            80 
_struct_ref_seq_dif.pdbx_ordinal                 1 
# 
loop_
_pdbx_struct_assembly.id 
_pdbx_struct_assembly.details 
_pdbx_struct_assembly.method_details 
_pdbx_struct_assembly.oligomeric_details 
_pdbx_struct_assembly.oligomeric_count 
1 author_defined_assembly   ?    monomeric 1 
2 software_defined_assembly PISA dimeric   2 
# 
loop_
_pdbx_struct_assembly_prop.biol_id 
_pdbx_struct_assembly_prop.type 
_pdbx_struct_assembly_prop.value 
_pdbx_struct_assembly_prop.details 
2 'ABSA (A^2)' 720   ? 
2 MORE         -11   ? 
2 'SSA (A^2)'  12820 ? 
# 
loop_
_pdbx_struct_assembly_gen.assembly_id 
_pdbx_struct_assembly_gen.oper_expression 
_pdbx_struct_assembly_gen.asym_id_list 
1 1   A,B 
2 1,2 A,B 
# 
loop_
_pdbx_struct_oper_list.id 
_pdbx_struct_oper_list.type 
_pdbx_struct_oper_list.name 
_pdbx_struct_oper_list.symmetry_operation 
_pdbx_struct_oper_list.matrix[1][1] 
_pdbx_struct_oper_list.matrix[1][2] 
_pdbx_struct_oper_list.matrix[1][3] 
_pdbx_struct_oper_list.vector[1] 
_pdbx_struct_oper_list.matrix[2][1] 
_pdbx_struct_oper_list.matrix[2][2] 
_pdbx_struct_oper_list.matrix[2][3] 
_pdbx_struct_oper_list.vector[2] 
_pdbx_struct_oper_list.matrix[3][1] 
_pdbx_struct_oper_list.matrix[3][2] 
_pdbx_struct_oper_list.matrix[3][3] 
_pdbx_struct_oper_list.vector[3] 
1 'identity operation'         1_555 x,y,z     1.0000000000  0.0000000000 0.0000000000  0.0000000000 0.0000000000 1.0000000000  0.0000000000  0.0000000000  0.0000000000  0.0000000000  1.0000000000  0.0000000000  
2 'crystal symmetry operation' 2_554 -x,y,-z-1 -0.7554724994 0.4507455773 -0.4754889350 5.3837954221 0.4507455773 -0.1691258656 -0.8764843787 23.3368739815 -0.4754889350 -0.8764843787 -0.0754016350 24.8911760133 
# 
_struct_biol.id        1 
_struct_biol.details   ? 
# 
loop_
_struct_conf.conf_type_id 
_struct_conf.id 
_struct_conf.pdbx_PDB_helix_id 
_struct_conf.beg_label_comp_id 
_struct_conf.beg_label_asym_id 
_struct_conf.beg_label_seq_id 
_struct_conf.pdbx_beg_PDB_ins_code 
_struct_conf.end_label_comp_id 
_struct_conf.end_label_asym_id 
_struct_conf.end_label_seq_id 
_struct_conf.pdbx_end_PDB_ins_code 
_struct_conf.beg_auth_comp_id 
_struct_conf.beg_auth_asym_id 
_struct_conf.beg_auth_seq_id 
_struct_conf.end_auth_comp_id 
_struct_conf.end_auth_asym_id 
_struct_conf.end_auth_seq_id 
_struct_conf.pdbx_PDB_helix_class 
_struct_conf.details 
_struct_conf.pdbx_PDB_helix_length 
HELX_P HELX_P1 1 CYS A 59  ? ALA A 61  ? CYS A 138 ALA A 140 5 ? 3 
HELX_P HELX_P2 2 THR A 87  ? LYS A 94  ? THR A 166 LYS A 173 1 ? 8 
HELX_P HELX_P3 3 ARG A 120 ? LEU A 122 ? ARG A 199 LEU A 201 5 ? 3 
# 
_struct_conf_type.id          HELX_P 
_struct_conf_type.criteria    ? 
_struct_conf_type.reference   ? 
# 
_struct_conn.id                            disulf1 
_struct_conn.conn_type_id                  disulf 
_struct_conn.pdbx_leaving_atom_flag        ? 
_struct_conn.pdbx_PDB_id                   ? 
_struct_conn.ptnr1_label_asym_id           A 
_struct_conn.ptnr1_label_comp_id           CYS 
_struct_conn.ptnr1_label_seq_id            25 
_struct_conn.ptnr1_label_atom_id           SG 
_struct_conn.pdbx_ptnr1_label_alt_id       ? 
_struct_conn.pdbx_ptnr1_PDB_ins_code       ? 
_struct_conn.pdbx_ptnr1_standard_comp_id   ? 
_struct_conn.ptnr1_symmetry                1_555 
_struct_conn.ptnr2_label_asym_id           A 
_struct_conn.ptnr2_label_comp_id           CYS 
_struct_conn.ptnr2_label_seq_id            59 
_struct_conn.ptnr2_label_atom_id           SG 
_struct_conn.pdbx_ptnr2_label_alt_id       ? 
_struct_conn.pdbx_ptnr2_PDB_ins_code       ? 
_struct_conn.ptnr1_auth_asym_id            A 
_struct_conn.ptnr1_auth_comp_id            CYS 
_struct_conn.ptnr1_auth_seq_id             104 
_struct_conn.ptnr2_auth_asym_id            A 
_struct_conn.ptnr2_auth_comp_id            CYS 
_struct_conn.ptnr2_auth_seq_id             138 
_struct_conn.ptnr2_symmetry                2_554 
_struct_conn.pdbx_ptnr3_label_atom_id      ? 
_struct_conn.pdbx_ptnr3_label_seq_id       ? 
_struct_conn.pdbx_ptnr3_label_comp_id      ? 
_struct_conn.pdbx_ptnr3_label_asym_id      ? 
_struct_conn.pdbx_ptnr3_label_alt_id       ? 
_struct_conn.pdbx_ptnr3_PDB_ins_code       ? 
_struct_conn.details                       ? 
_struct_conn.pdbx_dist_value               2.040 
_struct_conn.pdbx_value_order              ? 
_struct_conn.pdbx_role                     ? 
# 
_struct_conn_type.id          disulf 
_struct_conn_type.criteria    ? 
_struct_conn_type.reference   ? 
# 
_pdbx_modification_feature.ordinal                            1 
_pdbx_modification_feature.label_comp_id                      CYS 
_pdbx_modification_feature.label_asym_id                      A 
_pdbx_modification_feature.label_seq_id                       25 
_pdbx_modification_feature.label_alt_id                       ? 
_pdbx_modification_feature.modified_residue_label_comp_id     CYS 
_pdbx_modification_feature.modified_residue_label_asym_id     A 
_pdbx_modification_feature.modified_residue_label_seq_id      59 
_pdbx_modification_feature.modified_residue_label_alt_id      ? 
_pdbx_modification_feature.auth_comp_id                       CYS 
_pdbx_modification_feature.auth_asym_id                       A 
_pdbx_modification_feature.auth_seq_id                        104 
_pdbx_modification_feature.PDB_ins_code                       ? 
_pdbx_modification_feature.symmetry                           1_555 
_pdbx_modification_feature.modified_residue_auth_comp_id      CYS 
_pdbx_modification_feature.modified_residue_auth_asym_id      A 
_pdbx_modification_feature.modified_residue_auth_seq_id       138 
_pdbx_modification_feature.modified_residue_PDB_ins_code      ? 
_pdbx_modification_feature.modified_residue_symmetry          2_554 
_pdbx_modification_feature.comp_id_linking_atom               SG 
_pdbx_modification_feature.modified_residue_id_linking_atom   SG 
_pdbx_modification_feature.modified_residue_id                . 
_pdbx_modification_feature.ref_pcm_id                         . 
_pdbx_modification_feature.ref_comp_id                        . 
_pdbx_modification_feature.type                               None 
_pdbx_modification_feature.category                           'Disulfide bridge' 
# 
_struct_mon_prot_cis.pdbx_id                1 
_struct_mon_prot_cis.label_comp_id          LEU 
_struct_mon_prot_cis.label_seq_id           55 
_struct_mon_prot_cis.label_asym_id          A 
_struct_mon_prot_cis.label_alt_id           . 
_struct_mon_prot_cis.pdbx_PDB_ins_code      ? 
_struct_mon_prot_cis.auth_comp_id           LEU 
_struct_mon_prot_cis.auth_seq_id            134 
_struct_mon_prot_cis.auth_asym_id           A 
_struct_mon_prot_cis.pdbx_label_comp_id_2   PRO 
_struct_mon_prot_cis.pdbx_label_seq_id_2    56 
_struct_mon_prot_cis.pdbx_label_asym_id_2   A 
_struct_mon_prot_cis.pdbx_PDB_ins_code_2    ? 
_struct_mon_prot_cis.pdbx_auth_comp_id_2    PRO 
_struct_mon_prot_cis.pdbx_auth_seq_id_2     135 
_struct_mon_prot_cis.pdbx_auth_asym_id_2    A 
_struct_mon_prot_cis.pdbx_PDB_model_num     1 
_struct_mon_prot_cis.pdbx_omega_angle       10.23 
# 
loop_
_struct_sheet.id 
_struct_sheet.type 
_struct_sheet.number_strands 
_struct_sheet.details 
A ? 4 ? 
B ? 4 ? 
# 
loop_
_struct_sheet_order.sheet_id 
_struct_sheet_order.range_id_1 
_struct_sheet_order.range_id_2 
_struct_sheet_order.offset 
_struct_sheet_order.sense 
A 1 2 ? anti-parallel 
A 2 3 ? anti-parallel 
A 3 4 ? anti-parallel 
B 1 2 ? anti-parallel 
B 2 3 ? anti-parallel 
B 3 4 ? anti-parallel 
# 
loop_
_struct_sheet_range.sheet_id 
_struct_sheet_range.id 
_struct_sheet_range.beg_label_comp_id 
_struct_sheet_range.beg_label_asym_id 
_struct_sheet_range.beg_label_seq_id 
_struct_sheet_range.pdbx_beg_PDB_ins_code 
_struct_sheet_range.end_label_comp_id 
_struct_sheet_range.end_label_asym_id 
_struct_sheet_range.end_label_seq_id 
_struct_sheet_range.pdbx_end_PDB_ins_code 
_struct_sheet_range.beg_auth_comp_id 
_struct_sheet_range.beg_auth_asym_id 
_struct_sheet_range.beg_auth_seq_id 
_struct_sheet_range.end_auth_comp_id 
_struct_sheet_range.end_auth_asym_id 
_struct_sheet_range.end_auth_seq_id 
A 1 VAL A 76  ? TYR A 83  ? VAL A 155 TYR A 162 
A 2 THR A 26  ? LYS A 35  ? THR A 105 LYS A 114 
A 3 THR A 13  ? ASP A 21  ? THR A 92  ASP A 100 
A 4 LYS A 128 ? CYS A 133 ? LYS A 207 CYS A 212 
B 1 LYS A 63  ? LYS A 65  ? LYS A 142 LYS A 144 
B 2 PRO A 48  ? LEU A 55  ? PRO A 127 LEU A 134 
B 3 VAL A 95  ? ASP A 102 ? VAL A 174 ASP A 181 
B 4 PHE A 111 ? PRO A 118 ? PHE A 190 PRO A 197 
# 
loop_
_pdbx_struct_sheet_hbond.sheet_id 
_pdbx_struct_sheet_hbond.range_id_1 
_pdbx_struct_sheet_hbond.range_id_2 
_pdbx_struct_sheet_hbond.range_1_label_atom_id 
_pdbx_struct_sheet_hbond.range_1_label_comp_id 
_pdbx_struct_sheet_hbond.range_1_label_asym_id 
_pdbx_struct_sheet_hbond.range_1_label_seq_id 
_pdbx_struct_sheet_hbond.range_1_PDB_ins_code 
_pdbx_struct_sheet_hbond.range_1_auth_atom_id 
_pdbx_struct_sheet_hbond.range_1_auth_comp_id 
_pdbx_struct_sheet_hbond.range_1_auth_asym_id 
_pdbx_struct_sheet_hbond.range_1_auth_seq_id 
_pdbx_struct_sheet_hbond.range_2_label_atom_id 
_pdbx_struct_sheet_hbond.range_2_label_comp_id 
_pdbx_struct_sheet_hbond.range_2_label_asym_id 
_pdbx_struct_sheet_hbond.range_2_label_seq_id 
_pdbx_struct_sheet_hbond.range_2_PDB_ins_code 
_pdbx_struct_sheet_hbond.range_2_auth_atom_id 
_pdbx_struct_sheet_hbond.range_2_auth_comp_id 
_pdbx_struct_sheet_hbond.range_2_auth_asym_id 
_pdbx_struct_sheet_hbond.range_2_auth_seq_id 
A 1 2 O GLU A 79  ? O GLU A 158 N ILE A 31  ? N ILE A 110 
A 2 3 O HIS A 28  ? O HIS A 107 N LEU A 19  ? N LEU A 98  
A 3 4 N PHE A 16  ? N PHE A 95  O PHE A 130 ? O PHE A 209 
B 1 2 O LEU A 64  ? O LEU A 143 N LEU A 52  ? N LEU A 131 
B 2 3 N LEU A 55  ? N LEU A 134 O VAL A 95  ? O VAL A 174 
B 3 4 N VAL A 100 ? N VAL A 179 O GLY A 113 ? O GLY A 192 
# 
_pdbx_entry_details.entry_id                   4MJJ 
_pdbx_entry_details.compound_details           ? 
_pdbx_entry_details.source_details             ? 
_pdbx_entry_details.nonpolymer_details         ? 
_pdbx_entry_details.sequence_details           ? 
_pdbx_entry_details.has_ligand_of_interest     ? 
_pdbx_entry_details.has_protein_modification   Y 
# 
loop_
_pdbx_validate_close_contact.id 
_pdbx_validate_close_contact.PDB_model_num 
_pdbx_validate_close_contact.auth_atom_id_1 
_pdbx_validate_close_contact.auth_asym_id_1 
_pdbx_validate_close_contact.auth_comp_id_1 
_pdbx_validate_close_contact.auth_seq_id_1 
_pdbx_validate_close_contact.PDB_ins_code_1 
_pdbx_validate_close_contact.label_alt_id_1 
_pdbx_validate_close_contact.auth_atom_id_2 
_pdbx_validate_close_contact.auth_asym_id_2 
_pdbx_validate_close_contact.auth_comp_id_2 
_pdbx_validate_close_contact.auth_seq_id_2 
_pdbx_validate_close_contact.PDB_ins_code_2 
_pdbx_validate_close_contact.label_alt_id_2 
_pdbx_validate_close_contact.dist 
1 1 O   A HOH 383 ? ? O A HOH 384 ? ? 1.86 
2 1 O   A HOH 365 ? ? O A HOH 371 ? ? 1.93 
3 1 O   A HOH 311 ? ? O A HOH 353 ? ? 1.94 
4 1 O   A HOH 354 ? ? O A HOH 376 ? ? 1.95 
5 1 O   A HOH 359 ? ? O A HOH 361 ? ? 2.02 
6 1 O   A HOH 370 ? ? O A HOH 382 ? ? 2.04 
7 1 OE2 A GLU 158 ? ? O A HOH 347 ? ? 2.08 
8 1 O   A HOH 367 ? ? O A HOH 370 ? ? 2.12 
9 1 N   A ASP 126 ? ? O A HOH 376 ? ? 2.19 
# 
_pdbx_validate_symm_contact.id                1 
_pdbx_validate_symm_contact.PDB_model_num     1 
_pdbx_validate_symm_contact.auth_atom_id_1    O 
_pdbx_validate_symm_contact.auth_asym_id_1    A 
_pdbx_validate_symm_contact.auth_comp_id_1    HOH 
_pdbx_validate_symm_contact.auth_seq_id_1     353 
_pdbx_validate_symm_contact.PDB_ins_code_1    ? 
_pdbx_validate_symm_contact.label_alt_id_1    ? 
_pdbx_validate_symm_contact.site_symmetry_1   1_555 
_pdbx_validate_symm_contact.auth_atom_id_2    O 
_pdbx_validate_symm_contact.auth_asym_id_2    A 
_pdbx_validate_symm_contact.auth_comp_id_2    HOH 
_pdbx_validate_symm_contact.auth_seq_id_2     354 
_pdbx_validate_symm_contact.PDB_ins_code_2    ? 
_pdbx_validate_symm_contact.label_alt_id_2    ? 
_pdbx_validate_symm_contact.site_symmetry_2   3_555 
_pdbx_validate_symm_contact.dist              2.17 
# 
_pdbx_validate_torsion.id              1 
_pdbx_validate_torsion.PDB_model_num   1 
_pdbx_validate_torsion.auth_comp_id    LEU 
_pdbx_validate_torsion.auth_asym_id    A 
_pdbx_validate_torsion.auth_seq_id     111 
_pdbx_validate_torsion.PDB_ins_code    ? 
_pdbx_validate_torsion.label_alt_id    ? 
_pdbx_validate_torsion.phi             -91.85 
_pdbx_validate_torsion.psi             -68.73 
# 
loop_
_pdbx_struct_special_symmetry.id 
_pdbx_struct_special_symmetry.PDB_model_num 
_pdbx_struct_special_symmetry.auth_asym_id 
_pdbx_struct_special_symmetry.auth_comp_id 
_pdbx_struct_special_symmetry.auth_seq_id 
_pdbx_struct_special_symmetry.PDB_ins_code 
_pdbx_struct_special_symmetry.label_asym_id 
_pdbx_struct_special_symmetry.label_comp_id 
_pdbx_struct_special_symmetry.label_seq_id 
1 1 A HOH 301 ? B HOH . 
2 1 A HOH 346 ? B HOH . 
3 1 A HOH 350 ? B HOH . 
4 1 A HOH 388 ? B HOH . 
# 
loop_
_pdbx_unobs_or_zero_occ_residues.id 
_pdbx_unobs_or_zero_occ_residues.PDB_model_num 
_pdbx_unobs_or_zero_occ_residues.polymer_flag 
_pdbx_unobs_or_zero_occ_residues.occupancy_flag 
_pdbx_unobs_or_zero_occ_residues.auth_asym_id 
_pdbx_unobs_or_zero_occ_residues.auth_comp_id 
_pdbx_unobs_or_zero_occ_residues.auth_seq_id 
_pdbx_unobs_or_zero_occ_residues.PDB_ins_code 
_pdbx_unobs_or_zero_occ_residues.label_asym_id 
_pdbx_unobs_or_zero_occ_residues.label_comp_id 
_pdbx_unobs_or_zero_occ_residues.label_seq_id 
1  1 Y 1 A GLY 80  ? A GLY 1   
2  1 Y 1 A SER 81  ? A SER 2   
3  1 Y 1 A TYR 82  ? A TYR 3   
4  1 Y 1 A ASP 83  ? A ASP 4   
5  1 Y 1 A SER 84  ? A SER 5   
6  1 Y 1 A ASP 85  ? A ASP 6   
7  1 Y 1 A ASP 86  ? A ASP 7   
8  1 Y 1 A ALA 87  ? A ALA 8   
9  1 Y 1 A THR 88  ? A THR 9   
10 1 Y 1 A MET 119 ? A MET 40  
11 1 Y 1 A ASP 120 ? A ASP 41  
12 1 Y 1 A PHE 121 ? A PHE 42  
13 1 Y 1 A ASN 122 ? A ASN 43  
14 1 Y 1 A GLY 123 ? A GLY 44  
15 1 Y 1 A LEU 124 ? A LEU 45  
16 1 Y 1 A ALA 125 ? A ALA 46  
17 1 Y 1 A LYS 184 ? A LYS 105 
18 1 Y 1 A LEU 185 ? A LEU 106 
19 1 Y 1 A SER 186 ? A SER 107 
20 1 Y 1 A HIS 187 ? A HIS 108 
21 1 Y 1 A ASN 188 ? A ASN 109 
22 1 Y 1 A VAL 217 ? A VAL 138 
# 
loop_
_chem_comp_atom.comp_id 
_chem_comp_atom.atom_id 
_chem_comp_atom.type_symbol 
_chem_comp_atom.pdbx_aromatic_flag 
_chem_comp_atom.pdbx_stereo_config 
_chem_comp_atom.pdbx_ordinal 
ALA N    N N N 1   
ALA CA   C N S 2   
ALA C    C N N 3   
ALA O    O N N 4   
ALA CB   C N N 5   
ALA OXT  O N N 6   
ALA H    H N N 7   
ALA H2   H N N 8   
ALA HA   H N N 9   
ALA HB1  H N N 10  
ALA HB2  H N N 11  
ALA HB3  H N N 12  
ALA HXT  H N N 13  
ARG N    N N N 14  
ARG CA   C N S 15  
ARG C    C N N 16  
ARG O    O N N 17  
ARG CB   C N N 18  
ARG CG   C N N 19  
ARG CD   C N N 20  
ARG NE   N N N 21  
ARG CZ   C N N 22  
ARG NH1  N N N 23  
ARG NH2  N N N 24  
ARG OXT  O N N 25  
ARG H    H N N 26  
ARG H2   H N N 27  
ARG HA   H N N 28  
ARG HB2  H N N 29  
ARG HB3  H N N 30  
ARG HG2  H N N 31  
ARG HG3  H N N 32  
ARG HD2  H N N 33  
ARG HD3  H N N 34  
ARG HE   H N N 35  
ARG HH11 H N N 36  
ARG HH12 H N N 37  
ARG HH21 H N N 38  
ARG HH22 H N N 39  
ARG HXT  H N N 40  
ASN N    N N N 41  
ASN CA   C N S 42  
ASN C    C N N 43  
ASN O    O N N 44  
ASN CB   C N N 45  
ASN CG   C N N 46  
ASN OD1  O N N 47  
ASN ND2  N N N 48  
ASN OXT  O N N 49  
ASN H    H N N 50  
ASN H2   H N N 51  
ASN HA   H N N 52  
ASN HB2  H N N 53  
ASN HB3  H N N 54  
ASN HD21 H N N 55  
ASN HD22 H N N 56  
ASN HXT  H N N 57  
ASP N    N N N 58  
ASP CA   C N S 59  
ASP C    C N N 60  
ASP O    O N N 61  
ASP CB   C N N 62  
ASP CG   C N N 63  
ASP OD1  O N N 64  
ASP OD2  O N N 65  
ASP OXT  O N N 66  
ASP H    H N N 67  
ASP H2   H N N 68  
ASP HA   H N N 69  
ASP HB2  H N N 70  
ASP HB3  H N N 71  
ASP HD2  H N N 72  
ASP HXT  H N N 73  
CYS N    N N N 74  
CYS CA   C N R 75  
CYS C    C N N 76  
CYS O    O N N 77  
CYS CB   C N N 78  
CYS SG   S N N 79  
CYS OXT  O N N 80  
CYS H    H N N 81  
CYS H2   H N N 82  
CYS HA   H N N 83  
CYS HB2  H N N 84  
CYS HB3  H N N 85  
CYS HG   H N N 86  
CYS HXT  H N N 87  
GLN N    N N N 88  
GLN CA   C N S 89  
GLN C    C N N 90  
GLN O    O N N 91  
GLN CB   C N N 92  
GLN CG   C N N 93  
GLN CD   C N N 94  
GLN OE1  O N N 95  
GLN NE2  N N N 96  
GLN OXT  O N N 97  
GLN H    H N N 98  
GLN H2   H N N 99  
GLN HA   H N N 100 
GLN HB2  H N N 101 
GLN HB3  H N N 102 
GLN HG2  H N N 103 
GLN HG3  H N N 104 
GLN HE21 H N N 105 
GLN HE22 H N N 106 
GLN HXT  H N N 107 
GLU N    N N N 108 
GLU CA   C N S 109 
GLU C    C N N 110 
GLU O    O N N 111 
GLU CB   C N N 112 
GLU CG   C N N 113 
GLU CD   C N N 114 
GLU OE1  O N N 115 
GLU OE2  O N N 116 
GLU OXT  O N N 117 
GLU H    H N N 118 
GLU H2   H N N 119 
GLU HA   H N N 120 
GLU HB2  H N N 121 
GLU HB3  H N N 122 
GLU HG2  H N N 123 
GLU HG3  H N N 124 
GLU HE2  H N N 125 
GLU HXT  H N N 126 
GLY N    N N N 127 
GLY CA   C N N 128 
GLY C    C N N 129 
GLY O    O N N 130 
GLY OXT  O N N 131 
GLY H    H N N 132 
GLY H2   H N N 133 
GLY HA2  H N N 134 
GLY HA3  H N N 135 
GLY HXT  H N N 136 
HIS N    N N N 137 
HIS CA   C N S 138 
HIS C    C N N 139 
HIS O    O N N 140 
HIS CB   C N N 141 
HIS CG   C Y N 142 
HIS ND1  N Y N 143 
HIS CD2  C Y N 144 
HIS CE1  C Y N 145 
HIS NE2  N Y N 146 
HIS OXT  O N N 147 
HIS H    H N N 148 
HIS H2   H N N 149 
HIS HA   H N N 150 
HIS HB2  H N N 151 
HIS HB3  H N N 152 
HIS HD1  H N N 153 
HIS HD2  H N N 154 
HIS HE1  H N N 155 
HIS HE2  H N N 156 
HIS HXT  H N N 157 
HOH O    O N N 158 
HOH H1   H N N 159 
HOH H2   H N N 160 
ILE N    N N N 161 
ILE CA   C N S 162 
ILE C    C N N 163 
ILE O    O N N 164 
ILE CB   C N S 165 
ILE CG1  C N N 166 
ILE CG2  C N N 167 
ILE CD1  C N N 168 
ILE OXT  O N N 169 
ILE H    H N N 170 
ILE H2   H N N 171 
ILE HA   H N N 172 
ILE HB   H N N 173 
ILE HG12 H N N 174 
ILE HG13 H N N 175 
ILE HG21 H N N 176 
ILE HG22 H N N 177 
ILE HG23 H N N 178 
ILE HD11 H N N 179 
ILE HD12 H N N 180 
ILE HD13 H N N 181 
ILE HXT  H N N 182 
LEU N    N N N 183 
LEU CA   C N S 184 
LEU C    C N N 185 
LEU O    O N N 186 
LEU CB   C N N 187 
LEU CG   C N N 188 
LEU CD1  C N N 189 
LEU CD2  C N N 190 
LEU OXT  O N N 191 
LEU H    H N N 192 
LEU H2   H N N 193 
LEU HA   H N N 194 
LEU HB2  H N N 195 
LEU HB3  H N N 196 
LEU HG   H N N 197 
LEU HD11 H N N 198 
LEU HD12 H N N 199 
LEU HD13 H N N 200 
LEU HD21 H N N 201 
LEU HD22 H N N 202 
LEU HD23 H N N 203 
LEU HXT  H N N 204 
LYS N    N N N 205 
LYS CA   C N S 206 
LYS C    C N N 207 
LYS O    O N N 208 
LYS CB   C N N 209 
LYS CG   C N N 210 
LYS CD   C N N 211 
LYS CE   C N N 212 
LYS NZ   N N N 213 
LYS OXT  O N N 214 
LYS H    H N N 215 
LYS H2   H N N 216 
LYS HA   H N N 217 
LYS HB2  H N N 218 
LYS HB3  H N N 219 
LYS HG2  H N N 220 
LYS HG3  H N N 221 
LYS HD2  H N N 222 
LYS HD3  H N N 223 
LYS HE2  H N N 224 
LYS HE3  H N N 225 
LYS HZ1  H N N 226 
LYS HZ2  H N N 227 
LYS HZ3  H N N 228 
LYS HXT  H N N 229 
MET N    N N N 230 
MET CA   C N S 231 
MET C    C N N 232 
MET O    O N N 233 
MET CB   C N N 234 
MET CG   C N N 235 
MET SD   S N N 236 
MET CE   C N N 237 
MET OXT  O N N 238 
MET H    H N N 239 
MET H2   H N N 240 
MET HA   H N N 241 
MET HB2  H N N 242 
MET HB3  H N N 243 
MET HG2  H N N 244 
MET HG3  H N N 245 
MET HE1  H N N 246 
MET HE2  H N N 247 
MET HE3  H N N 248 
MET HXT  H N N 249 
PHE N    N N N 250 
PHE CA   C N S 251 
PHE C    C N N 252 
PHE O    O N N 253 
PHE CB   C N N 254 
PHE CG   C Y N 255 
PHE CD1  C Y N 256 
PHE CD2  C Y N 257 
PHE CE1  C Y N 258 
PHE CE2  C Y N 259 
PHE CZ   C Y N 260 
PHE OXT  O N N 261 
PHE H    H N N 262 
PHE H2   H N N 263 
PHE HA   H N N 264 
PHE HB2  H N N 265 
PHE HB3  H N N 266 
PHE HD1  H N N 267 
PHE HD2  H N N 268 
PHE HE1  H N N 269 
PHE HE2  H N N 270 
PHE HZ   H N N 271 
PHE HXT  H N N 272 
PRO N    N N N 273 
PRO CA   C N S 274 
PRO C    C N N 275 
PRO O    O N N 276 
PRO CB   C N N 277 
PRO CG   C N N 278 
PRO CD   C N N 279 
PRO OXT  O N N 280 
PRO H    H N N 281 
PRO HA   H N N 282 
PRO HB2  H N N 283 
PRO HB3  H N N 284 
PRO HG2  H N N 285 
PRO HG3  H N N 286 
PRO HD2  H N N 287 
PRO HD3  H N N 288 
PRO HXT  H N N 289 
SER N    N N N 290 
SER CA   C N S 291 
SER C    C N N 292 
SER O    O N N 293 
SER CB   C N N 294 
SER OG   O N N 295 
SER OXT  O N N 296 
SER H    H N N 297 
SER H2   H N N 298 
SER HA   H N N 299 
SER HB2  H N N 300 
SER HB3  H N N 301 
SER HG   H N N 302 
SER HXT  H N N 303 
THR N    N N N 304 
THR CA   C N S 305 
THR C    C N N 306 
THR O    O N N 307 
THR CB   C N R 308 
THR OG1  O N N 309 
THR CG2  C N N 310 
THR OXT  O N N 311 
THR H    H N N 312 
THR H2   H N N 313 
THR HA   H N N 314 
THR HB   H N N 315 
THR HG1  H N N 316 
THR HG21 H N N 317 
THR HG22 H N N 318 
THR HG23 H N N 319 
THR HXT  H N N 320 
TRP N    N N N 321 
TRP CA   C N S 322 
TRP C    C N N 323 
TRP O    O N N 324 
TRP CB   C N N 325 
TRP CG   C Y N 326 
TRP CD1  C Y N 327 
TRP CD2  C Y N 328 
TRP NE1  N Y N 329 
TRP CE2  C Y N 330 
TRP CE3  C Y N 331 
TRP CZ2  C Y N 332 
TRP CZ3  C Y N 333 
TRP CH2  C Y N 334 
TRP OXT  O N N 335 
TRP H    H N N 336 
TRP H2   H N N 337 
TRP HA   H N N 338 
TRP HB2  H N N 339 
TRP HB3  H N N 340 
TRP HD1  H N N 341 
TRP HE1  H N N 342 
TRP HE3  H N N 343 
TRP HZ2  H N N 344 
TRP HZ3  H N N 345 
TRP HH2  H N N 346 
TRP HXT  H N N 347 
TYR N    N N N 348 
TYR CA   C N S 349 
TYR C    C N N 350 
TYR O    O N N 351 
TYR CB   C N N 352 
TYR CG   C Y N 353 
TYR CD1  C Y N 354 
TYR CD2  C Y N 355 
TYR CE1  C Y N 356 
TYR CE2  C Y N 357 
TYR CZ   C Y N 358 
TYR OH   O N N 359 
TYR OXT  O N N 360 
TYR H    H N N 361 
TYR H2   H N N 362 
TYR HA   H N N 363 
TYR HB2  H N N 364 
TYR HB3  H N N 365 
TYR HD1  H N N 366 
TYR HD2  H N N 367 
TYR HE1  H N N 368 
TYR HE2  H N N 369 
TYR HH   H N N 370 
TYR HXT  H N N 371 
VAL N    N N N 372 
VAL CA   C N S 373 
VAL C    C N N 374 
VAL O    O N N 375 
VAL CB   C N N 376 
VAL CG1  C N N 377 
VAL CG2  C N N 378 
VAL OXT  O N N 379 
VAL H    H N N 380 
VAL H2   H N N 381 
VAL HA   H N N 382 
VAL HB   H N N 383 
VAL HG11 H N N 384 
VAL HG12 H N N 385 
VAL HG13 H N N 386 
VAL HG21 H N N 387 
VAL HG22 H N N 388 
VAL HG23 H N N 389 
VAL HXT  H N N 390 
# 
loop_
_chem_comp_bond.comp_id 
_chem_comp_bond.atom_id_1 
_chem_comp_bond.atom_id_2 
_chem_comp_bond.value_order 
_chem_comp_bond.pdbx_aromatic_flag 
_chem_comp_bond.pdbx_stereo_config 
_chem_comp_bond.pdbx_ordinal 
ALA N   CA   sing N N 1   
ALA N   H    sing N N 2   
ALA N   H2   sing N N 3   
ALA CA  C    sing N N 4   
ALA CA  CB   sing N N 5   
ALA CA  HA   sing N N 6   
ALA C   O    doub N N 7   
ALA C   OXT  sing N N 8   
ALA CB  HB1  sing N N 9   
ALA CB  HB2  sing N N 10  
ALA CB  HB3  sing N N 11  
ALA OXT HXT  sing N N 12  
ARG N   CA   sing N N 13  
ARG N   H    sing N N 14  
ARG N   H2   sing N N 15  
ARG CA  C    sing N N 16  
ARG CA  CB   sing N N 17  
ARG CA  HA   sing N N 18  
ARG C   O    doub N N 19  
ARG C   OXT  sing N N 20  
ARG CB  CG   sing N N 21  
ARG CB  HB2  sing N N 22  
ARG CB  HB3  sing N N 23  
ARG CG  CD   sing N N 24  
ARG CG  HG2  sing N N 25  
ARG CG  HG3  sing N N 26  
ARG CD  NE   sing N N 27  
ARG CD  HD2  sing N N 28  
ARG CD  HD3  sing N N 29  
ARG NE  CZ   sing N N 30  
ARG NE  HE   sing N N 31  
ARG CZ  NH1  sing N N 32  
ARG CZ  NH2  doub N N 33  
ARG NH1 HH11 sing N N 34  
ARG NH1 HH12 sing N N 35  
ARG NH2 HH21 sing N N 36  
ARG NH2 HH22 sing N N 37  
ARG OXT HXT  sing N N 38  
ASN N   CA   sing N N 39  
ASN N   H    sing N N 40  
ASN N   H2   sing N N 41  
ASN CA  C    sing N N 42  
ASN CA  CB   sing N N 43  
ASN CA  HA   sing N N 44  
ASN C   O    doub N N 45  
ASN C   OXT  sing N N 46  
ASN CB  CG   sing N N 47  
ASN CB  HB2  sing N N 48  
ASN CB  HB3  sing N N 49  
ASN CG  OD1  doub N N 50  
ASN CG  ND2  sing N N 51  
ASN ND2 HD21 sing N N 52  
ASN ND2 HD22 sing N N 53  
ASN OXT HXT  sing N N 54  
ASP N   CA   sing N N 55  
ASP N   H    sing N N 56  
ASP N   H2   sing N N 57  
ASP CA  C    sing N N 58  
ASP CA  CB   sing N N 59  
ASP CA  HA   sing N N 60  
ASP C   O    doub N N 61  
ASP C   OXT  sing N N 62  
ASP CB  CG   sing N N 63  
ASP CB  HB2  sing N N 64  
ASP CB  HB3  sing N N 65  
ASP CG  OD1  doub N N 66  
ASP CG  OD2  sing N N 67  
ASP OD2 HD2  sing N N 68  
ASP OXT HXT  sing N N 69  
CYS N   CA   sing N N 70  
CYS N   H    sing N N 71  
CYS N   H2   sing N N 72  
CYS CA  C    sing N N 73  
CYS CA  CB   sing N N 74  
CYS CA  HA   sing N N 75  
CYS C   O    doub N N 76  
CYS C   OXT  sing N N 77  
CYS CB  SG   sing N N 78  
CYS CB  HB2  sing N N 79  
CYS CB  HB3  sing N N 80  
CYS SG  HG   sing N N 81  
CYS OXT HXT  sing N N 82  
GLN N   CA   sing N N 83  
GLN N   H    sing N N 84  
GLN N   H2   sing N N 85  
GLN CA  C    sing N N 86  
GLN CA  CB   sing N N 87  
GLN CA  HA   sing N N 88  
GLN C   O    doub N N 89  
GLN C   OXT  sing N N 90  
GLN CB  CG   sing N N 91  
GLN CB  HB2  sing N N 92  
GLN CB  HB3  sing N N 93  
GLN CG  CD   sing N N 94  
GLN CG  HG2  sing N N 95  
GLN CG  HG3  sing N N 96  
GLN CD  OE1  doub N N 97  
GLN CD  NE2  sing N N 98  
GLN NE2 HE21 sing N N 99  
GLN NE2 HE22 sing N N 100 
GLN OXT HXT  sing N N 101 
GLU N   CA   sing N N 102 
GLU N   H    sing N N 103 
GLU N   H2   sing N N 104 
GLU CA  C    sing N N 105 
GLU CA  CB   sing N N 106 
GLU CA  HA   sing N N 107 
GLU C   O    doub N N 108 
GLU C   OXT  sing N N 109 
GLU CB  CG   sing N N 110 
GLU CB  HB2  sing N N 111 
GLU CB  HB3  sing N N 112 
GLU CG  CD   sing N N 113 
GLU CG  HG2  sing N N 114 
GLU CG  HG3  sing N N 115 
GLU CD  OE1  doub N N 116 
GLU CD  OE2  sing N N 117 
GLU OE2 HE2  sing N N 118 
GLU OXT HXT  sing N N 119 
GLY N   CA   sing N N 120 
GLY N   H    sing N N 121 
GLY N   H2   sing N N 122 
GLY CA  C    sing N N 123 
GLY CA  HA2  sing N N 124 
GLY CA  HA3  sing N N 125 
GLY C   O    doub N N 126 
GLY C   OXT  sing N N 127 
GLY OXT HXT  sing N N 128 
HIS N   CA   sing N N 129 
HIS N   H    sing N N 130 
HIS N   H2   sing N N 131 
HIS CA  C    sing N N 132 
HIS CA  CB   sing N N 133 
HIS CA  HA   sing N N 134 
HIS C   O    doub N N 135 
HIS C   OXT  sing N N 136 
HIS CB  CG   sing N N 137 
HIS CB  HB2  sing N N 138 
HIS CB  HB3  sing N N 139 
HIS CG  ND1  sing Y N 140 
HIS CG  CD2  doub Y N 141 
HIS ND1 CE1  doub Y N 142 
HIS ND1 HD1  sing N N 143 
HIS CD2 NE2  sing Y N 144 
HIS CD2 HD2  sing N N 145 
HIS CE1 NE2  sing Y N 146 
HIS CE1 HE1  sing N N 147 
HIS NE2 HE2  sing N N 148 
HIS OXT HXT  sing N N 149 
HOH O   H1   sing N N 150 
HOH O   H2   sing N N 151 
ILE N   CA   sing N N 152 
ILE N   H    sing N N 153 
ILE N   H2   sing N N 154 
ILE CA  C    sing N N 155 
ILE CA  CB   sing N N 156 
ILE CA  HA   sing N N 157 
ILE C   O    doub N N 158 
ILE C   OXT  sing N N 159 
ILE CB  CG1  sing N N 160 
ILE CB  CG2  sing N N 161 
ILE CB  HB   sing N N 162 
ILE CG1 CD1  sing N N 163 
ILE CG1 HG12 sing N N 164 
ILE CG1 HG13 sing N N 165 
ILE CG2 HG21 sing N N 166 
ILE CG2 HG22 sing N N 167 
ILE CG2 HG23 sing N N 168 
ILE CD1 HD11 sing N N 169 
ILE CD1 HD12 sing N N 170 
ILE CD1 HD13 sing N N 171 
ILE OXT HXT  sing N N 172 
LEU N   CA   sing N N 173 
LEU N   H    sing N N 174 
LEU N   H2   sing N N 175 
LEU CA  C    sing N N 176 
LEU CA  CB   sing N N 177 
LEU CA  HA   sing N N 178 
LEU C   O    doub N N 179 
LEU C   OXT  sing N N 180 
LEU CB  CG   sing N N 181 
LEU CB  HB2  sing N N 182 
LEU CB  HB3  sing N N 183 
LEU CG  CD1  sing N N 184 
LEU CG  CD2  sing N N 185 
LEU CG  HG   sing N N 186 
LEU CD1 HD11 sing N N 187 
LEU CD1 HD12 sing N N 188 
LEU CD1 HD13 sing N N 189 
LEU CD2 HD21 sing N N 190 
LEU CD2 HD22 sing N N 191 
LEU CD2 HD23 sing N N 192 
LEU OXT HXT  sing N N 193 
LYS N   CA   sing N N 194 
LYS N   H    sing N N 195 
LYS N   H2   sing N N 196 
LYS CA  C    sing N N 197 
LYS CA  CB   sing N N 198 
LYS CA  HA   sing N N 199 
LYS C   O    doub N N 200 
LYS C   OXT  sing N N 201 
LYS CB  CG   sing N N 202 
LYS CB  HB2  sing N N 203 
LYS CB  HB3  sing N N 204 
LYS CG  CD   sing N N 205 
LYS CG  HG2  sing N N 206 
LYS CG  HG3  sing N N 207 
LYS CD  CE   sing N N 208 
LYS CD  HD2  sing N N 209 
LYS CD  HD3  sing N N 210 
LYS CE  NZ   sing N N 211 
LYS CE  HE2  sing N N 212 
LYS CE  HE3  sing N N 213 
LYS NZ  HZ1  sing N N 214 
LYS NZ  HZ2  sing N N 215 
LYS NZ  HZ3  sing N N 216 
LYS OXT HXT  sing N N 217 
MET N   CA   sing N N 218 
MET N   H    sing N N 219 
MET N   H2   sing N N 220 
MET CA  C    sing N N 221 
MET CA  CB   sing N N 222 
MET CA  HA   sing N N 223 
MET C   O    doub N N 224 
MET C   OXT  sing N N 225 
MET CB  CG   sing N N 226 
MET CB  HB2  sing N N 227 
MET CB  HB3  sing N N 228 
MET CG  SD   sing N N 229 
MET CG  HG2  sing N N 230 
MET CG  HG3  sing N N 231 
MET SD  CE   sing N N 232 
MET CE  HE1  sing N N 233 
MET CE  HE2  sing N N 234 
MET CE  HE3  sing N N 235 
MET OXT HXT  sing N N 236 
PHE N   CA   sing N N 237 
PHE N   H    sing N N 238 
PHE N   H2   sing N N 239 
PHE CA  C    sing N N 240 
PHE CA  CB   sing N N 241 
PHE CA  HA   sing N N 242 
PHE C   O    doub N N 243 
PHE C   OXT  sing N N 244 
PHE CB  CG   sing N N 245 
PHE CB  HB2  sing N N 246 
PHE CB  HB3  sing N N 247 
PHE CG  CD1  doub Y N 248 
PHE CG  CD2  sing Y N 249 
PHE CD1 CE1  sing Y N 250 
PHE CD1 HD1  sing N N 251 
PHE CD2 CE2  doub Y N 252 
PHE CD2 HD2  sing N N 253 
PHE CE1 CZ   doub Y N 254 
PHE CE1 HE1  sing N N 255 
PHE CE2 CZ   sing Y N 256 
PHE CE2 HE2  sing N N 257 
PHE CZ  HZ   sing N N 258 
PHE OXT HXT  sing N N 259 
PRO N   CA   sing N N 260 
PRO N   CD   sing N N 261 
PRO N   H    sing N N 262 
PRO CA  C    sing N N 263 
PRO CA  CB   sing N N 264 
PRO CA  HA   sing N N 265 
PRO C   O    doub N N 266 
PRO C   OXT  sing N N 267 
PRO CB  CG   sing N N 268 
PRO CB  HB2  sing N N 269 
PRO CB  HB3  sing N N 270 
PRO CG  CD   sing N N 271 
PRO CG  HG2  sing N N 272 
PRO CG  HG3  sing N N 273 
PRO CD  HD2  sing N N 274 
PRO CD  HD3  sing N N 275 
PRO OXT HXT  sing N N 276 
SER N   CA   sing N N 277 
SER N   H    sing N N 278 
SER N   H2   sing N N 279 
SER CA  C    sing N N 280 
SER CA  CB   sing N N 281 
SER CA  HA   sing N N 282 
SER C   O    doub N N 283 
SER C   OXT  sing N N 284 
SER CB  OG   sing N N 285 
SER CB  HB2  sing N N 286 
SER CB  HB3  sing N N 287 
SER OG  HG   sing N N 288 
SER OXT HXT  sing N N 289 
THR N   CA   sing N N 290 
THR N   H    sing N N 291 
THR N   H2   sing N N 292 
THR CA  C    sing N N 293 
THR CA  CB   sing N N 294 
THR CA  HA   sing N N 295 
THR C   O    doub N N 296 
THR C   OXT  sing N N 297 
THR CB  OG1  sing N N 298 
THR CB  CG2  sing N N 299 
THR CB  HB   sing N N 300 
THR OG1 HG1  sing N N 301 
THR CG2 HG21 sing N N 302 
THR CG2 HG22 sing N N 303 
THR CG2 HG23 sing N N 304 
THR OXT HXT  sing N N 305 
TRP N   CA   sing N N 306 
TRP N   H    sing N N 307 
TRP N   H2   sing N N 308 
TRP CA  C    sing N N 309 
TRP CA  CB   sing N N 310 
TRP CA  HA   sing N N 311 
TRP C   O    doub N N 312 
TRP C   OXT  sing N N 313 
TRP CB  CG   sing N N 314 
TRP CB  HB2  sing N N 315 
TRP CB  HB3  sing N N 316 
TRP CG  CD1  doub Y N 317 
TRP CG  CD2  sing Y N 318 
TRP CD1 NE1  sing Y N 319 
TRP CD1 HD1  sing N N 320 
TRP CD2 CE2  doub Y N 321 
TRP CD2 CE3  sing Y N 322 
TRP NE1 CE2  sing Y N 323 
TRP NE1 HE1  sing N N 324 
TRP CE2 CZ2  sing Y N 325 
TRP CE3 CZ3  doub Y N 326 
TRP CE3 HE3  sing N N 327 
TRP CZ2 CH2  doub Y N 328 
TRP CZ2 HZ2  sing N N 329 
TRP CZ3 CH2  sing Y N 330 
TRP CZ3 HZ3  sing N N 331 
TRP CH2 HH2  sing N N 332 
TRP OXT HXT  sing N N 333 
TYR N   CA   sing N N 334 
TYR N   H    sing N N 335 
TYR N   H2   sing N N 336 
TYR CA  C    sing N N 337 
TYR CA  CB   sing N N 338 
TYR CA  HA   sing N N 339 
TYR C   O    doub N N 340 
TYR C   OXT  sing N N 341 
TYR CB  CG   sing N N 342 
TYR CB  HB2  sing N N 343 
TYR CB  HB3  sing N N 344 
TYR CG  CD1  doub Y N 345 
TYR CG  CD2  sing Y N 346 
TYR CD1 CE1  sing Y N 347 
TYR CD1 HD1  sing N N 348 
TYR CD2 CE2  doub Y N 349 
TYR CD2 HD2  sing N N 350 
TYR CE1 CZ   doub Y N 351 
TYR CE1 HE1  sing N N 352 
TYR CE2 CZ   sing Y N 353 
TYR CE2 HE2  sing N N 354 
TYR CZ  OH   sing N N 355 
TYR OH  HH   sing N N 356 
TYR OXT HXT  sing N N 357 
VAL N   CA   sing N N 358 
VAL N   H    sing N N 359 
VAL N   H2   sing N N 360 
VAL CA  C    sing N N 361 
VAL CA  CB   sing N N 362 
VAL CA  HA   sing N N 363 
VAL C   O    doub N N 364 
VAL C   OXT  sing N N 365 
VAL CB  CG1  sing N N 366 
VAL CB  CG2  sing N N 367 
VAL CB  HB   sing N N 368 
VAL CG1 HG11 sing N N 369 
VAL CG1 HG12 sing N N 370 
VAL CG1 HG13 sing N N 371 
VAL CG2 HG21 sing N N 372 
VAL CG2 HG22 sing N N 373 
VAL CG2 HG23 sing N N 374 
VAL OXT HXT  sing N N 375 
# 
_atom_sites.entry_id                    4MJJ 
_atom_sites.fract_transf_matrix[1][1]   -0.01242014 
_atom_sites.fract_transf_matrix[1][2]   0.00737659 
_atom_sites.fract_transf_matrix[1][3]   0.00060548 
_atom_sites.fract_transf_matrix[2][1]   0.01057519 
_atom_sites.fract_transf_matrix[2][2]   0.01949359 
_atom_sites.fract_transf_matrix[2][3]   -0.02056368 
_atom_sites.fract_transf_matrix[3][1]   -0.01514432 
_atom_sites.fract_transf_matrix[3][2]   -0.00342135 
_atom_sites.fract_transf_matrix[3][3]   -0.01103151 
_atom_sites.fract_transf_vector[1]      -0.060190 
_atom_sites.fract_transf_vector[2]      0.238172 
_atom_sites.fract_transf_vector[3]      -0.282022 
# 
loop_
_atom_type.symbol 
C 
N 
O 
S 
# 
loop_
_atom_site.group_PDB 
_atom_site.id 
_atom_site.type_symbol 
_atom_site.label_atom_id 
_atom_site.label_alt_id 
_atom_site.label_comp_id 
_atom_site.label_asym_id 
_atom_site.label_entity_id 
_atom_site.label_seq_id 
_atom_site.pdbx_PDB_ins_code 
_atom_site.Cartn_x 
_atom_site.Cartn_y 
_atom_site.Cartn_z 
_atom_site.occupancy 
_atom_site.B_iso_or_equiv 
_atom_site.pdbx_formal_charge 
_atom_site.auth_seq_id 
_atom_site.auth_comp_id 
_atom_site.auth_asym_id 
_atom_site.auth_atom_id 
_atom_site.pdbx_PDB_model_num 
ATOM   1    N N   . ALA A 1 10  ? 4.089   -8.841  -16.786 1.00 58.15 ? 89  ALA A N   1 
ATOM   2    C CA  . ALA A 1 10  ? 5.338   -8.512  -16.110 1.00 56.00 ? 89  ALA A CA  1 
ATOM   3    C C   . ALA A 1 10  ? 5.416   -9.158  -14.728 1.00 57.96 ? 89  ALA A C   1 
ATOM   4    O O   . ALA A 1 10  ? 5.536   -10.379 -14.623 1.00 55.52 ? 89  ALA A O   1 
ATOM   5    C CB  . ALA A 1 10  ? 5.517   -7.008  -16.016 1.00 57.85 ? 89  ALA A CB  1 
ATOM   6    N N   . LEU A 1 11  ? 5.336   -8.340  -13.677 1.00 52.88 ? 90  LEU A N   1 
ATOM   7    C CA  . LEU A 1 11  ? 5.531   -8.810  -12.306 1.00 49.25 ? 90  LEU A CA  1 
ATOM   8    C C   . LEU A 1 11  ? 4.213   -9.091  -11.578 1.00 51.10 ? 90  LEU A C   1 
ATOM   9    O O   . LEU A 1 11  ? 4.222   -9.537  -10.426 1.00 51.88 ? 90  LEU A O   1 
ATOM   10   C CB  . LEU A 1 11  ? 6.342   -7.787  -11.496 1.00 49.87 ? 90  LEU A CB  1 
ATOM   11   C CG  . LEU A 1 11  ? 7.657   -7.239  -12.064 1.00 51.90 ? 90  LEU A CG  1 
ATOM   12   C CD1 . LEU A 1 11  ? 8.314   -6.310  -11.078 1.00 52.67 ? 90  LEU A CD1 1 
ATOM   13   C CD2 . LEU A 1 11  ? 8.622   -8.351  -12.441 1.00 50.78 ? 90  LEU A CD2 1 
ATOM   14   N N   . GLY A 1 12  ? 3.089   -8.833  -12.242 1.00 45.68 ? 91  GLY A N   1 
ATOM   15   C CA  . GLY A 1 12  ? 1.781   -8.989  -11.619 1.00 46.51 ? 91  GLY A CA  1 
ATOM   16   C C   . GLY A 1 12  ? 1.129   -7.656  -11.270 1.00 40.56 ? 91  GLY A C   1 
ATOM   17   O O   . GLY A 1 12  ? 1.742   -6.599  -11.441 1.00 41.08 ? 91  GLY A O   1 
ATOM   18   N N   . THR A 1 13  ? -0.108  -7.700  -10.777 1.00 39.39 ? 92  THR A N   1 
ATOM   19   C CA  . THR A 1 13  ? -0.845  -6.478  -10.455 1.00 43.16 ? 92  THR A CA  1 
ATOM   20   C C   . THR A 1 13  ? -1.358  -6.447  -9.023  1.00 40.53 ? 92  THR A C   1 
ATOM   21   O O   . THR A 1 13  ? -1.680  -7.481  -8.450  1.00 41.40 ? 92  THR A O   1 
ATOM   22   C CB  . THR A 1 13  ? -2.049  -6.285  -11.391 1.00 44.20 ? 92  THR A CB  1 
ATOM   23   O OG1 . THR A 1 13  ? -2.884  -7.449  -11.345 1.00 46.29 ? 92  THR A OG1 1 
ATOM   24   C CG2 . THR A 1 13  ? -1.588  -6.054  -12.814 1.00 43.56 ? 92  THR A CG2 1 
ATOM   25   N N   . LEU A 1 14  ? -1.451  -5.249  -8.456  1.00 38.78 ? 93  LEU A N   1 
ATOM   26   C CA  . LEU A 1 14  ? -1.943  -5.075  -7.101  1.00 36.29 ? 93  LEU A CA  1 
ATOM   27   C C   . LEU A 1 14  ? -3.207  -4.208  -7.049  1.00 35.55 ? 93  LEU A C   1 
ATOM   28   O O   . LEU A 1 14  ? -3.261  -3.113  -7.626  1.00 36.91 ? 93  LEU A O   1 
ATOM   29   C CB  . LEU A 1 14  ? -0.846  -4.459  -6.224  1.00 33.39 ? 93  LEU A CB  1 
ATOM   30   C CG  . LEU A 1 14  ? -1.167  -4.321  -4.739  1.00 35.89 ? 93  LEU A CG  1 
ATOM   31   C CD1 . LEU A 1 14  ? -1.178  -5.698  -4.094  1.00 37.09 ? 93  LEU A CD1 1 
ATOM   32   C CD2 . LEU A 1 14  ? -0.131  -3.423  -4.059  1.00 35.62 ? 93  LEU A CD2 1 
ATOM   33   N N   . GLU A 1 15  ? -4.217  -4.710  -6.345  1.00 34.87 ? 94  GLU A N   1 
ATOM   34   C CA  . GLU A 1 15  ? -5.456  -3.975  -6.114  1.00 36.94 ? 94  GLU A CA  1 
ATOM   35   C C   . GLU A 1 15  ? -5.579  -3.526  -4.663  1.00 35.74 ? 94  GLU A C   1 
ATOM   36   O O   . GLU A 1 15  ? -5.522  -4.354  -3.725  1.00 34.95 ? 94  GLU A O   1 
ATOM   37   C CB  . GLU A 1 15  ? -6.693  -4.814  -6.483  1.00 41.34 ? 94  GLU A CB  1 
ATOM   38   C CG  . GLU A 1 15  ? -6.656  -5.440  -7.858  1.00 40.97 ? 94  GLU A CG  1 
ATOM   39   C CD  . GLU A 1 15  ? -8.000  -6.015  -8.266  1.00 47.13 ? 94  GLU A CD  1 
ATOM   40   O OE1 . GLU A 1 15  ? -8.148  -6.372  -9.451  1.00 51.95 ? 94  GLU A OE1 1 
ATOM   41   O OE2 . GLU A 1 15  ? -8.911  -6.100  -7.409  1.00 46.18 ? 94  GLU A OE2 1 
ATOM   42   N N   . PHE A 1 16  ? -5.802  -2.219  -4.503  1.00 35.79 ? 95  PHE A N   1 
ATOM   43   C CA  . PHE A 1 16  ? -5.948  -1.606  -3.183  1.00 34.61 ? 95  PHE A CA  1 
ATOM   44   C C   . PHE A 1 16  ? -6.739  -0.299  -3.257  1.00 36.55 ? 95  PHE A C   1 
ATOM   45   O O   . PHE A 1 16  ? -6.825  0.307   -4.316  1.00 36.91 ? 95  PHE A O   1 
ATOM   46   C CB  . PHE A 1 16  ? -4.572  -1.344  -2.558  1.00 33.82 ? 95  PHE A CB  1 
ATOM   47   C CG  . PHE A 1 16  ? -3.732  -0.377  -3.331  1.00 34.64 ? 95  PHE A CG  1 
ATOM   48   C CD1 . PHE A 1 16  ? -3.725  0.968   -3.010  1.00 33.96 ? 95  PHE A CD1 1 
ATOM   49   C CD2 . PHE A 1 16  ? -2.942  -0.814  -4.383  1.00 34.64 ? 95  PHE A CD2 1 
ATOM   50   C CE1 . PHE A 1 16  ? -2.951  1.863   -3.731  1.00 31.35 ? 95  PHE A CE1 1 
ATOM   51   C CE2 . PHE A 1 16  ? -2.168  0.078   -5.104  1.00 34.11 ? 95  PHE A CE2 1 
ATOM   52   C CZ  . PHE A 1 16  ? -2.175  1.419   -4.773  1.00 38.83 ? 95  PHE A CZ  1 
ATOM   53   N N   . ASP A 1 17  ? -7.316  0.127   -2.137  1.00 31.82 ? 96  ASP A N   1 
ATOM   54   C CA  . ASP A 1 17  ? -7.999  1.417   -2.080  1.00 33.48 ? 96  ASP A CA  1 
ATOM   55   C C   . ASP A 1 17  ? -7.294  2.338   -1.086  1.00 31.51 ? 96  ASP A C   1 
ATOM   56   O O   . ASP A 1 17  ? -6.774  1.869   -0.083  1.00 34.28 ? 96  ASP A O   1 
ATOM   57   C CB  . ASP A 1 17  ? -9.442  1.239   -1.616  1.00 33.53 ? 96  ASP A CB  1 
ATOM   58   C CG  . ASP A 1 17  ? -10.260 0.404   -2.561  1.00 39.86 ? 96  ASP A CG  1 
ATOM   59   O OD1 . ASP A 1 17  ? -9.949  0.402   -3.762  1.00 38.72 ? 96  ASP A OD1 1 
ATOM   60   O OD2 . ASP A 1 17  ? -11.216 -0.251  -2.103  1.00 37.87 ? 96  ASP A OD2 1 
ATOM   61   N N   . LEU A 1 18  ? -7.286  3.639   -1.367  1.00 31.71 ? 97  LEU A N   1 
ATOM   62   C CA  . LEU A 1 18  ? -6.806  4.622   -0.398  1.00 33.94 ? 97  LEU A CA  1 
ATOM   63   C C   . LEU A 1 18  ? -7.907  5.636   -0.112  1.00 36.61 ? 97  LEU A C   1 
ATOM   64   O O   . LEU A 1 18  ? -8.542  6.150   -1.033  1.00 34.95 ? 97  LEU A O   1 
ATOM   65   C CB  . LEU A 1 18  ? -5.562  5.335   -0.918  1.00 30.61 ? 97  LEU A CB  1 
ATOM   66   C CG  . LEU A 1 18  ? -4.388  4.411   -1.239  1.00 33.75 ? 97  LEU A CG  1 
ATOM   67   C CD1 . LEU A 1 18  ? -3.219  5.207   -1.791  1.00 33.66 ? 97  LEU A CD1 1 
ATOM   68   C CD2 . LEU A 1 18  ? -3.958  3.643   0.003   1.00 33.03 ? 97  LEU A CD2 1 
ATOM   69   N N   . LEU A 1 19  ? -8.137  5.928   1.161   1.00 34.53 ? 98  LEU A N   1 
ATOM   70   C CA  . LEU A 1 19  ? -9.112  6.946   1.526   1.00 34.26 ? 98  LEU A CA  1 
ATOM   71   C C   . LEU A 1 19  ? -8.500  7.870   2.565   1.00 33.76 ? 98  LEU A C   1 
ATOM   72   O O   . LEU A 1 19  ? -8.007  7.411   3.597   1.00 35.37 ? 98  LEU A O   1 
ATOM   73   C CB  . LEU A 1 19  ? -10.375 6.298   2.080   1.00 33.02 ? 98  LEU A CB  1 
ATOM   74   C CG  . LEU A 1 19  ? -11.345 7.261   2.777   1.00 40.64 ? 98  LEU A CG  1 
ATOM   75   C CD1 . LEU A 1 19  ? -11.890 8.281   1.784   1.00 37.02 ? 98  LEU A CD1 1 
ATOM   76   C CD2 . LEU A 1 19  ? -12.477 6.483   3.415   1.00 44.94 ? 98  LEU A CD2 1 
ATOM   77   N N   . TYR A 1 20  ? -8.517  9.171   2.298   1.00 33.50 ? 99  TYR A N   1 
ATOM   78   C CA  . TYR A 1 20  ? -8.027  10.135  3.285   1.00 32.69 ? 99  TYR A CA  1 
ATOM   79   C C   . TYR A 1 20  ? -9.223  10.761  3.987   1.00 37.96 ? 99  TYR A C   1 
ATOM   80   O O   . TYR A 1 20  ? -10.047 11.426  3.339   1.00 35.30 ? 99  TYR A O   1 
ATOM   81   C CB  . TYR A 1 20  ? -7.160  11.201  2.603   1.00 33.62 ? 99  TYR A CB  1 
ATOM   82   C CG  . TYR A 1 20  ? -6.852  12.428  3.449   1.00 34.86 ? 99  TYR A CG  1 
ATOM   83   C CD1 . TYR A 1 20  ? -6.338  12.308  4.726   1.00 33.58 ? 99  TYR A CD1 1 
ATOM   84   C CD2 . TYR A 1 20  ? -7.041  13.703  2.945   1.00 39.97 ? 99  TYR A CD2 1 
ATOM   85   C CE1 . TYR A 1 20  ? -6.038  13.429  5.492   1.00 39.94 ? 99  TYR A CE1 1 
ATOM   86   C CE2 . TYR A 1 20  ? -6.749  14.834  3.704   1.00 36.58 ? 99  TYR A CE2 1 
ATOM   87   C CZ  . TYR A 1 20  ? -6.254  14.687  4.974   1.00 40.94 ? 99  TYR A CZ  1 
ATOM   88   O OH  . TYR A 1 20  ? -5.950  15.790  5.731   1.00 40.20 ? 99  TYR A OH  1 
ATOM   89   N N   . ASP A 1 21  ? -9.352  10.527  5.293   1.00 35.54 ? 100 ASP A N   1 
ATOM   90   C CA  . ASP A 1 21  ? -10.429 11.159  6.055   1.00 37.52 ? 100 ASP A CA  1 
ATOM   91   C C   . ASP A 1 21  ? -9.860  12.383  6.771   1.00 38.85 ? 100 ASP A C   1 
ATOM   92   O O   . ASP A 1 21  ? -9.144  12.237  7.766   1.00 33.04 ? 100 ASP A O   1 
ATOM   93   C CB  . ASP A 1 21  ? -11.038 10.191  7.075   1.00 34.85 ? 100 ASP A CB  1 
ATOM   94   C CG  . ASP A 1 21  ? -12.253 10.781  7.783   1.00 40.54 ? 100 ASP A CG  1 
ATOM   95   O OD1 . ASP A 1 21  ? -13.398 10.478  7.385   1.00 46.23 ? 100 ASP A OD1 1 
ATOM   96   O OD2 . ASP A 1 21  ? -12.076 11.575  8.730   1.00 41.54 ? 100 ASP A OD2 1 
ATOM   97   N N   . ARG A 1 22  ? -10.175 13.578  6.268   1.00 35.32 ? 101 ARG A N   1 
ATOM   98   C CA  . ARG A 1 22  ? -9.518  14.800  6.736   1.00 36.16 ? 101 ARG A CA  1 
ATOM   99   C C   . ARG A 1 22  ? -9.778  15.117  8.203   1.00 35.88 ? 101 ARG A C   1 
ATOM   100  O O   . ARG A 1 22  ? -8.850  15.448  8.935   1.00 35.52 ? 101 ARG A O   1 
ATOM   101  C CB  . ARG A 1 22  ? -9.880  16.008  5.853   1.00 41.86 ? 101 ARG A CB  1 
ATOM   102  C CG  . ARG A 1 22  ? -9.072  17.287  6.153   1.00 39.55 ? 101 ARG A CG  1 
ATOM   103  C CD  . ARG A 1 22  ? -9.358  18.380  5.122   1.00 41.50 ? 101 ARG A CD  1 
ATOM   104  N NE  . ARG A 1 22  ? -8.590  19.618  5.319   1.00 43.09 ? 101 ARG A NE  1 
ATOM   105  C CZ  . ARG A 1 22  ? -8.931  20.568  6.183   1.00 42.95 ? 101 ARG A CZ  1 
ATOM   106  N NH1 . ARG A 1 22  ? -9.997  20.400  6.947   1.00 41.68 ? 101 ARG A NH1 1 
ATOM   107  N NH2 . ARG A 1 22  ? -8.207  21.672  6.293   1.00 40.98 ? 101 ARG A NH2 1 
ATOM   108  N N   . ALA A 1 23  ? -11.035 15.009  8.629   1.00 39.64 ? 102 ALA A N   1 
ATOM   109  C CA  . ALA A 1 23  ? -11.406 15.348  10.006  1.00 37.55 ? 102 ALA A CA  1 
ATOM   110  C C   . ALA A 1 23  ? -10.682 14.509  11.055  1.00 42.86 ? 102 ALA A C   1 
ATOM   111  O O   . ALA A 1 23  ? -10.271 15.036  12.086  1.00 42.37 ? 102 ALA A O   1 
ATOM   112  C CB  . ALA A 1 23  ? -12.908 15.245  10.193  1.00 43.02 ? 102 ALA A CB  1 
ATOM   113  N N   . SER A 1 24  ? -10.526 13.209  10.800  1.00 35.36 ? 103 SER A N   1 
ATOM   114  C CA  . SER A 1 24  ? -9.895  12.328  11.778  1.00 38.21 ? 103 SER A CA  1 
ATOM   115  C C   . SER A 1 24  ? -8.410  12.166  11.496  1.00 31.54 ? 103 SER A C   1 
ATOM   116  O O   . SER A 1 24  ? -7.717  11.421  12.197  1.00 33.73 ? 103 SER A O   1 
ATOM   117  C CB  . SER A 1 24  ? -10.563 10.955  11.780  1.00 42.65 ? 103 SER A CB  1 
ATOM   118  O OG  . SER A 1 24  ? -10.116 10.168  10.687  1.00 35.50 ? 103 SER A OG  1 
ATOM   119  N N   . CYS A 1 25  ? -7.929  12.895  10.486  1.00 31.18 ? 104 CYS A N   1 
ATOM   120  C CA  . CYS A 1 25  ? -6.527  12.839  10.047  1.00 32.81 ? 104 CYS A CA  1 
ATOM   121  C C   . CYS A 1 25  ? -6.024  11.405  9.882   1.00 31.60 ? 104 CYS A C   1 
ATOM   122  O O   . CYS A 1 25  ? -4.962  11.040  10.389  1.00 31.12 ? 104 CYS A O   1 
ATOM   123  C CB  . CYS A 1 25  ? -5.621  13.631  11.003  1.00 32.87 ? 104 CYS A CB  1 
ATOM   124  S SG  . CYS A 1 25  ? -6.111  15.395  11.101  1.00 32.51 ? 104 CYS A SG  1 
ATOM   125  N N   . THR A 1 26  ? -6.778  10.603  9.141   1.00 31.58 ? 105 THR A N   1 
ATOM   126  C CA  . THR A 1 26  ? -6.441  9.202   8.983   1.00 33.72 ? 105 THR A CA  1 
ATOM   127  C C   . THR A 1 26  ? -6.342  8.826   7.509   1.00 32.97 ? 105 THR A C   1 
ATOM   128  O O   . THR A 1 26  ? -7.153  9.271   6.695   1.00 33.79 ? 105 THR A O   1 
ATOM   129  C CB  . THR A 1 26  ? -7.450  8.291   9.730   1.00 36.16 ? 105 THR A CB  1 
ATOM   130  O OG1 . THR A 1 26  ? -8.786  8.652   9.372   1.00 43.06 ? 105 THR A OG1 1 
ATOM   131  C CG2 . THR A 1 26  ? -7.304  8.438   11.227  1.00 35.95 ? 105 THR A CG2 1 
ATOM   132  N N   . LEU A 1 27  ? -5.333  8.032   7.157   1.00 33.47 ? 106 LEU A N   1 
ATOM   133  C CA  . LEU A 1 27  ? -5.243  7.470   5.804   1.00 30.88 ? 106 LEU A CA  1 
ATOM   134  C C   . LEU A 1 27  ? -5.547  5.981   5.864   1.00 34.51 ? 106 LEU A C   1 
ATOM   135  O O   . LEU A 1 27  ? -4.830  5.216   6.508   1.00 32.84 ? 106 LEU A O   1 
ATOM   136  C CB  . LEU A 1 27  ? -3.855  7.704   5.197   1.00 32.34 ? 106 LEU A CB  1 
ATOM   137  C CG  . LEU A 1 27  ? -3.566  7.034   3.849   1.00 33.48 ? 106 LEU A CG  1 
ATOM   138  C CD1 . LEU A 1 27  ? -4.463  7.607   2.765   1.00 31.43 ? 106 LEU A CD1 1 
ATOM   139  C CD2 . LEU A 1 27  ? -2.079  7.181   3.464   1.00 34.74 ? 106 LEU A CD2 1 
ATOM   140  N N   . HIS A 1 28  ? -6.633  5.585   5.204   1.00 36.27 ? 107 HIS A N   1 
ATOM   141  C CA  . HIS A 1 28  ? -7.083  4.197   5.209   1.00 37.10 ? 107 HIS A CA  1 
ATOM   142  C C   . HIS A 1 28  ? -6.631  3.500   3.936   1.00 34.46 ? 107 HIS A C   1 
ATOM   143  O O   . HIS A 1 28  ? -7.045  3.855   2.833   1.00 36.69 ? 107 HIS A O   1 
ATOM   144  C CB  . HIS A 1 28  ? -8.606  4.114   5.283   1.00 37.81 ? 107 HIS A CB  1 
ATOM   145  C CG  . HIS A 1 28  ? -9.192  4.689   6.530   1.00 36.96 ? 107 HIS A CG  1 
ATOM   146  N ND1 . HIS A 1 28  ? -9.375  3.947   7.678   1.00 37.46 ? 107 HIS A ND1 1 
ATOM   147  C CD2 . HIS A 1 28  ? -9.667  5.929   6.804   1.00 37.36 ? 107 HIS A CD2 1 
ATOM   148  C CE1 . HIS A 1 28  ? -9.925  4.708   8.608   1.00 41.56 ? 107 HIS A CE1 1 
ATOM   149  N NE2 . HIS A 1 28  ? -10.110 5.916   8.104   1.00 35.10 ? 107 HIS A NE2 1 
ATOM   150  N N   . CYS A 1 29  ? -5.799  2.485   4.098   1.00 33.80 ? 108 CYS A N   1 
ATOM   151  C CA  . CYS A 1 29  ? -5.269  1.738   2.969   1.00 33.70 ? 108 CYS A CA  1 
ATOM   152  C C   . CYS A 1 29  ? -5.887  0.350   2.999   1.00 35.56 ? 108 CYS A C   1 
ATOM   153  O O   . CYS A 1 29  ? -5.617  -0.429  3.900   1.00 36.99 ? 108 CYS A O   1 
ATOM   154  C CB  . CYS A 1 29  ? -3.749  1.635   3.075   1.00 36.01 ? 108 CYS A CB  1 
ATOM   155  S SG  . CYS A 1 29  ? -2.922  3.177   3.549   1.00 39.80 ? 108 CYS A SG  1 
ATOM   156  N N   . SER A 1 30  ? -6.747  0.052   2.038   1.00 33.91 ? 109 SER A N   1 
ATOM   157  C CA  . SER A 1 30  ? -7.326  -1.284  1.943   1.00 36.72 ? 109 SER A CA  1 
ATOM   158  C C   . SER A 1 30  ? -6.482  -2.085  0.978   1.00 34.15 ? 109 SER A C   1 
ATOM   159  O O   . SER A 1 30  ? -6.457  -1.783  -0.211  1.00 34.68 ? 109 SER A O   1 
ATOM   160  C CB  . SER A 1 30  ? -8.764  -1.217  1.431   1.00 35.35 ? 109 SER A CB  1 
ATOM   161  O OG  . SER A 1 30  ? -9.587  -0.486  2.322   1.00 44.19 ? 109 SER A OG  1 
ATOM   162  N N   . ILE A 1 31  ? -5.777  -3.090  1.480   1.00 34.06 ? 110 ILE A N   1 
ATOM   163  C CA  . ILE A 1 31  ? -4.962  -3.917  0.609   1.00 31.15 ? 110 ILE A CA  1 
ATOM   164  C C   . ILE A 1 31  ? -5.812  -5.114  0.208   1.00 29.10 ? 110 ILE A C   1 
ATOM   165  O O   . ILE A 1 31  ? -6.110  -5.976  1.035   1.00 31.74 ? 110 ILE A O   1 
ATOM   166  C CB  . ILE A 1 31  ? -3.689  -4.380  1.309   1.00 34.70 ? 110 ILE A CB  1 
ATOM   167  C CG1 . ILE A 1 31  ? -2.943  -3.177  1.898   1.00 31.89 ? 110 ILE A CG1 1 
ATOM   168  C CG2 . ILE A 1 31  ? -2.790  -5.143  0.331   1.00 31.30 ? 110 ILE A CG2 1 
ATOM   169  C CD1 . ILE A 1 31  ? -2.645  -2.075  0.889   1.00 30.30 ? 110 ILE A CD1 1 
ATOM   170  N N   . LEU A 1 32  ? -6.222  -5.158  -1.050  1.00 28.56 ? 111 LEU A N   1 
ATOM   171  C CA  . LEU A 1 32  ? -7.232  -6.120  -1.449  1.00 32.09 ? 111 LEU A CA  1 
ATOM   172  C C   . LEU A 1 32  ? -6.584  -7.403  -1.936  1.00 34.44 ? 111 LEU A C   1 
ATOM   173  O O   . LEU A 1 32  ? -6.648  -8.433  -1.250  1.00 35.71 ? 111 LEU A O   1 
ATOM   174  C CB  . LEU A 1 32  ? -8.168  -5.512  -2.489  1.00 34.33 ? 111 LEU A CB  1 
ATOM   175  C CG  . LEU A 1 32  ? -8.856  -4.253  -1.951  1.00 34.33 ? 111 LEU A CG  1 
ATOM   176  C CD1 . LEU A 1 32  ? -9.546  -3.508  -3.071  1.00 35.58 ? 111 LEU A CD1 1 
ATOM   177  C CD2 . LEU A 1 32  ? -9.852  -4.606  -0.864  1.00 33.61 ? 111 LEU A CD2 1 
ATOM   178  N N   . ARG A 1 33  ? -5.912  -7.355  -3.082  1.00 31.83 ? 112 ARG A N   1 
ATOM   179  C CA  . ARG A 1 33  ? -5.337  -8.612  -3.581  1.00 34.85 ? 112 ARG A CA  1 
ATOM   180  C C   . ARG A 1 33  ? -4.319  -8.367  -4.654  1.00 34.14 ? 112 ARG A C   1 
ATOM   181  O O   . ARG A 1 33  ? -4.170  -7.245  -5.101  1.00 33.72 ? 112 ARG A O   1 
ATOM   182  C CB  . ARG A 1 33  ? -6.442  -9.483  -4.170  1.00 39.91 ? 112 ARG A CB  1 
ATOM   183  C CG  . ARG A 1 33  ? -6.702  -9.176  -5.627  1.00 39.98 ? 112 ARG A CG  1 
ATOM   184  C CD  . ARG A 1 33  ? -8.109  -8.753  -5.867  1.00 51.70 ? 112 ARG A CD  1 
ATOM   185  N NE  . ARG A 1 33  ? -8.874  -9.811  -6.507  1.00 53.74 ? 112 ARG A NE  1 
ATOM   186  C CZ  . ARG A 1 33  ? -9.635  -10.676 -5.850  1.00 58.29 ? 112 ARG A CZ  1 
ATOM   187  N NH1 . ARG A 1 33  ? -9.730  -10.597 -4.529  1.00 53.71 ? 112 ARG A NH1 1 
ATOM   188  N NH2 . ARG A 1 33  ? -10.305 -11.615 -6.514  1.00 53.71 ? 112 ARG A NH2 1 
ATOM   189  N N   . ALA A 1 34  ? -3.611  -9.418  -5.063  1.00 35.86 ? 113 ALA A N   1 
ATOM   190  C CA  . ALA A 1 34  ? -2.697  -9.302  -6.180  1.00 34.94 ? 113 ALA A CA  1 
ATOM   191  C C   . ALA A 1 34  ? -2.978  -10.436 -7.160  1.00 36.54 ? 113 ALA A C   1 
ATOM   192  O O   . ALA A 1 34  ? -3.484  -11.488 -6.765  1.00 35.66 ? 113 ALA A O   1 
ATOM   193  C CB  . ALA A 1 34  ? -1.257  -9.338  -5.710  1.00 36.08 ? 113 ALA A CB  1 
ATOM   194  N N   . LYS A 1 35  ? -2.650  -10.228 -8.430  1.00 35.06 ? 114 LYS A N   1 
ATOM   195  C CA  . LYS A 1 35  ? -2.885  -11.273 -9.437  1.00 35.02 ? 114 LYS A CA  1 
ATOM   196  C C   . LYS A 1 35  ? -1.675  -11.442 -10.330 1.00 37.50 ? 114 LYS A C   1 
ATOM   197  O O   . LYS A 1 35  ? -1.066  -10.457 -10.763 1.00 40.66 ? 114 LYS A O   1 
ATOM   198  C CB  . LYS A 1 35  ? -4.114  -10.930 -10.281 1.00 43.56 ? 114 LYS A CB  1 
ATOM   199  C CG  . LYS A 1 35  ? -4.543  -12.027 -11.256 1.00 50.48 ? 114 LYS A CG  1 
ATOM   200  C CD  . LYS A 1 35  ? -5.574  -11.488 -12.249 1.00 52.64 ? 114 LYS A CD  1 
ATOM   201  C CE  . LYS A 1 35  ? -6.774  -12.418 -12.378 1.00 57.01 ? 114 LYS A CE  1 
ATOM   202  N NZ  . LYS A 1 35  ? -6.371  -13.763 -12.847 1.00 52.74 ? 114 LYS A NZ  1 
ATOM   203  N N   . GLY A 1 36  ? -1.311  -12.695 -10.593 1.00 40.07 ? 115 GLY A N   1 
ATOM   204  C CA  . GLY A 1 36  ? -0.234  -12.982 -11.518 1.00 38.31 ? 115 GLY A CA  1 
ATOM   205  C C   . GLY A 1 36  ? 1.141   -12.569 -11.030 1.00 39.51 ? 115 GLY A C   1 
ATOM   206  O O   . GLY A 1 36  ? 1.963   -12.099 -11.821 1.00 42.37 ? 115 GLY A O   1 
ATOM   207  N N   . LEU A 1 37  ? 1.405   -12.739 -9.736  1.00 35.73 ? 116 LEU A N   1 
ATOM   208  C CA  . LEU A 1 37  ? 2.728   -12.432 -9.207  1.00 37.64 ? 116 LEU A CA  1 
ATOM   209  C C   . LEU A 1 37  ? 3.784   -13.315 -9.873  1.00 44.66 ? 116 LEU A C   1 
ATOM   210  O O   . LEU A 1 37  ? 3.558   -14.503 -10.109 1.00 40.54 ? 116 LEU A O   1 
ATOM   211  C CB  . LEU A 1 37  ? 2.775   -12.663 -7.704  1.00 34.86 ? 116 LEU A CB  1 
ATOM   212  C CG  . LEU A 1 37  ? 1.916   -11.777 -6.814  1.00 38.32 ? 116 LEU A CG  1 
ATOM   213  C CD1 . LEU A 1 37  ? 2.060   -12.239 -5.377  1.00 36.41 ? 116 LEU A CD1 1 
ATOM   214  C CD2 . LEU A 1 37  ? 2.324   -10.317 -6.959  1.00 36.12 ? 116 LEU A CD2 1 
ATOM   215  N N   . LYS A 1 38  ? 4.931   -12.723 -10.181 1.00 42.59 ? 117 LYS A N   1 
ATOM   216  C CA  . LYS A 1 38  ? 6.041   -13.467 -10.752 1.00 48.26 ? 117 LYS A CA  1 
ATOM   217  C C   . LYS A 1 38  ? 7.193   -13.418 -9.772  1.00 47.03 ? 117 LYS A C   1 
ATOM   218  O O   . LYS A 1 38  ? 7.915   -12.428 -9.719  1.00 53.39 ? 117 LYS A O   1 
ATOM   219  C CB  . LYS A 1 38  ? 6.451   -12.865 -12.094 1.00 47.91 ? 117 LYS A CB  1 
ATOM   220  C CG  . LYS A 1 38  ? 5.432   -13.096 -13.208 1.00 51.95 ? 117 LYS A CG  1 
ATOM   221  C CD  . LYS A 1 38  ? 5.229   -14.583 -13.485 1.00 52.83 ? 117 LYS A CD  1 
ATOM   222  C CE  . LYS A 1 38  ? 4.473   -14.794 -14.790 1.00 52.39 ? 117 LYS A CE  1 
ATOM   223  N NZ  . LYS A 1 38  ? 3.233   -13.967 -14.874 1.00 58.34 ? 117 LYS A NZ  1 
ATOM   224  N N   . PRO A 1 39  ? 7.355   -14.486 -8.975  1.00 48.81 ? 118 PRO A N   1 
ATOM   225  C CA  . PRO A 1 39  ? 8.378   -14.537 -7.926  1.00 49.86 ? 118 PRO A CA  1 
ATOM   226  C C   . PRO A 1 39  ? 9.760   -14.775 -8.522  1.00 54.52 ? 118 PRO A C   1 
ATOM   227  O O   . PRO A 1 39  ? 9.819   -15.285 -9.646  1.00 53.99 ? 118 PRO A O   1 
ATOM   228  C CB  . PRO A 1 39  ? 7.954   -15.756 -7.104  1.00 49.32 ? 118 PRO A CB  1 
ATOM   229  C CG  . PRO A 1 39  ? 7.348   -16.669 -8.120  1.00 51.58 ? 118 PRO A CG  1 
ATOM   230  C CD  . PRO A 1 39  ? 6.626   -15.762 -9.093  1.00 50.06 ? 118 PRO A CD  1 
ATOM   231  N N   . ASP A 1 47  ? 4.888   -17.001 -0.856  1.00 37.46 ? 126 ASP A N   1 
ATOM   232  C CA  . ASP A 1 47  ? 4.293   -16.553 0.403   1.00 38.68 ? 126 ASP A CA  1 
ATOM   233  C C   . ASP A 1 47  ? 4.289   -15.029 0.500   1.00 37.62 ? 126 ASP A C   1 
ATOM   234  O O   . ASP A 1 47  ? 5.079   -14.447 1.254   1.00 34.13 ? 126 ASP A O   1 
ATOM   235  C CB  . ASP A 1 47  ? 5.022   -17.199 1.585   1.00 42.70 ? 126 ASP A CB  1 
ATOM   236  C CG  . ASP A 1 47  ? 4.790   -18.697 1.664   1.00 45.99 ? 126 ASP A CG  1 
ATOM   237  O OD1 . ASP A 1 47  ? 4.196   -19.279 0.725   1.00 41.83 ? 126 ASP A OD1 1 
ATOM   238  O OD2 . ASP A 1 47  ? 5.209   -19.301 2.671   1.00 50.05 ? 126 ASP A OD2 1 
ATOM   239  N N   . PRO A 1 48  ? 3.397   -14.383 -0.274  1.00 37.06 ? 127 PRO A N   1 
ATOM   240  C CA  . PRO A 1 48  ? 3.348   -12.922 -0.437  1.00 34.96 ? 127 PRO A CA  1 
ATOM   241  C C   . PRO A 1 48  ? 2.736   -12.190 0.757   1.00 33.80 ? 127 PRO A C   1 
ATOM   242  O O   . PRO A 1 48  ? 1.717   -12.629 1.304   1.00 33.53 ? 127 PRO A O   1 
ATOM   243  C CB  . PRO A 1 48  ? 2.424   -12.731 -1.659  1.00 35.59 ? 127 PRO A CB  1 
ATOM   244  C CG  . PRO A 1 48  ? 2.189   -14.091 -2.222  1.00 36.31 ? 127 PRO A CG  1 
ATOM   245  C CD  . PRO A 1 48  ? 2.367   -15.048 -1.086  1.00 35.58 ? 127 PRO A CD  1 
ATOM   246  N N   . TYR A 1 49  ? 3.371   -11.094 1.167   1.00 36.47 ? 128 TYR A N   1 
ATOM   247  C CA  . TYR A 1 49  ? 2.750   -10.132 2.073   1.00 32.12 ? 128 TYR A CA  1 
ATOM   248  C C   . TYR A 1 49  ? 3.055   -8.749  1.523   1.00 34.22 ? 128 TYR A C   1 
ATOM   249  O O   . TYR A 1 49  ? 3.955   -8.581  0.693   1.00 33.98 ? 128 TYR A O   1 
ATOM   250  C CB  . TYR A 1 49  ? 3.265   -10.264 3.519   1.00 33.66 ? 128 TYR A CB  1 
ATOM   251  C CG  . TYR A 1 49  ? 4.736   -9.982  3.682   1.00 34.88 ? 128 TYR A CG  1 
ATOM   252  C CD1 . TYR A 1 49  ? 5.186   -8.795  4.246   1.00 36.95 ? 128 TYR A CD1 1 
ATOM   253  C CD2 . TYR A 1 49  ? 5.684   -10.912 3.283   1.00 36.67 ? 128 TYR A CD2 1 
ATOM   254  C CE1 . TYR A 1 49  ? 6.553   -8.543  4.402   1.00 35.75 ? 128 TYR A CE1 1 
ATOM   255  C CE2 . TYR A 1 49  ? 7.047   -10.664 3.432   1.00 38.02 ? 128 TYR A CE2 1 
ATOM   256  C CZ  . TYR A 1 49  ? 7.466   -9.479  3.995   1.00 39.72 ? 128 TYR A CZ  1 
ATOM   257  O OH  . TYR A 1 49  ? 8.808   -9.226  4.144   1.00 38.79 ? 128 TYR A OH  1 
ATOM   258  N N   . VAL A 1 50  ? 2.302   -7.759  1.979   1.00 30.47 ? 129 VAL A N   1 
ATOM   259  C CA  . VAL A 1 50  ? 2.476   -6.411  1.486   1.00 30.63 ? 129 VAL A CA  1 
ATOM   260  C C   . VAL A 1 50  ? 2.991   -5.554  2.626   1.00 32.08 ? 129 VAL A C   1 
ATOM   261  O O   . VAL A 1 50  ? 2.506   -5.648  3.753   1.00 34.28 ? 129 VAL A O   1 
ATOM   262  C CB  . VAL A 1 50  ? 1.146   -5.837  0.964   1.00 35.65 ? 129 VAL A CB  1 
ATOM   263  C CG1 . VAL A 1 50  ? 1.313   -4.387  0.524   1.00 36.29 ? 129 VAL A CG1 1 
ATOM   264  C CG2 . VAL A 1 50  ? 0.618   -6.676  -0.190  1.00 34.71 ? 129 VAL A CG2 1 
ATOM   265  N N   . LYS A 1 51  ? 4.013   -4.756  2.354   1.00 31.91 ? 130 LYS A N   1 
ATOM   266  C CA  . LYS A 1 51  ? 4.404   -3.745  3.321   1.00 35.43 ? 130 LYS A CA  1 
ATOM   267  C C   . LYS A 1 51  ? 4.230   -2.329  2.784   1.00 33.38 ? 130 LYS A C   1 
ATOM   268  O O   . LYS A 1 51  ? 4.477   -2.034  1.618   1.00 36.21 ? 130 LYS A O   1 
ATOM   269  C CB  . LYS A 1 51  ? 5.789   -3.980  3.925   1.00 33.53 ? 130 LYS A CB  1 
ATOM   270  C CG  . LYS A 1 51  ? 6.879   -4.334  2.982   1.00 43.06 ? 130 LYS A CG  1 
ATOM   271  C CD  . LYS A 1 51  ? 8.110   -4.677  3.798   1.00 48.49 ? 130 LYS A CD  1 
ATOM   272  C CE  . LYS A 1 51  ? 8.849   -5.838  3.227   1.00 45.86 ? 130 LYS A CE  1 
ATOM   273  N NZ  . LYS A 1 51  ? 9.665   -5.431  2.062   1.00 54.13 ? 130 LYS A NZ  1 
ATOM   274  N N   . LEU A 1 52  ? 3.734   -1.473  3.655   1.00 33.63 ? 131 LEU A N   1 
ATOM   275  C CA  . LEU A 1 52  ? 3.464   -0.090  3.347   1.00 30.87 ? 131 LEU A CA  1 
ATOM   276  C C   . LEU A 1 52  ? 4.500   0.713   4.100   1.00 30.37 ? 131 LEU A C   1 
ATOM   277  O O   . LEU A 1 52  ? 4.756   0.462   5.284   1.00 29.32 ? 131 LEU A O   1 
ATOM   278  C CB  . LEU A 1 52  ? 2.078   0.277   3.861   1.00 33.80 ? 131 LEU A CB  1 
ATOM   279  C CG  . LEU A 1 52  ? 0.867   0.075   2.955   1.00 33.77 ? 131 LEU A CG  1 
ATOM   280  C CD1 . LEU A 1 52  ? 0.940   -1.197  2.167   1.00 32.96 ? 131 LEU A CD1 1 
ATOM   281  C CD2 . LEU A 1 52  ? -0.396  0.102   3.804   1.00 38.68 ? 131 LEU A CD2 1 
ATOM   282  N N   . HIS A 1 53  ? 5.111   1.660   3.402   1.00 34.29 ? 132 HIS A N   1 
ATOM   283  C CA  . HIS A 1 53  ? 6.056   2.584   4.012   1.00 36.13 ? 132 HIS A CA  1 
ATOM   284  C C   . HIS A 1 53  ? 5.688   4.006   3.620   1.00 31.40 ? 132 HIS A C   1 
ATOM   285  O O   . HIS A 1 53  ? 5.766   4.380   2.450   1.00 31.05 ? 132 HIS A O   1 
ATOM   286  C CB  . HIS A 1 53  ? 7.482   2.252   3.560   1.00 36.61 ? 132 HIS A CB  1 
ATOM   287  C CG  . HIS A 1 53  ? 8.548   2.933   4.363   1.00 34.70 ? 132 HIS A CG  1 
ATOM   288  N ND1 . HIS A 1 53  ? 9.807   2.393   4.538   1.00 42.92 ? 132 HIS A ND1 1 
ATOM   289  C CD2 . HIS A 1 53  ? 8.555   4.112   5.026   1.00 36.07 ? 132 HIS A CD2 1 
ATOM   290  C CE1 . HIS A 1 53  ? 10.536  3.207   5.277   1.00 33.46 ? 132 HIS A CE1 1 
ATOM   291  N NE2 . HIS A 1 53  ? 9.796   4.261   5.591   1.00 35.59 ? 132 HIS A NE2 1 
ATOM   292  N N   . LEU A 1 54  ? 5.282   4.805   4.597   1.00 33.66 ? 133 LEU A N   1 
ATOM   293  C CA  . LEU A 1 54  ? 4.901   6.189   4.321   1.00 32.15 ? 133 LEU A CA  1 
ATOM   294  C C   . LEU A 1 54  ? 6.159   7.052   4.357   1.00 30.77 ? 133 LEU A C   1 
ATOM   295  O O   . LEU A 1 54  ? 6.827   7.152   5.391   1.00 32.41 ? 133 LEU A O   1 
ATOM   296  C CB  . LEU A 1 54  ? 3.865   6.674   5.342   1.00 29.93 ? 133 LEU A CB  1 
ATOM   297  C CG  . LEU A 1 54  ? 3.451   8.150   5.286   1.00 35.59 ? 133 LEU A CG  1 
ATOM   298  C CD1 . LEU A 1 54  ? 2.630   8.432   4.040   1.00 35.97 ? 133 LEU A CD1 1 
ATOM   299  C CD2 . LEU A 1 54  ? 2.700   8.546   6.551   1.00 29.53 ? 133 LEU A CD2 1 
ATOM   300  N N   . LEU A 1 55  ? 6.501   7.642   3.215   1.00 29.36 ? 134 LEU A N   1 
ATOM   301  C CA  . LEU A 1 55  ? 7.751   8.401   3.085   1.00 30.07 ? 134 LEU A CA  1 
ATOM   302  C C   . LEU A 1 55  ? 7.498   9.904   3.194   1.00 33.41 ? 134 LEU A C   1 
ATOM   303  O O   . LEU A 1 55  ? 6.473   10.393  2.732   1.00 33.51 ? 134 LEU A O   1 
ATOM   304  C CB  . LEU A 1 55  ? 8.430   8.079   1.744   1.00 33.11 ? 134 LEU A CB  1 
ATOM   305  C CG  . LEU A 1 55  ? 8.774   6.608   1.495   1.00 36.16 ? 134 LEU A CG  1 
ATOM   306  C CD1 . LEU A 1 55  ? 9.236   6.371   0.052   1.00 33.55 ? 134 LEU A CD1 1 
ATOM   307  C CD2 . LEU A 1 55  ? 9.825   6.141   2.475   1.00 35.53 ? 134 LEU A CD2 1 
ATOM   308  N N   . PRO A 1 56  ? 8.455   10.661  3.754   1.00 34.13 ? 135 PRO A N   1 
ATOM   309  C CA  . PRO A 1 56  ? 9.818   10.248  4.095   1.00 31.92 ? 135 PRO A CA  1 
ATOM   310  C C   . PRO A 1 56  ? 10.004  9.744   5.531   1.00 35.24 ? 135 PRO A C   1 
ATOM   311  O O   . PRO A 1 56  ? 9.189   10.040  6.407   1.00 36.86 ? 135 PRO A O   1 
ATOM   312  C CB  . PRO A 1 56  ? 10.596  11.552  3.938   1.00 40.29 ? 135 PRO A CB  1 
ATOM   313  C CG  . PRO A 1 56  ? 9.630   12.587  4.459   1.00 36.51 ? 135 PRO A CG  1 
ATOM   314  C CD  . PRO A 1 56  ? 8.246   12.101  4.008   1.00 32.81 ? 135 PRO A CD  1 
ATOM   315  N N   . GLY A 1 57  ? 11.077  8.990   5.764   1.00 37.45 ? 136 GLY A N   1 
ATOM   316  C CA  . GLY A 1 57  ? 11.424  8.570   7.108   1.00 36.89 ? 136 GLY A CA  1 
ATOM   317  C C   . GLY A 1 57  ? 11.469  7.074   7.356   1.00 36.44 ? 136 GLY A C   1 
ATOM   318  O O   . GLY A 1 57  ? 10.569  6.331   6.950   1.00 37.27 ? 136 GLY A O   1 
ATOM   319  N N   . ALA A 1 58  ? 12.513  6.635   8.055   1.00 37.54 ? 137 ALA A N   1 
ATOM   320  C CA  . ALA A 1 58  ? 12.681  5.222   8.384   1.00 38.49 ? 137 ALA A CA  1 
ATOM   321  C C   . ALA A 1 58  ? 11.900  4.833   9.643   1.00 39.16 ? 137 ALA A C   1 
ATOM   322  O O   . ALA A 1 58  ? 11.931  3.667   10.054  1.00 36.19 ? 137 ALA A O   1 
ATOM   323  C CB  . ALA A 1 58  ? 14.143  4.901   8.556   1.00 42.79 ? 137 ALA A CB  1 
ATOM   324  N N   . CYS A 1 59  ? 11.213  5.810   10.242  1.00 35.60 ? 138 CYS A N   1 
ATOM   325  C CA  . CYS A 1 59  ? 10.469  5.626   11.490  1.00 32.24 ? 138 CYS A CA  1 
ATOM   326  C C   . CYS A 1 59  ? 9.603   4.387   11.495  1.00 33.44 ? 138 CYS A C   1 
ATOM   327  O O   . CYS A 1 59  ? 8.963   4.049   10.487  1.00 33.85 ? 138 CYS A O   1 
ATOM   328  C CB  . CYS A 1 59  ? 9.550   6.828   11.736  1.00 36.98 ? 138 CYS A CB  1 
ATOM   329  S SG  . CYS A 1 59  ? 10.441  8.370   11.835  1.00 41.52 ? 138 CYS A SG  1 
ATOM   330  N N   . LYS A 1 60  ? 9.581   3.714   12.638  1.00 36.47 ? 139 LYS A N   1 
ATOM   331  C CA  . LYS A 1 60  ? 8.722   2.554   12.832  1.00 42.33 ? 139 LYS A CA  1 
ATOM   332  C C   . LYS A 1 60  ? 7.280   2.934   12.521  1.00 36.62 ? 139 LYS A C   1 
ATOM   333  O O   . LYS A 1 60  ? 6.570   2.193   11.831  1.00 36.71 ? 139 LYS A O   1 
ATOM   334  C CB  . LYS A 1 60  ? 8.841   2.068   14.275  1.00 43.54 ? 139 LYS A CB  1 
ATOM   335  C CG  . LYS A 1 60  ? 8.004   0.844   14.605  1.00 49.15 ? 139 LYS A CG  1 
ATOM   336  C CD  . LYS A 1 60  ? 8.401   0.311   15.978  1.00 54.52 ? 139 LYS A CD  1 
ATOM   337  C CE  . LYS A 1 60  ? 7.683   -0.987  16.312  1.00 57.71 ? 139 LYS A CE  1 
ATOM   338  N NZ  . LYS A 1 60  ? 7.997   -1.417  17.710  1.00 61.19 ? 139 LYS A NZ  1 
ATOM   339  N N   . ALA A 1 61  ? 6.863   4.110   12.987  1.00 34.89 ? 140 ALA A N   1 
ATOM   340  C CA  . ALA A 1 61  ? 5.485   4.563   12.790  1.00 35.80 ? 140 ALA A CA  1 
ATOM   341  C C   . ALA A 1 61  ? 5.072   4.605   11.316  1.00 31.96 ? 140 ALA A C   1 
ATOM   342  O O   . ALA A 1 61  ? 3.889   4.527   11.008  1.00 36.10 ? 140 ALA A O   1 
ATOM   343  C CB  . ALA A 1 61  ? 5.263   5.924   13.447  1.00 31.86 ? 140 ALA A CB  1 
ATOM   344  N N   . ASN A 1 62  ? 6.047   4.712   10.409  1.00 31.36 ? 141 ASN A N   1 
ATOM   345  C CA  . ASN A 1 62  ? 5.751   4.836   8.979   1.00 29.49 ? 141 ASN A CA  1 
ATOM   346  C C   . ASN A 1 62  ? 5.490   3.505   8.287   1.00 31.02 ? 141 ASN A C   1 
ATOM   347  O O   . ASN A 1 62  ? 5.155   3.479   7.104   1.00 31.49 ? 141 ASN A O   1 
ATOM   348  C CB  . ASN A 1 62  ? 6.898   5.544   8.254   1.00 30.84 ? 141 ASN A CB  1 
ATOM   349  C CG  . ASN A 1 62  ? 6.984   7.022   8.581   1.00 33.37 ? 141 ASN A CG  1 
ATOM   350  O OD1 . ASN A 1 62  ? 6.001   7.647   8.984   1.00 34.96 ? 141 ASN A OD1 1 
ATOM   351  N ND2 . ASN A 1 62  ? 8.163   7.594   8.382   1.00 31.56 ? 141 ASN A ND2 1 
ATOM   352  N N   . LYS A 1 63  ? 5.643   2.404   9.016   1.00 30.67 ? 142 LYS A N   1 
ATOM   353  C CA  . LYS A 1 63  ? 5.695   1.075   8.388   1.00 35.75 ? 142 LYS A CA  1 
ATOM   354  C C   . LYS A 1 63  ? 4.593   0.129   8.881   1.00 38.92 ? 142 LYS A C   1 
ATOM   355  O O   . LYS A 1 63  ? 4.479   -0.133  10.087  1.00 41.70 ? 142 LYS A O   1 
ATOM   356  C CB  . LYS A 1 63  ? 7.086   0.465   8.581   1.00 33.62 ? 142 LYS A CB  1 
ATOM   357  C CG  . LYS A 1 63  ? 8.195   1.365   8.041   1.00 38.59 ? 142 LYS A CG  1 
ATOM   358  C CD  . LYS A 1 63  ? 9.618   0.787   8.143   1.00 41.06 ? 142 LYS A CD  1 
ATOM   359  C CE  . LYS A 1 63  ? 9.674   -0.461  8.980   1.00 50.49 ? 142 LYS A CE  1 
ATOM   360  N NZ  . LYS A 1 63  ? 11.080  -0.959  9.178   1.00 64.24 ? 142 LYS A NZ  1 
ATOM   361  N N   . LEU A 1 64  ? 3.768   -0.350  7.950   1.00 29.25 ? 143 LEU A N   1 
ATOM   362  C CA  . LEU A 1 64  ? 2.667   -1.249  8.285   1.00 32.31 ? 143 LEU A CA  1 
ATOM   363  C C   . LEU A 1 64  ? 2.794   -2.459  7.345   1.00 33.59 ? 143 LEU A C   1 
ATOM   364  O O   . LEU A 1 64  ? 3.413   -2.350  6.296   1.00 30.77 ? 143 LEU A O   1 
ATOM   365  C CB  . LEU A 1 64  ? 1.306   -0.551  8.102   1.00 32.86 ? 143 LEU A CB  1 
ATOM   366  C CG  . LEU A 1 64  ? 1.064   0.768   8.851   1.00 35.57 ? 143 LEU A CG  1 
ATOM   367  C CD1 . LEU A 1 64  ? -0.276  1.421   8.482   1.00 35.40 ? 143 LEU A CD1 1 
ATOM   368  C CD2 . LEU A 1 64  ? 1.137   0.524   10.340  1.00 35.55 ? 143 LEU A CD2 1 
ATOM   369  N N   . LYS A 1 65  ? 2.257   -3.616  7.718   1.00 32.43 ? 144 LYS A N   1 
ATOM   370  C CA  . LYS A 1 65  ? 2.298   -4.771  6.807   1.00 35.07 ? 144 LYS A CA  1 
ATOM   371  C C   . LYS A 1 65  ? 1.069   -5.651  6.959   1.00 34.71 ? 144 LYS A C   1 
ATOM   372  O O   . LYS A 1 65  ? 0.426   -5.654  8.014   1.00 38.55 ? 144 LYS A O   1 
ATOM   373  C CB  . LYS A 1 65  ? 3.572   -5.601  6.986   1.00 32.82 ? 144 LYS A CB  1 
ATOM   374  C CG  . LYS A 1 65  ? 3.782   -6.163  8.386   1.00 37.23 ? 144 LYS A CG  1 
ATOM   375  C CD  . LYS A 1 65  ? 4.966   -7.156  8.409   1.00 46.75 ? 144 LYS A CD  1 
ATOM   376  C CE  . LYS A 1 65  ? 5.134   -7.774  9.808   1.00 46.13 ? 144 LYS A CE  1 
ATOM   377  N NZ  . LYS A 1 65  ? 6.215   -8.811  9.849   1.00 59.71 ? 144 LYS A NZ  1 
ATOM   378  N N   . THR A 1 66  ? 0.731   -6.365  5.889   1.00 33.11 ? 145 THR A N   1 
ATOM   379  C CA  . THR A 1 66  ? -0.377  -7.307  5.913   1.00 35.08 ? 145 THR A CA  1 
ATOM   380  C C   . THR A 1 66  ? 0.087   -8.641  6.470   1.00 33.54 ? 145 THR A C   1 
ATOM   381  O O   . THR A 1 66  ? 1.296   -8.874  6.638   1.00 36.00 ? 145 THR A O   1 
ATOM   382  C CB  . THR A 1 66  ? -0.891  -7.576  4.508   1.00 33.77 ? 145 THR A CB  1 
ATOM   383  O OG1 . THR A 1 66  ? 0.105   -8.302  3.773   1.00 32.71 ? 145 THR A OG1 1 
ATOM   384  C CG2 . THR A 1 66  ? -1.213  -6.276  3.796   1.00 33.05 ? 145 THR A CG2 1 
ATOM   385  N N   . LYS A 1 67  ? -0.869  -9.525  6.730   1.00 32.71 ? 146 LYS A N   1 
ATOM   386  C CA  . LYS A 1 67  ? -0.542  -10.901 7.060   1.00 38.05 ? 146 LYS A CA  1 
ATOM   387  C C   . LYS A 1 67  ? 0.054   -11.527 5.818   1.00 36.37 ? 146 LYS A C   1 
ATOM   388  O O   . LYS A 1 67  ? -0.102  -10.998 4.704   1.00 35.01 ? 146 LYS A O   1 
ATOM   389  C CB  . LYS A 1 67  ? -1.800  -11.676 7.455   1.00 41.61 ? 146 LYS A CB  1 
ATOM   390  C CG  . LYS A 1 67  ? -2.497  -11.194 8.730   1.00 41.94 ? 146 LYS A CG  1 
ATOM   391  C CD  . LYS A 1 67  ? -3.857  -11.882 8.865   1.00 46.93 ? 146 LYS A CD  1 
ATOM   392  C CE  . LYS A 1 67  ? -4.337  -11.951 10.313  1.00 52.84 ? 146 LYS A CE  1 
ATOM   393  N NZ  . LYS A 1 67  ? -5.755  -12.448 10.391  1.00 62.14 ? 146 LYS A NZ  1 
ATOM   394  N N   . THR A 1 68  ? 0.716   -12.664 5.998   1.00 35.33 ? 147 THR A N   1 
ATOM   395  C CA  . THR A 1 68  ? 1.266   -13.400 4.872   1.00 34.76 ? 147 THR A CA  1 
ATOM   396  C C   . THR A 1 68  ? 0.238   -14.393 4.316   1.00 36.69 ? 147 THR A C   1 
ATOM   397  O O   . THR A 1 68  ? -0.418  -15.110 5.081   1.00 38.52 ? 147 THR A O   1 
ATOM   398  C CB  . THR A 1 68  ? 2.509   -14.167 5.310   1.00 38.15 ? 147 THR A CB  1 
ATOM   399  O OG1 . THR A 1 68  ? 3.418   -13.255 5.944   1.00 42.60 ? 147 THR A OG1 1 
ATOM   400  C CG2 . THR A 1 68  ? 3.181   -14.825 4.112   1.00 37.42 ? 147 THR A CG2 1 
ATOM   401  N N   . GLN A 1 69  ? 0.091   -14.437 2.993   1.00 33.00 ? 148 GLN A N   1 
ATOM   402  C CA  . GLN A 1 69  ? -0.741  -15.457 2.358   1.00 39.43 ? 148 GLN A CA  1 
ATOM   403  C C   . GLN A 1 69  ? 0.162   -16.598 1.888   1.00 41.52 ? 148 GLN A C   1 
ATOM   404  O O   . GLN A 1 69  ? 1.299   -16.364 1.496   1.00 42.06 ? 148 GLN A O   1 
ATOM   405  C CB  . GLN A 1 69  ? -1.539  -14.866 1.191   1.00 38.97 ? 148 GLN A CB  1 
ATOM   406  C CG  . GLN A 1 69  ? -2.651  -13.920 1.630   1.00 39.26 ? 148 GLN A CG  1 
ATOM   407  C CD  . GLN A 1 69  ? -3.735  -14.626 2.427   1.00 43.69 ? 148 GLN A CD  1 
ATOM   408  O OE1 . GLN A 1 69  ? -4.277  -15.652 1.997   1.00 46.12 ? 148 GLN A OE1 1 
ATOM   409  N NE2 . GLN A 1 69  ? -4.051  -14.084 3.597   1.00 40.37 ? 148 GLN A NE2 1 
ATOM   410  N N   . ARG A 1 70  ? -0.326  -17.829 1.940   1.00 42.30 ? 149 ARG A N   1 
ATOM   411  C CA  . ARG A 1 70  ? 0.565   -18.968 1.748   1.00 45.83 ? 149 ARG A CA  1 
ATOM   412  C C   . ARG A 1 70  ? 0.377   -19.647 0.404   1.00 44.01 ? 149 ARG A C   1 
ATOM   413  O O   . ARG A 1 70  ? -0.745  -19.802 -0.070  1.00 42.90 ? 149 ARG A O   1 
ATOM   414  C CB  . ARG A 1 70  ? 0.370   -19.986 2.871   1.00 47.34 ? 149 ARG A CB  1 
ATOM   415  C CG  . ARG A 1 70  ? 0.670   -19.443 4.255   1.00 49.50 ? 149 ARG A CG  1 
ATOM   416  C CD  . ARG A 1 70  ? 2.148   -19.156 4.428   1.00 48.48 ? 149 ARG A CD  1 
ATOM   417  N NE  . ARG A 1 70  ? 2.426   -18.429 5.665   1.00 50.89 ? 149 ARG A NE  1 
ATOM   418  C CZ  . ARG A 1 70  ? 3.647   -18.119 6.090   1.00 52.36 ? 149 ARG A CZ  1 
ATOM   419  N NH1 . ARG A 1 70  ? 4.712   -18.477 5.379   1.00 47.90 ? 149 ARG A NH1 1 
ATOM   420  N NH2 . ARG A 1 70  ? 3.804   -17.454 7.227   1.00 51.19 ? 149 ARG A NH2 1 
ATOM   421  N N   . ASN A 1 71  ? 1.493   -20.031 -0.207  1.00 46.88 ? 150 ASN A N   1 
ATOM   422  C CA  . ASN A 1 71  ? 1.481   -20.878 -1.394  1.00 44.62 ? 150 ASN A CA  1 
ATOM   423  C C   . ASN A 1 71  ? 0.619   -20.337 -2.518  1.00 45.25 ? 150 ASN A C   1 
ATOM   424  O O   . ASN A 1 71  ? -0.309  -21.021 -2.951  1.00 42.00 ? 150 ASN A O   1 
ATOM   425  C CB  . ASN A 1 71  ? 0.971   -22.273 -1.028  1.00 48.97 ? 150 ASN A CB  1 
ATOM   426  C CG  . ASN A 1 71  ? 1.655   -22.842 0.196   1.00 46.51 ? 150 ASN A CG  1 
ATOM   427  O OD1 . ASN A 1 71  ? 1.065   -22.914 1.276   1.00 45.56 ? 150 ASN A OD1 1 
ATOM   428  N ND2 . ASN A 1 71  ? 2.900   -23.271 0.029   1.00 39.85 ? 150 ASN A ND2 1 
ATOM   429  N N   . THR A 1 72  ? 0.911   -19.134 -3.004  1.00 42.26 ? 151 THR A N   1 
ATOM   430  C CA  . THR A 1 72  ? 0.054   -18.548 -4.038  1.00 42.89 ? 151 THR A CA  1 
ATOM   431  C C   . THR A 1 72  ? 0.707   -17.419 -4.811  1.00 41.96 ? 151 THR A C   1 
ATOM   432  O O   . THR A 1 72  ? 1.549   -16.689 -4.279  1.00 40.23 ? 151 THR A O   1 
ATOM   433  C CB  . THR A 1 72  ? -1.278  -18.033 -3.435  1.00 40.21 ? 151 THR A CB  1 
ATOM   434  O OG1 . THR A 1 72  ? -2.113  -17.503 -4.473  1.00 41.38 ? 151 THR A OG1 1 
ATOM   435  C CG2 . THR A 1 72  ? -1.013  -16.938 -2.398  1.00 39.26 ? 151 THR A CG2 1 
ATOM   436  N N   . LEU A 1 73  ? 0.313   -17.287 -6.072  1.00 36.38 ? 152 LEU A N   1 
ATOM   437  C CA  . LEU A 1 73  ? 0.697   -16.133 -6.871  1.00 36.13 ? 152 LEU A CA  1 
ATOM   438  C C   . LEU A 1 73  ? -0.506  -15.214 -7.045  1.00 35.33 ? 152 LEU A C   1 
ATOM   439  O O   . LEU A 1 73  ? -0.422  -14.204 -7.743  1.00 37.35 ? 152 LEU A O   1 
ATOM   440  C CB  . LEU A 1 73  ? 1.231   -16.570 -8.231  1.00 39.63 ? 152 LEU A CB  1 
ATOM   441  C CG  . LEU A 1 73  ? 2.498   -17.424 -8.157  1.00 41.46 ? 152 LEU A CG  1 
ATOM   442  C CD1 . LEU A 1 73  ? 2.953   -17.865 -9.543  1.00 42.69 ? 152 LEU A CD1 1 
ATOM   443  C CD2 . LEU A 1 73  ? 3.605   -16.667 -7.449  1.00 36.30 ? 152 LEU A CD2 1 
ATOM   444  N N   . ASN A 1 74  ? -1.623  -15.567 -6.412  1.00 38.87 ? 153 ASN A N   1 
ATOM   445  C CA  . ASN A 1 74  ? -2.819  -14.720 -6.431  1.00 31.61 ? 153 ASN A CA  1 
ATOM   446  C C   . ASN A 1 74  ? -3.425  -14.516 -5.044  1.00 39.39 ? 153 ASN A C   1 
ATOM   447  O O   . ASN A 1 74  ? -4.581  -14.875 -4.806  1.00 38.70 ? 153 ASN A O   1 
ATOM   448  C CB  . ASN A 1 74  ? -3.876  -15.319 -7.371  1.00 37.87 ? 153 ASN A CB  1 
ATOM   449  C CG  . ASN A 1 74  ? -3.343  -15.542 -8.766  1.00 42.67 ? 153 ASN A CG  1 
ATOM   450  O OD1 . ASN A 1 74  ? -3.347  -14.635 -9.603  1.00 47.99 ? 153 ASN A OD1 1 
ATOM   451  N ND2 . ASN A 1 74  ? -2.881  -16.751 -9.029  1.00 44.67 ? 153 ASN A ND2 1 
ATOM   452  N N   . PRO A 1 75  ? -2.658  -13.906 -4.124  1.00 35.23 ? 154 PRO A N   1 
ATOM   453  C CA  . PRO A 1 75  ? -3.080  -13.788 -2.729  1.00 36.90 ? 154 PRO A CA  1 
ATOM   454  C C   . PRO A 1 75  ? -4.248  -12.823 -2.566  1.00 35.73 ? 154 PRO A C   1 
ATOM   455  O O   . PRO A 1 75  ? -4.378  -11.872 -3.349  1.00 33.61 ? 154 PRO A O   1 
ATOM   456  C CB  . PRO A 1 75  ? -1.833  -13.224 -2.033  1.00 36.07 ? 154 PRO A CB  1 
ATOM   457  C CG  . PRO A 1 75  ? -1.082  -12.520 -3.115  1.00 32.43 ? 154 PRO A CG  1 
ATOM   458  C CD  . PRO A 1 75  ? -1.378  -13.225 -4.387  1.00 37.73 ? 154 PRO A CD  1 
ATOM   459  N N   . VAL A 1 76  ? -5.090  -13.085 -1.572  1.00 35.59 ? 155 VAL A N   1 
ATOM   460  C CA  . VAL A 1 76  ? -6.210  -12.216 -1.245  1.00 36.28 ? 155 VAL A CA  1 
ATOM   461  C C   . VAL A 1 76  ? -6.056  -11.863 0.209   1.00 38.19 ? 155 VAL A C   1 
ATOM   462  O O   . VAL A 1 76  ? -6.065  -12.756 1.067   1.00 38.35 ? 155 VAL A O   1 
ATOM   463  C CB  . VAL A 1 76  ? -7.559  -12.937 -1.443  1.00 35.04 ? 155 VAL A CB  1 
ATOM   464  C CG1 . VAL A 1 76  ? -8.712  -12.018 -1.080  1.00 40.92 ? 155 VAL A CG1 1 
ATOM   465  C CG2 . VAL A 1 76  ? -7.702  -13.426 -2.878  1.00 40.94 ? 155 VAL A CG2 1 
ATOM   466  N N   . TRP A 1 77  ? -5.903  -10.570 0.496   1.00 38.32 ? 156 TRP A N   1 
ATOM   467  C CA  . TRP A 1 77  ? -5.652  -10.139 1.856   1.00 35.30 ? 156 TRP A CA  1 
ATOM   468  C C   . TRP A 1 77  ? -6.905  -9.533  2.467   1.00 39.17 ? 156 TRP A C   1 
ATOM   469  O O   . TRP A 1 77  ? -7.240  -9.850  3.612   1.00 38.46 ? 156 TRP A O   1 
ATOM   470  C CB  . TRP A 1 77  ? -4.502  -9.115  1.913   1.00 35.19 ? 156 TRP A CB  1 
ATOM   471  C CG  . TRP A 1 77  ? -3.122  -9.664  1.588   1.00 34.90 ? 156 TRP A CG  1 
ATOM   472  C CD1 . TRP A 1 77  ? -2.300  -10.365 2.424   1.00 35.24 ? 156 TRP A CD1 1 
ATOM   473  C CD2 . TRP A 1 77  ? -2.401  -9.513  0.354   1.00 35.26 ? 156 TRP A CD2 1 
ATOM   474  N NE1 . TRP A 1 77  ? -1.121  -10.680 1.778   1.00 36.87 ? 156 TRP A NE1 1 
ATOM   475  C CE2 . TRP A 1 77  ? -1.161  -10.164 0.504   1.00 36.19 ? 156 TRP A CE2 1 
ATOM   476  C CE3 . TRP A 1 77  ? -2.691  -8.902  -0.871  1.00 37.47 ? 156 TRP A CE3 1 
ATOM   477  C CZ2 . TRP A 1 77  ? -0.210  -10.214 -0.513  1.00 36.49 ? 156 TRP A CZ2 1 
ATOM   478  C CZ3 . TRP A 1 77  ? -1.752  -8.953  -1.877  1.00 38.45 ? 156 TRP A CZ3 1 
ATOM   479  C CH2 . TRP A 1 77  ? -0.523  -9.598  -1.693  1.00 36.84 ? 156 TRP A CH2 1 
ATOM   480  N N   . ASN A 1 78  ? -7.592  -8.680  1.698   1.00 35.22 ? 157 ASN A N   1 
ATOM   481  C CA  . ASN A 1 78  ? -8.721  -7.895  2.202   1.00 38.83 ? 157 ASN A CA  1 
ATOM   482  C C   . ASN A 1 78  ? -8.429  -7.382  3.603   1.00 37.04 ? 157 ASN A C   1 
ATOM   483  O O   . ASN A 1 78  ? -9.149  -7.695  4.551   1.00 39.09 ? 157 ASN A O   1 
ATOM   484  C CB  . ASN A 1 78  ? -10.018 -8.707  2.160   1.00 36.99 ? 157 ASN A CB  1 
ATOM   485  C CG  . ASN A 1 78  ? -10.383 -9.130  0.759   1.00 40.07 ? 157 ASN A CG  1 
ATOM   486  O OD1 . ASN A 1 78  ? -10.078 -8.430  -0.212  1.00 37.11 ? 157 ASN A OD1 1 
ATOM   487  N ND2 . ASN A 1 78  ? -11.032 -10.289 0.637   1.00 38.45 ? 157 ASN A ND2 1 
ATOM   488  N N   . GLU A 1 79  ? -7.344  -6.619  3.726   1.00 35.11 ? 158 GLU A N   1 
ATOM   489  C CA  . GLU A 1 79  ? -6.883  -6.135  5.028   1.00 37.64 ? 158 GLU A CA  1 
ATOM   490  C C   . GLU A 1 79  ? -6.810  -4.612  5.021   1.00 36.52 ? 158 GLU A C   1 
ATOM   491  O O   . GLU A 1 79  ? -6.258  -4.020  4.089   1.00 36.71 ? 158 GLU A O   1 
ATOM   492  C CB  . GLU A 1 79  ? -5.497  -6.730  5.358   1.00 35.86 ? 158 GLU A CB  1 
ATOM   493  C CG  . GLU A 1 79  ? -5.219  -6.821  6.840   1.00 40.57 ? 158 GLU A CG  1 
ATOM   494  C CD  . GLU A 1 79  ? -3.901  -7.489  7.170   1.00 39.87 ? 158 GLU A CD  1 
ATOM   495  O OE1 . GLU A 1 79  ? -3.558  -8.525  6.547   1.00 42.06 ? 158 GLU A OE1 1 
ATOM   496  O OE2 . GLU A 1 79  ? -3.201  -6.988  8.082   1.00 45.31 ? 158 GLU A OE2 1 
ATOM   497  N N   . ASP A 1 80  ? -7.379  -3.975  6.044   1.00 36.67 ? 159 ASP A N   1 
ATOM   498  C CA  . ASP A 1 80  ? -7.314  -2.524  6.174   1.00 38.20 ? 159 ASP A CA  1 
ATOM   499  C C   . ASP A 1 80  ? -6.165  -2.104  7.102   1.00 40.09 ? 159 ASP A C   1 
ATOM   500  O O   . ASP A 1 80  ? -6.138  -2.470  8.282   1.00 41.36 ? 159 ASP A O   1 
ATOM   501  C CB  . ASP A 1 80  ? -8.641  -1.969  6.731   1.00 35.85 ? 159 ASP A CB  1 
ATOM   502  C CG  . ASP A 1 80  ? -9.852  -2.320  5.862   1.00 47.48 ? 159 ASP A CG  1 
ATOM   503  O OD1 . ASP A 1 80  ? -9.783  -2.177  4.618   1.00 41.26 ? 159 ASP A OD1 1 
ATOM   504  O OD2 . ASP A 1 80  ? -10.887 -2.738  6.430   1.00 49.80 ? 159 ASP A OD2 1 
ATOM   505  N N   . LEU A 1 81  ? -5.216  -1.342  6.569   1.00 33.58 ? 160 LEU A N   1 
ATOM   506  C CA  . LEU A 1 81  ? -4.137  -0.770  7.370   1.00 37.04 ? 160 LEU A CA  1 
ATOM   507  C C   . LEU A 1 81  ? -4.344  0.749   7.450   1.00 38.61 ? 160 LEU A C   1 
ATOM   508  O O   . LEU A 1 81  ? -4.786  1.364   6.490   1.00 38.73 ? 160 LEU A O   1 
ATOM   509  C CB  . LEU A 1 81  ? -2.788  -1.115  6.741   1.00 37.26 ? 160 LEU A CB  1 
ATOM   510  C CG  . LEU A 1 81  ? -2.535  -2.619  6.598   1.00 37.32 ? 160 LEU A CG  1 
ATOM   511  C CD1 . LEU A 1 81  ? -1.251  -2.894  5.831   1.00 35.86 ? 160 LEU A CD1 1 
ATOM   512  C CD2 . LEU A 1 81  ? -2.467  -3.236  7.981   1.00 38.60 ? 160 LEU A CD2 1 
ATOM   513  N N   . THR A 1 82  ? -4.063  1.366   8.590   1.00 36.36 ? 161 THR A N   1 
ATOM   514  C CA  . THR A 1 82  ? -4.368  2.788   8.721   1.00 33.89 ? 161 THR A CA  1 
ATOM   515  C C   . THR A 1 82  ? -3.216  3.597   9.295   1.00 34.93 ? 161 THR A C   1 
ATOM   516  O O   . THR A 1 82  ? -2.558  3.159   10.249  1.00 36.43 ? 161 THR A O   1 
ATOM   517  C CB  . THR A 1 82  ? -5.613  2.991   9.602   1.00 37.18 ? 161 THR A CB  1 
ATOM   518  O OG1 . THR A 1 82  ? -6.672  2.158   9.105   1.00 42.33 ? 161 THR A OG1 1 
ATOM   519  C CG2 . THR A 1 82  ? -6.059  4.436   9.557   1.00 37.08 ? 161 THR A CG2 1 
ATOM   520  N N   . TYR A 1 83  ? -2.969  4.774   8.723   1.00 33.02 ? 162 TYR A N   1 
ATOM   521  C CA  . TYR A 1 83  ? -2.066  5.736   9.364   1.00 30.59 ? 162 TYR A CA  1 
ATOM   522  C C   . TYR A 1 83  ? -2.896  6.802   10.068  1.00 30.12 ? 162 TYR A C   1 
ATOM   523  O O   . TYR A 1 83  ? -3.945  7.208   9.578   1.00 28.50 ? 162 TYR A O   1 
ATOM   524  C CB  . TYR A 1 83  ? -1.111  6.388   8.349   1.00 32.22 ? 162 TYR A CB  1 
ATOM   525  C CG  . TYR A 1 83  ? -0.093  5.432   7.732   1.00 33.60 ? 162 TYR A CG  1 
ATOM   526  C CD1 . TYR A 1 83  ? 1.107   5.152   8.368   1.00 31.99 ? 162 TYR A CD1 1 
ATOM   527  C CD2 . TYR A 1 83  ? -0.334  4.828   6.508   1.00 32.64 ? 162 TYR A CD2 1 
ATOM   528  C CE1 . TYR A 1 83  ? 2.048   4.286   7.793   1.00 32.53 ? 162 TYR A CE1 1 
ATOM   529  C CE2 . TYR A 1 83  ? 0.602   3.963   5.927   1.00 31.61 ? 162 TYR A CE2 1 
ATOM   530  C CZ  . TYR A 1 83  ? 1.779   3.699   6.578   1.00 31.15 ? 162 TYR A CZ  1 
ATOM   531  O OH  . TYR A 1 83  ? 2.695   2.845   6.006   1.00 31.79 ? 162 TYR A OH  1 
ATOM   532  N N   . SER A 1 84  ? -2.418  7.252   11.222  1.00 32.31 ? 163 SER A N   1 
ATOM   533  C CA  . SER A 1 84  ? -3.085  8.320   11.960  1.00 34.32 ? 163 SER A CA  1 
ATOM   534  C C   . SER A 1 84  ? -2.199  9.552   11.851  1.00 36.63 ? 163 SER A C   1 
ATOM   535  O O   . SER A 1 84  ? -1.080  9.456   11.329  1.00 35.34 ? 163 SER A O   1 
ATOM   536  C CB  . SER A 1 84  ? -3.271  7.915   13.414  1.00 32.02 ? 163 SER A CB  1 
ATOM   537  O OG  . SER A 1 84  ? -2.017  7.783   14.055  1.00 45.19 ? 163 SER A OG  1 
ATOM   538  N N   . GLY A 1 85  ? -2.689  10.701  12.311  1.00 34.34 ? 164 GLY A N   1 
ATOM   539  C CA  . GLY A 1 85  ? -1.906  11.929  12.328  1.00 34.44 ? 164 GLY A CA  1 
ATOM   540  C C   . GLY A 1 85  ? -1.594  12.516  10.961  1.00 38.63 ? 164 GLY A C   1 
ATOM   541  O O   . GLY A 1 85  ? -0.645  13.299  10.835  1.00 38.29 ? 164 GLY A O   1 
ATOM   542  N N   . ILE A 1 86  ? -2.384  12.160  9.945   1.00 28.52 ? 165 ILE A N   1 
ATOM   543  C CA  . ILE A 1 86  ? -2.160  12.656  8.589   1.00 30.26 ? 165 ILE A CA  1 
ATOM   544  C C   . ILE A 1 86  ? -2.802  14.030  8.344   1.00 32.27 ? 165 ILE A C   1 
ATOM   545  O O   . ILE A 1 86  ? -4.027  14.180  8.416   1.00 29.27 ? 165 ILE A O   1 
ATOM   546  C CB  . ILE A 1 86  ? -2.722  11.677  7.533   1.00 32.82 ? 165 ILE A CB  1 
ATOM   547  C CG1 . ILE A 1 86  ? -2.112  10.281  7.708   1.00 32.82 ? 165 ILE A CG1 1 
ATOM   548  C CG2 . ILE A 1 86  ? -2.485  12.213  6.125   1.00 33.66 ? 165 ILE A CG2 1 
ATOM   549  C CD1 . ILE A 1 86  ? -0.693  10.112  7.148   1.00 34.89 ? 165 ILE A CD1 1 
ATOM   550  N N   . THR A 1 87  ? -1.972  15.020  8.015   1.00 33.04 ? 166 THR A N   1 
ATOM   551  C CA  . THR A 1 87  ? -2.438  16.392  7.757   1.00 34.96 ? 166 THR A CA  1 
ATOM   552  C C   . THR A 1 87  ? -2.492  16.696  6.265   1.00 33.46 ? 166 THR A C   1 
ATOM   553  O O   . THR A 1 87  ? -1.947  15.946  5.458   1.00 32.19 ? 166 THR A O   1 
ATOM   554  C CB  . THR A 1 87  ? -1.456  17.402  8.313   1.00 31.95 ? 166 THR A CB  1 
ATOM   555  O OG1 . THR A 1 87  ? -0.263  17.326  7.524   1.00 35.38 ? 166 THR A OG1 1 
ATOM   556  C CG2 . THR A 1 87  ? -1.109  17.094  9.781   1.00 32.54 ? 166 THR A CG2 1 
ATOM   557  N N   . ASP A 1 88  ? -3.102  17.833  5.929   1.00 33.08 ? 167 ASP A N   1 
ATOM   558  C CA  . ASP A 1 88  ? -3.166  18.364  4.567   1.00 36.43 ? 167 ASP A CA  1 
ATOM   559  C C   . ASP A 1 88  ? -1.805  18.426  3.923   1.00 31.86 ? 167 ASP A C   1 
ATOM   560  O O   . ASP A 1 88  ? -1.625  17.980  2.789   1.00 37.65 ? 167 ASP A O   1 
ATOM   561  C CB  . ASP A 1 88  ? -3.749  19.792  4.569   1.00 41.43 ? 167 ASP A CB  1 
ATOM   562  C CG  . ASP A 1 88  ? -5.229  19.812  4.767   1.00 48.39 ? 167 ASP A CG  1 
ATOM   563  O OD1 . ASP A 1 88  ? -5.823  18.717  4.674   1.00 48.03 ? 167 ASP A OD1 1 
ATOM   564  O OD2 . ASP A 1 88  ? -5.804  20.913  4.998   1.00 50.02 ? 167 ASP A OD2 1 
ATOM   565  N N   . ASP A 1 89  ? -0.843  18.985  4.650   1.00 34.32 ? 168 ASP A N   1 
ATOM   566  C CA  . ASP A 1 89  ? 0.524   19.088  4.139   1.00 38.70 ? 168 ASP A CA  1 
ATOM   567  C C   . ASP A 1 89  ? 1.229   17.728  3.941   1.00 37.30 ? 168 ASP A C   1 
ATOM   568  O O   . ASP A 1 89  ? 2.053   17.576  3.016   1.00 39.81 ? 168 ASP A O   1 
ATOM   569  C CB  . ASP A 1 89  ? 1.332   20.087  4.992   1.00 41.08 ? 168 ASP A CB  1 
ATOM   570  C CG  . ASP A 1 89  ? 0.844   21.532  4.803   1.00 55.19 ? 168 ASP A CG  1 
ATOM   571  O OD1 . ASP A 1 89  ? 0.866   21.996  3.642   1.00 57.83 ? 168 ASP A OD1 1 
ATOM   572  O OD2 . ASP A 1 89  ? 0.407   22.193  5.783   1.00 54.45 ? 168 ASP A OD2 1 
ATOM   573  N N   . ASP A 1 90  ? 0.885   16.736  4.768   1.00 34.64 ? 169 ASP A N   1 
ATOM   574  C CA  . ASP A 1 90  ? 1.372   15.367  4.545   1.00 33.78 ? 169 ASP A CA  1 
ATOM   575  C C   . ASP A 1 90  ? 0.812   14.860  3.225   1.00 36.72 ? 169 ASP A C   1 
ATOM   576  O O   . ASP A 1 90  ? 1.502   14.176  2.456   1.00 35.46 ? 169 ASP A O   1 
ATOM   577  C CB  . ASP A 1 90  ? 0.914   14.410  5.660   1.00 30.61 ? 169 ASP A CB  1 
ATOM   578  C CG  . ASP A 1 90  ? 1.493   14.761  7.029   1.00 34.00 ? 169 ASP A CG  1 
ATOM   579  O OD1 . ASP A 1 90  ? 2.555   15.413  7.099   1.00 34.33 ? 169 ASP A OD1 1 
ATOM   580  O OD2 . ASP A 1 90  ? 0.890   14.369  8.052   1.00 32.73 ? 169 ASP A OD2 1 
ATOM   581  N N   . ILE A 1 91  ? -0.451  15.194  2.971   1.00 33.92 ? 170 ILE A N   1 
ATOM   582  C CA  . ILE A 1 91  ? -1.115  14.750  1.741   1.00 36.62 ? 170 ILE A CA  1 
ATOM   583  C C   . ILE A 1 91  ? -0.434  15.376  0.528   1.00 38.01 ? 170 ILE A C   1 
ATOM   584  O O   . ILE A 1 91  ? -0.203  14.704  -0.472  1.00 41.03 ? 170 ILE A O   1 
ATOM   585  C CB  . ILE A 1 91  ? -2.650  15.054  1.740   1.00 39.36 ? 170 ILE A CB  1 
ATOM   586  C CG1 . ILE A 1 91  ? -3.400  14.093  2.672   1.00 35.19 ? 170 ILE A CG1 1 
ATOM   587  C CG2 . ILE A 1 91  ? -3.231  14.967  0.341   1.00 39.69 ? 170 ILE A CG2 1 
ATOM   588  C CD1 . ILE A 1 91  ? -3.301  12.634  2.278   1.00 35.48 ? 170 ILE A CD1 1 
ATOM   589  N N   . THR A 1 92  ? -0.053  16.648  0.620   1.00 39.54 ? 171 THR A N   1 
ATOM   590  C CA  . THR A 1 92  ? 0.618   17.246  -0.540  1.00 40.85 ? 171 THR A CA  1 
ATOM   591  C C   . THR A 1 92  ? 2.067   16.790  -0.736  1.00 42.25 ? 171 THR A C   1 
ATOM   592  O O   . THR A 1 92  ? 2.542   16.752  -1.873  1.00 45.83 ? 171 THR A O   1 
ATOM   593  C CB  . THR A 1 92  ? 0.474   18.813  -0.617  1.00 46.99 ? 171 THR A CB  1 
ATOM   594  O OG1 . THR A 1 92  ? 1.760   19.434  -0.579  1.00 45.69 ? 171 THR A OG1 1 
ATOM   595  C CG2 . THR A 1 92  ? -0.345  19.331  0.520   1.00 36.88 ? 171 THR A CG2 1 
ATOM   596  N N   . HIS A 1 93  ? 2.763   16.428  0.345   1.00 40.79 ? 172 HIS A N   1 
ATOM   597  C CA  . HIS A 1 93  ? 4.200   16.136  0.231   1.00 41.93 ? 172 HIS A CA  1 
ATOM   598  C C   . HIS A 1 93  ? 4.646   14.683  0.380   1.00 40.38 ? 172 HIS A C   1 
ATOM   599  O O   . HIS A 1 93  ? 5.741   14.329  -0.069  1.00 42.66 ? 172 HIS A O   1 
ATOM   600  C CB  . HIS A 1 93  ? 5.003   16.988  1.216   1.00 39.64 ? 172 HIS A CB  1 
ATOM   601  C CG  . HIS A 1 93  ? 5.075   18.429  0.841   1.00 48.68 ? 172 HIS A CG  1 
ATOM   602  N ND1 . HIS A 1 93  ? 4.263   19.387  1.408   1.00 49.61 ? 172 HIS A ND1 1 
ATOM   603  C CD2 . HIS A 1 93  ? 5.863   19.081  -0.050  1.00 50.50 ? 172 HIS A CD2 1 
ATOM   604  C CE1 . HIS A 1 93  ? 4.549   20.568  0.889   1.00 51.35 ? 172 HIS A CE1 1 
ATOM   605  N NE2 . HIS A 1 93  ? 5.517   20.407  0.002   1.00 54.34 ? 172 HIS A NE2 1 
ATOM   606  N N   . LYS A 1 94  ? 3.847   13.846  1.030   1.00 36.19 ? 173 LYS A N   1 
ATOM   607  C CA  . LYS A 1 94  ? 4.318   12.490  1.310   1.00 35.38 ? 173 LYS A CA  1 
ATOM   608  C C   . LYS A 1 94  ? 4.017   11.507  0.187   1.00 37.63 ? 173 LYS A C   1 
ATOM   609  O O   . LYS A 1 94  ? 3.237   11.800  -0.722  1.00 37.30 ? 173 LYS A O   1 
ATOM   610  C CB  . LYS A 1 94  ? 3.801   11.998  2.666   1.00 31.43 ? 173 LYS A CB  1 
ATOM   611  C CG  . LYS A 1 94  ? 4.455   12.744  3.838   1.00 33.31 ? 173 LYS A CG  1 
ATOM   612  C CD  . LYS A 1 94  ? 4.154   12.083  5.182   1.00 31.95 ? 173 LYS A CD  1 
ATOM   613  C CE  . LYS A 1 94  ? 4.922   12.774  6.294   1.00 33.43 ? 173 LYS A CE  1 
ATOM   614  N NZ  . LYS A 1 94  ? 4.845   12.005  7.557   1.00 32.62 ? 173 LYS A NZ  1 
ATOM   615  N N   . VAL A 1 95  ? 4.672   10.353  0.251   1.00 37.46 ? 174 VAL A N   1 
ATOM   616  C CA  . VAL A 1 95  ? 4.564   9.332   -0.771  1.00 35.97 ? 174 VAL A CA  1 
ATOM   617  C C   . VAL A 1 95  ? 4.397   7.994   -0.074  1.00 36.39 ? 174 VAL A C   1 
ATOM   618  O O   . VAL A 1 95  ? 5.109   7.706   0.900   1.00 34.31 ? 174 VAL A O   1 
ATOM   619  C CB  . VAL A 1 95  ? 5.838   9.260   -1.628  1.00 40.43 ? 174 VAL A CB  1 
ATOM   620  C CG1 . VAL A 1 95  ? 5.714   8.150   -2.640  1.00 40.30 ? 174 VAL A CG1 1 
ATOM   621  C CG2 . VAL A 1 95  ? 6.084   10.576  -2.329  1.00 43.13 ? 174 VAL A CG2 1 
ATOM   622  N N   . LEU A 1 96  ? 3.461   7.181   -0.558  1.00 30.91 ? 175 LEU A N   1 
ATOM   623  C CA  . LEU A 1 96  ? 3.237   5.878   0.032   1.00 31.13 ? 175 LEU A CA  1 
ATOM   624  C C   . LEU A 1 96  ? 3.835   4.799   -0.846  1.00 38.03 ? 175 LEU A C   1 
ATOM   625  O O   . LEU A 1 96  ? 3.335   4.518   -1.956  1.00 33.72 ? 175 LEU A O   1 
ATOM   626  C CB  . LEU A 1 96  ? 1.752   5.619   0.258   1.00 34.30 ? 175 LEU A CB  1 
ATOM   627  C CG  . LEU A 1 96  ? 1.490   4.245   0.890   1.00 34.15 ? 175 LEU A CG  1 
ATOM   628  C CD1 . LEU A 1 96  ? 2.065   4.201   2.286   1.00 31.38 ? 175 LEU A CD1 1 
ATOM   629  C CD2 . LEU A 1 96  ? -0.003  3.911   0.913   1.00 37.09 ? 175 LEU A CD2 1 
ATOM   630  N N   . ARG A 1 97  ? 4.917   4.205   -0.345  1.00 34.54 ? 176 ARG A N   1 
ATOM   631  C CA  . ARG A 1 97  ? 5.566   3.078   -1.015  1.00 36.74 ? 176 ARG A CA  1 
ATOM   632  C C   . ARG A 1 97  ? 4.866   1.778   -0.629  1.00 34.26 ? 176 ARG A C   1 
ATOM   633  O O   . ARG A 1 97  ? 4.740   1.456   0.553   1.00 34.52 ? 176 ARG A O   1 
ATOM   634  C CB  . ARG A 1 97  ? 7.047   3.005   -0.637  1.00 34.83 ? 176 ARG A CB  1 
ATOM   635  C CG  . ARG A 1 97  ? 7.836   1.926   -1.409  1.00 40.02 ? 176 ARG A CG  1 
ATOM   636  C CD  . ARG A 1 97  ? 9.331   1.993   -1.094  1.00 46.67 ? 176 ARG A CD  1 
ATOM   637  N NE  . ARG A 1 97  ? 9.664   1.329   0.166   1.00 47.86 ? 176 ARG A NE  1 
ATOM   638  C CZ  . ARG A 1 97  ? 10.569  1.764   1.041   1.00 49.07 ? 176 ARG A CZ  1 
ATOM   639  N NH1 . ARG A 1 97  ? 11.251  2.880   0.814   1.00 46.12 ? 176 ARG A NH1 1 
ATOM   640  N NH2 . ARG A 1 97  ? 10.793  1.081   2.154   1.00 49.16 ? 176 ARG A NH2 1 
ATOM   641  N N   . ILE A 1 98  ? 4.407   1.035   -1.628  1.00 32.33 ? 177 ILE A N   1 
ATOM   642  C CA  . ILE A 1 98  ? 3.695   -0.213  -1.390  1.00 32.45 ? 177 ILE A CA  1 
ATOM   643  C C   . ILE A 1 98  ? 4.472   -1.357  -2.041  1.00 37.17 ? 177 ILE A C   1 
ATOM   644  O O   . ILE A 1 98  ? 4.583   -1.434  -3.264  1.00 40.38 ? 177 ILE A O   1 
ATOM   645  C CB  . ILE A 1 98  ? 2.283   -0.151  -1.974  1.00 33.84 ? 177 ILE A CB  1 
ATOM   646  C CG1 . ILE A 1 98  ? 1.566   1.107   -1.475  1.00 31.61 ? 177 ILE A CG1 1 
ATOM   647  C CG2 . ILE A 1 98  ? 1.483   -1.395  -1.599  1.00 30.66 ? 177 ILE A CG2 1 
ATOM   648  C CD1 . ILE A 1 98  ? 0.228   1.343   -2.149  1.00 33.67 ? 177 ILE A CD1 1 
ATOM   649  N N   . ALA A 1 99  ? 5.010   -2.254  -1.226  1.00 36.23 ? 178 ALA A N   1 
ATOM   650  C CA  . ALA A 1 99  ? 5.853   -3.322  -1.752  1.00 34.65 ? 178 ALA A CA  1 
ATOM   651  C C   . ALA A 1 99  ? 5.283   -4.704  -1.438  1.00 34.50 ? 178 ALA A C   1 
ATOM   652  O O   . ALA A 1 99  ? 4.929   -4.987  -0.312  1.00 36.31 ? 178 ALA A O   1 
ATOM   653  C CB  . ALA A 1 99  ? 7.258   -3.183  -1.200  1.00 37.29 ? 178 ALA A CB  1 
ATOM   654  N N   . VAL A 1 100 ? 5.174   -5.570  -2.436  1.00 36.66 ? 179 VAL A N   1 
ATOM   655  C CA  . VAL A 1 100 ? 4.909   -6.966  -2.139  1.00 32.39 ? 179 VAL A CA  1 
ATOM   656  C C   . VAL A 1 100 ? 6.195   -7.811  -2.130  1.00 36.89 ? 179 VAL A C   1 
ATOM   657  O O   . VAL A 1 100 ? 7.047   -7.758  -3.058  1.00 34.92 ? 179 VAL A O   1 
ATOM   658  C CB  . VAL A 1 100 ? 3.738   -7.584  -2.962  1.00 38.64 ? 179 VAL A CB  1 
ATOM   659  C CG1 . VAL A 1 100 ? 3.213   -6.612  -4.013  1.00 37.81 ? 179 VAL A CG1 1 
ATOM   660  C CG2 . VAL A 1 100 ? 4.132   -8.897  -3.547  1.00 34.78 ? 179 VAL A CG2 1 
ATOM   661  N N   . CYS A 1 101 ? 6.322   -8.556  -1.033  1.00 32.82 ? 180 CYS A N   1 
ATOM   662  C CA  . CYS A 1 101 ? 7.481   -9.386  -0.754  1.00 36.36 ? 180 CYS A CA  1 
ATOM   663  C C   . CYS A 1 101 ? 7.117   -10.848 -0.502  1.00 34.47 ? 180 CYS A C   1 
ATOM   664  O O   . CYS A 1 101 ? 5.962   -11.176 -0.226  1.00 32.86 ? 180 CYS A O   1 
ATOM   665  C CB  . CYS A 1 101 ? 8.232   -8.825  0.455   1.00 35.19 ? 180 CYS A CB  1 
ATOM   666  S SG  . CYS A 1 101 ? 8.853   -7.166  0.194   1.00 45.21 ? 180 CYS A SG  1 
ATOM   667  N N   . ASP A 1 102 ? 8.136   -11.704 -0.589  1.00 33.89 ? 181 ASP A N   1 
ATOM   668  C CA  . ASP A 1 102 ? 8.012   -13.141 -0.390  1.00 37.31 ? 181 ASP A CA  1 
ATOM   669  C C   . ASP A 1 102 ? 8.629   -13.487 0.964   1.00 38.69 ? 181 ASP A C   1 
ATOM   670  O O   . ASP A 1 102 ? 9.840   -13.338 1.160   1.00 35.32 ? 181 ASP A O   1 
ATOM   671  C CB  . ASP A 1 102 ? 8.792   -13.870 -1.494  1.00 38.91 ? 181 ASP A CB  1 
ATOM   672  C CG  . ASP A 1 102 ? 8.290   -15.272 -1.745  1.00 36.43 ? 181 ASP A CG  1 
ATOM   673  O OD1 . ASP A 1 102 ? 7.542   -15.815 -0.907  1.00 38.08 ? 181 ASP A OD1 1 
ATOM   674  O OD2 . ASP A 1 102 ? 8.652   -15.845 -2.794  1.00 40.25 ? 181 ASP A OD2 1 
ATOM   675  N N   . GLU A 1 103 ? 7.808   -13.951 1.900   1.00 33.54 ? 182 GLU A N   1 
ATOM   676  C CA  . GLU A 1 103 ? 8.275   -14.191 3.261   1.00 37.41 ? 182 GLU A CA  1 
ATOM   677  C C   . GLU A 1 103 ? 9.247   -15.366 3.342   1.00 39.81 ? 182 GLU A C   1 
ATOM   678  O O   . GLU A 1 103 ? 9.304   -16.215 2.453   1.00 35.08 ? 182 GLU A O   1 
ATOM   679  C CB  . GLU A 1 103 ? 7.087   -14.489 4.173   1.00 31.89 ? 182 GLU A CB  1 
ATOM   680  C CG  . GLU A 1 103 ? 7.413   -14.516 5.658   1.00 45.17 ? 182 GLU A CG  1 
ATOM   681  C CD  . GLU A 1 103 ? 6.294   -15.108 6.489   1.00 50.51 ? 182 GLU A CD  1 
ATOM   682  O OE1 . GLU A 1 103 ? 6.166   -16.357 6.523   1.00 52.46 ? 182 GLU A OE1 1 
ATOM   683  O OE2 . GLU A 1 103 ? 5.541   -14.327 7.102   1.00 46.46 ? 182 GLU A OE2 1 
ATOM   684  N N   . ASP A 1 104 ? 10.027  -15.393 4.415   1.00 37.78 ? 183 ASP A N   1 
ATOM   685  C CA  . ASP A 1 104 ? 10.757  -16.593 4.782   1.00 41.06 ? 183 ASP A CA  1 
ATOM   686  C C   . ASP A 1 104 ? 10.393  -17.013 6.201   1.00 38.48 ? 183 ASP A C   1 
ATOM   687  O O   . ASP A 1 104 ? 10.608  -16.260 7.159   1.00 38.10 ? 183 ASP A O   1 
ATOM   688  C CB  . ASP A 1 104 ? 12.247  -16.339 4.654   1.00 44.92 ? 183 ASP A CB  1 
ATOM   689  C CG  . ASP A 1 104 ? 12.748  -16.523 3.241   1.00 38.75 ? 183 ASP A CG  1 
ATOM   690  O OD1 . ASP A 1 104 ? 13.340  -17.572 2.991   1.00 42.93 ? 183 ASP A OD1 1 
ATOM   691  O OD2 . ASP A 1 104 ? 12.573  -15.635 2.384   1.00 37.24 ? 183 ASP A OD2 1 
ATOM   692  N N   . GLU A 1 110 ? 12.886  -11.503 0.031   1.00 51.01 ? 189 GLU A N   1 
ATOM   693  C CA  . GLU A 1 110 ? 13.037  -11.276 -1.411  1.00 46.40 ? 189 GLU A CA  1 
ATOM   694  C C   . GLU A 1 110 ? 11.893  -10.389 -1.961  1.00 47.47 ? 189 GLU A C   1 
ATOM   695  O O   . GLU A 1 110 ? 10.717  -10.537 -1.604  1.00 43.79 ? 189 GLU A O   1 
ATOM   696  C CB  . GLU A 1 110 ? 13.160  -12.606 -2.163  1.00 47.83 ? 189 GLU A CB  1 
ATOM   697  C CG  . GLU A 1 110 ? 13.737  -12.482 -3.568  1.00 50.16 ? 189 GLU A CG  1 
ATOM   698  C CD  . GLU A 1 110 ? 15.192  -12.915 -3.667  1.00 54.83 ? 189 GLU A CD  1 
ATOM   699  O OE1 . GLU A 1 110 ? 15.428  -14.083 -4.042  1.00 58.67 ? 189 GLU A OE1 1 
ATOM   700  O OE2 . GLU A 1 110 ? 16.099  -12.096 -3.389  1.00 54.53 ? 189 GLU A OE2 1 
ATOM   701  N N   . PHE A 1 111 ? 12.272  -9.443  -2.810  1.00 47.79 ? 190 PHE A N   1 
ATOM   702  C CA  . PHE A 1 111 ? 11.381  -8.412  -3.324  1.00 43.56 ? 190 PHE A CA  1 
ATOM   703  C C   . PHE A 1 111 ? 10.618  -8.944  -4.539  1.00 46.74 ? 190 PHE A C   1 
ATOM   704  O O   . PHE A 1 111 ? 11.233  -9.466  -5.479  1.00 42.80 ? 190 PHE A O   1 
ATOM   705  C CB  . PHE A 1 111 ? 12.254  -7.217  -3.715  1.00 46.94 ? 190 PHE A CB  1 
ATOM   706  C CG  . PHE A 1 111 ? 11.506  -6.051  -4.274  1.00 47.46 ? 190 PHE A CG  1 
ATOM   707  C CD1 . PHE A 1 111 ? 10.722  -5.256  -3.453  1.00 48.47 ? 190 PHE A CD1 1 
ATOM   708  C CD2 . PHE A 1 111 ? 11.628  -5.712  -5.615  1.00 48.76 ? 190 PHE A CD2 1 
ATOM   709  C CE1 . PHE A 1 111 ? 10.041  -4.171  -3.964  1.00 47.07 ? 190 PHE A CE1 1 
ATOM   710  C CE2 . PHE A 1 111 ? 10.948  -4.619  -6.127  1.00 50.63 ? 190 PHE A CE2 1 
ATOM   711  C CZ  . PHE A 1 111 ? 10.156  -3.855  -5.300  1.00 47.88 ? 190 PHE A CZ  1 
ATOM   712  N N   . ILE A 1 112 ? 9.287   -8.855  -4.533  1.00 39.31 ? 191 ILE A N   1 
ATOM   713  C CA  . ILE A 1 112 ? 8.548   -9.271  -5.721  1.00 37.87 ? 191 ILE A CA  1 
ATOM   714  C C   . ILE A 1 112 ? 8.197   -8.071  -6.586  1.00 43.90 ? 191 ILE A C   1 
ATOM   715  O O   . ILE A 1 112 ? 8.401   -8.107  -7.799  1.00 39.98 ? 191 ILE A O   1 
ATOM   716  C CB  . ILE A 1 112 ? 7.284   -10.096 -5.412  1.00 41.70 ? 191 ILE A CB  1 
ATOM   717  C CG1 . ILE A 1 112 ? 7.646   -11.404 -4.710  1.00 39.68 ? 191 ILE A CG1 1 
ATOM   718  C CG2 . ILE A 1 112 ? 6.547   -10.435 -6.700  1.00 42.84 ? 191 ILE A CG2 1 
ATOM   719  C CD1 . ILE A 1 112 ? 6.434   -12.221 -4.332  1.00 37.34 ? 191 ILE A CD1 1 
ATOM   720  N N   . GLY A 1 113 ? 7.663   -7.008  -5.982  1.00 39.40 ? 192 GLY A N   1 
ATOM   721  C CA  . GLY A 1 113 ? 7.415   -5.813  -6.779  1.00 40.09 ? 192 GLY A CA  1 
ATOM   722  C C   . GLY A 1 113 ? 6.842   -4.676  -5.972  1.00 43.41 ? 192 GLY A C   1 
ATOM   723  O O   . GLY A 1 113 ? 6.394   -4.891  -4.857  1.00 38.77 ? 192 GLY A O   1 
ATOM   724  N N   . GLU A 1 114 ? 6.843   -3.467  -6.519  1.00 42.77 ? 193 GLU A N   1 
ATOM   725  C CA  . GLU A 1 114 ? 6.390   -2.332  -5.736  1.00 41.62 ? 193 GLU A CA  1 
ATOM   726  C C   . GLU A 1 114 ? 5.751   -1.269  -6.596  1.00 45.14 ? 193 GLU A C   1 
ATOM   727  O O   . GLU A 1 114 ? 5.959   -1.215  -7.806  1.00 41.46 ? 193 GLU A O   1 
ATOM   728  C CB  . GLU A 1 114 ? 7.554   -1.686  -4.991  1.00 42.39 ? 193 GLU A CB  1 
ATOM   729  C CG  . GLU A 1 114 ? 8.381   -0.785  -5.888  1.00 47.19 ? 193 GLU A CG  1 
ATOM   730  C CD  . GLU A 1 114 ? 9.421   0.003   -5.132  1.00 52.11 ? 193 GLU A CD  1 
ATOM   731  O OE1 . GLU A 1 114 ? 9.833   -0.438  -4.037  1.00 54.87 ? 193 GLU A OE1 1 
ATOM   732  O OE2 . GLU A 1 114 ? 9.835   1.067   -5.636  1.00 57.06 ? 193 GLU A OE2 1 
ATOM   733  N N   . ILE A 1 115 ? 4.966   -0.414  -5.959  1.00 39.83 ? 194 ILE A N   1 
ATOM   734  C CA  . ILE A 1 115 ? 4.556   0.818   -6.601  1.00 43.24 ? 194 ILE A CA  1 
ATOM   735  C C   . ILE A 1 115 ? 4.713   1.961   -5.630  1.00 44.25 ? 194 ILE A C   1 
ATOM   736  O O   . ILE A 1 115 ? 4.792   1.757   -4.416  1.00 38.83 ? 194 ILE A O   1 
ATOM   737  C CB  . ILE A 1 115 ? 3.121   0.780   -7.095  1.00 45.32 ? 194 ILE A CB  1 
ATOM   738  C CG1 . ILE A 1 115 ? 2.184   0.465   -5.943  1.00 44.18 ? 194 ILE A CG1 1 
ATOM   739  C CG2 . ILE A 1 115 ? 2.956   -0.243  -8.199  1.00 49.52 ? 194 ILE A CG2 1 
ATOM   740  C CD1 . ILE A 1 115 ? 0.893   1.143   -6.089  1.00 46.31 ? 194 ILE A CD1 1 
ATOM   741  N N   . ARG A 1 116 ? 4.744   3.167   -6.178  1.00 45.36 ? 195 ARG A N   1 
ATOM   742  C CA  . ARG A 1 116 ? 4.988   4.364   -5.399  1.00 46.46 ? 195 ARG A CA  1 
ATOM   743  C C   . ARG A 1 116 ? 3.856   5.362   -5.657  1.00 45.19 ? 195 ARG A C   1 
ATOM   744  O O   . ARG A 1 116 ? 3.678   5.812   -6.790  1.00 45.83 ? 195 ARG A O   1 
ATOM   745  C CB  . ARG A 1 116 ? 6.329   4.948   -5.843  1.00 49.91 ? 195 ARG A CB  1 
ATOM   746  C CG  . ARG A 1 116 ? 6.991   5.786   -4.795  1.00 53.99 ? 195 ARG A CG  1 
ATOM   747  C CD  . ARG A 1 116 ? 8.315   6.422   -5.266  1.00 61.09 ? 195 ARG A CD  1 
ATOM   748  N NE  . ARG A 1 116 ? 8.247   7.405   -6.367  1.00 65.27 ? 195 ARG A NE  1 
ATOM   749  C CZ  . ARG A 1 116 ? 7.361   8.395   -6.518  1.00 61.18 ? 195 ARG A CZ  1 
ATOM   750  N NH1 . ARG A 1 116 ? 6.379   8.586   -5.663  1.00 52.92 ? 195 ARG A NH1 1 
ATOM   751  N NH2 . ARG A 1 116 ? 7.449   9.200   -7.569  1.00 64.53 ? 195 ARG A NH2 1 
ATOM   752  N N   . VAL A 1 117 ? 3.079   5.693   -4.623  1.00 42.07 ? 196 VAL A N   1 
ATOM   753  C CA  . VAL A 1 117 ? 1.922   6.570   -4.804  1.00 40.52 ? 196 VAL A CA  1 
ATOM   754  C C   . VAL A 1 117 ? 2.044   7.898   -4.050  1.00 39.22 ? 196 VAL A C   1 
ATOM   755  O O   . VAL A 1 117 ? 1.961   7.928   -2.826  1.00 35.56 ? 196 VAL A O   1 
ATOM   756  C CB  . VAL A 1 117 ? 0.610   5.869   -4.377  1.00 37.67 ? 196 VAL A CB  1 
ATOM   757  C CG1 . VAL A 1 117 ? -0.585  6.805   -4.542  1.00 43.95 ? 196 VAL A CG1 1 
ATOM   758  C CG2 . VAL A 1 117 ? 0.395   4.610   -5.179  1.00 44.60 ? 196 VAL A CG2 1 
ATOM   759  N N   . PRO A 1 118 ? 2.219   9.007   -4.787  1.00 41.06 ? 197 PRO A N   1 
ATOM   760  C CA  . PRO A 1 118 ? 2.156   10.340  -4.175  1.00 43.16 ? 197 PRO A CA  1 
ATOM   761  C C   . PRO A 1 118 ? 0.761   10.586  -3.601  1.00 42.61 ? 197 PRO A C   1 
ATOM   762  O O   . PRO A 1 118 ? -0.218  10.453  -4.342  1.00 43.15 ? 197 PRO A O   1 
ATOM   763  C CB  . PRO A 1 118 ? 2.389   11.278  -5.365  1.00 45.96 ? 197 PRO A CB  1 
ATOM   764  C CG  . PRO A 1 118 ? 3.140   10.444  -6.355  1.00 46.97 ? 197 PRO A CG  1 
ATOM   765  C CD  . PRO A 1 118 ? 2.544   9.074   -6.221  1.00 47.92 ? 197 PRO A CD  1 
ATOM   766  N N   . LEU A 1 119 ? 0.660   10.945  -2.321  1.00 41.77 ? 198 LEU A N   1 
ATOM   767  C CA  . LEU A 1 119 ? -0.646  11.086  -1.678  1.00 40.10 ? 198 LEU A CA  1 
ATOM   768  C C   . LEU A 1 119 ? -1.467  12.255  -2.227  1.00 41.53 ? 198 LEU A C   1 
ATOM   769  O O   . LEU A 1 119 ? -2.677  12.311  -2.025  1.00 35.49 ? 198 LEU A O   1 
ATOM   770  C CB  . LEU A 1 119 ? -0.500  11.207  -0.150  1.00 39.16 ? 198 LEU A CB  1 
ATOM   771  C CG  . LEU A 1 119 ? 0.052   10.008  0.639   1.00 40.81 ? 198 LEU A CG  1 
ATOM   772  C CD1 . LEU A 1 119 ? 0.029   10.278  2.146   1.00 34.23 ? 198 LEU A CD1 1 
ATOM   773  C CD2 . LEU A 1 119 ? -0.732  8.747   0.316   1.00 36.60 ? 198 LEU A CD2 1 
ATOM   774  N N   . ARG A 1 120 ? -0.818  13.172  -2.939  1.00 38.92 ? 199 ARG A N   1 
ATOM   775  C CA  . ARG A 1 120 ? -1.513  14.349  -3.448  1.00 47.30 ? 199 ARG A CA  1 
ATOM   776  C C   . ARG A 1 120 ? -2.481  13.991  -4.575  1.00 45.11 ? 199 ARG A C   1 
ATOM   777  O O   . ARG A 1 120 ? -3.194  14.852  -5.089  1.00 48.20 ? 199 ARG A O   1 
ATOM   778  C CB  . ARG A 1 120 ? -0.516  15.425  -3.892  1.00 48.70 ? 199 ARG A CB  1 
ATOM   779  C CG  . ARG A 1 120 ? 0.338   15.030  -5.083  1.00 50.77 ? 199 ARG A CG  1 
ATOM   780  C CD  . ARG A 1 120 ? 1.039   16.248  -5.676  1.00 56.85 ? 199 ARG A CD  1 
ATOM   781  N NE  . ARG A 1 120 ? 2.251   16.609  -4.941  1.00 67.10 ? 199 ARG A NE  1 
ATOM   782  C CZ  . ARG A 1 120 ? 3.036   17.637  -5.253  1.00 69.44 ? 199 ARG A CZ  1 
ATOM   783  N NH1 . ARG A 1 120 ? 2.735   18.412  -6.288  1.00 70.55 ? 199 ARG A NH1 1 
ATOM   784  N NH2 . ARG A 1 120 ? 4.119   17.892  -4.530  1.00 64.72 ? 199 ARG A NH2 1 
ATOM   785  N N   . ARG A 1 121 ? -2.528  12.717  -4.936  1.00 44.85 ? 200 ARG A N   1 
ATOM   786  C CA  . ARG A 1 121 ? -3.511  12.244  -5.908  1.00 45.64 ? 200 ARG A CA  1 
ATOM   787  C C   . ARG A 1 121 ? -4.839  11.926  -5.233  1.00 48.07 ? 200 ARG A C   1 
ATOM   788  O O   . ARG A 1 121 ? -5.803  11.556  -5.902  1.00 49.84 ? 200 ARG A O   1 
ATOM   789  C CB  . ARG A 1 121 ? -2.993  11.004  -6.631  1.00 50.82 ? 200 ARG A CB  1 
ATOM   790  C CG  . ARG A 1 121 ? -1.836  11.270  -7.602  1.00 56.71 ? 200 ARG A CG  1 
ATOM   791  C CD  . ARG A 1 121 ? -1.529  10.041  -8.451  1.00 65.23 ? 200 ARG A CD  1 
ATOM   792  N NE  . ARG A 1 121 ? -0.260  10.175  -9.165  1.00 67.58 ? 200 ARG A NE  1 
ATOM   793  C CZ  . ARG A 1 121 ? 0.552   9.162   -9.451  1.00 69.08 ? 200 ARG A CZ  1 
ATOM   794  N NH1 . ARG A 1 121 ? 0.235   7.924   -9.084  1.00 69.58 ? 200 ARG A NH1 1 
ATOM   795  N NH2 . ARG A 1 121 ? 1.690   9.385   -10.097 1.00 69.95 ? 200 ARG A NH2 1 
ATOM   796  N N   . LEU A 1 122 ? -4.890  12.085  -3.912  1.00 42.17 ? 201 LEU A N   1 
ATOM   797  C CA  . LEU A 1 122 ? -6.092  11.757  -3.150  1.00 38.01 ? 201 LEU A CA  1 
ATOM   798  C C   . LEU A 1 122 ? -6.917  13.003  -2.835  1.00 45.26 ? 201 LEU A C   1 
ATOM   799  O O   . LEU A 1 122 ? -6.367  14.100  -2.694  1.00 43.76 ? 201 LEU A O   1 
ATOM   800  C CB  . LEU A 1 122 ? -5.713  11.053  -1.851  1.00 38.76 ? 201 LEU A CB  1 
ATOM   801  C CG  . LEU A 1 122 ? -5.035  9.692   -1.954  1.00 39.34 ? 201 LEU A CG  1 
ATOM   802  C CD1 . LEU A 1 122 ? -4.771  9.131   -0.556  1.00 36.90 ? 201 LEU A CD1 1 
ATOM   803  C CD2 . LEU A 1 122 ? -5.880  8.739   -2.764  1.00 33.01 ? 201 LEU A CD2 1 
ATOM   804  N N   . LYS A 1 123 ? -8.236  12.838  -2.759  1.00 44.96 ? 202 LYS A N   1 
ATOM   805  C CA  . LYS A 1 123 ? -9.127  13.929  -2.347  1.00 43.88 ? 202 LYS A CA  1 
ATOM   806  C C   . LYS A 1 123 ? -9.828  13.553  -1.049  1.00 40.07 ? 202 LYS A C   1 
ATOM   807  O O   . LYS A 1 123 ? -10.182 12.393  -0.852  1.00 39.04 ? 202 LYS A O   1 
ATOM   808  C CB  . LYS A 1 123 ? -10.154 14.253  -3.446  1.00 47.80 ? 202 LYS A CB  1 
ATOM   809  C CG  . LYS A 1 123 ? -9.562  14.976  -4.657  1.00 48.53 ? 202 LYS A CG  1 
ATOM   810  C CD  . LYS A 1 123 ? -10.644 15.470  -5.619  1.00 55.03 ? 202 LYS A CD  1 
ATOM   811  C CE  . LYS A 1 123 ? -10.811 14.542  -6.813  1.00 55.52 ? 202 LYS A CE  1 
ATOM   812  N NZ  . LYS A 1 123 ? -11.811 15.035  -7.811  1.00 65.46 ? 202 LYS A NZ  1 
ATOM   813  N N   . PRO A 1 124 ? -10.015 14.530  -0.147  1.00 45.31 ? 203 PRO A N   1 
ATOM   814  C CA  . PRO A 1 124 ? -10.643 14.271  1.157   1.00 41.81 ? 203 PRO A CA  1 
ATOM   815  C C   . PRO A 1 124 ? -11.980 13.533  1.048   1.00 45.78 ? 203 PRO A C   1 
ATOM   816  O O   . PRO A 1 124 ? -12.874 13.962  0.296   1.00 46.01 ? 203 PRO A O   1 
ATOM   817  C CB  . PRO A 1 124 ? -10.862 15.680  1.721   1.00 40.17 ? 203 PRO A CB  1 
ATOM   818  C CG  . PRO A 1 124 ? -9.752  16.477  1.121   1.00 41.68 ? 203 PRO A CG  1 
ATOM   819  C CD  . PRO A 1 124 ? -9.568  15.931  -0.278  1.00 46.32 ? 203 PRO A CD  1 
ATOM   820  N N   . SER A 1 125 ? -12.099 12.430  1.790   1.00 41.67 ? 204 SER A N   1 
ATOM   821  C CA  . SER A 1 125 ? -13.327 11.636  1.871   1.00 43.12 ? 204 SER A CA  1 
ATOM   822  C C   . SER A 1 125 ? -13.715 10.952  0.555   1.00 46.38 ? 204 SER A C   1 
ATOM   823  O O   . SER A 1 125 ? -14.838 10.456  0.412   1.00 49.34 ? 204 SER A O   1 
ATOM   824  C CB  . SER A 1 125 ? -14.480 12.485  2.421   1.00 46.60 ? 204 SER A CB  1 
ATOM   825  O OG  . SER A 1 125 ? -14.766 13.550  1.536   1.00 53.07 ? 204 SER A OG  1 
ATOM   826  N N   . GLN A 1 126 ? -12.780 10.885  -0.390  1.00 39.94 ? 205 GLN A N   1 
ATOM   827  C CA  . GLN A 1 126 ? -13.053 10.222  -1.660  1.00 42.82 ? 205 GLN A CA  1 
ATOM   828  C C   . GLN A 1 126 ? -12.158 9.001   -1.801  1.00 43.05 ? 205 GLN A C   1 
ATOM   829  O O   . GLN A 1 126 ? -10.950 9.130   -2.054  1.00 38.65 ? 205 GLN A O   1 
ATOM   830  C CB  . GLN A 1 126 ? -12.870 11.194  -2.836  1.00 40.07 ? 205 GLN A CB  1 
ATOM   831  C CG  . GLN A 1 126 ? -13.829 12.389  -2.797  1.00 49.84 ? 205 GLN A CG  1 
ATOM   832  C CD  . GLN A 1 126 ? -13.618 13.364  -3.946  1.00 55.30 ? 205 GLN A CD  1 
ATOM   833  O OE1 . GLN A 1 126 ? -12.993 13.028  -4.955  1.00 60.19 ? 205 GLN A OE1 1 
ATOM   834  N NE2 . GLN A 1 126 ? -14.132 14.582  -3.793  1.00 54.43 ? 205 GLN A NE2 1 
ATOM   835  N N   . LYS A 1 127 ? -12.748 7.821   -1.616  1.00 38.13 ? 206 LYS A N   1 
ATOM   836  C CA  . LYS A 1 127 ? -12.004 6.580   -1.774  1.00 43.66 ? 206 LYS A CA  1 
ATOM   837  C C   . LYS A 1 127 ? -11.520 6.461   -3.206  1.00 41.65 ? 206 LYS A C   1 
ATOM   838  O O   . LYS A 1 127 ? -12.300 6.599   -4.144  1.00 43.45 ? 206 LYS A O   1 
ATOM   839  C CB  . LYS A 1 127 ? -12.860 5.359   -1.424  1.00 43.10 ? 206 LYS A CB  1 
ATOM   840  C CG  . LYS A 1 127 ? -12.134 4.037   -1.663  1.00 40.77 ? 206 LYS A CG  1 
ATOM   841  C CD  . LYS A 1 127 ? -12.799 2.880   -0.930  1.00 40.93 ? 206 LYS A CD  1 
ATOM   842  C CE  . LYS A 1 127 ? -13.051 3.255   0.518   1.00 46.18 ? 206 LYS A CE  1 
ATOM   843  N NZ  . LYS A 1 127 ? -13.177 2.062   1.404   1.00 50.84 ? 206 LYS A NZ  1 
ATOM   844  N N   . LYS A 1 128 ? -10.227 6.228   -3.378  1.00 37.39 ? 207 LYS A N   1 
ATOM   845  C CA  . LYS A 1 128 ? -9.690  5.976   -4.704  1.00 40.14 ? 207 LYS A CA  1 
ATOM   846  C C   . LYS A 1 128 ? -9.275  4.524   -4.820  1.00 39.42 ? 207 LYS A C   1 
ATOM   847  O O   . LYS A 1 128 ? -8.583  4.002   -3.955  1.00 37.12 ? 207 LYS A O   1 
ATOM   848  C CB  . LYS A 1 128 ? -8.504  6.888   -5.005  1.00 39.40 ? 207 LYS A CB  1 
ATOM   849  C CG  . LYS A 1 128 ? -8.102  6.847   -6.462  1.00 44.90 ? 207 LYS A CG  1 
ATOM   850  C CD  . LYS A 1 128 ? -7.081  7.923   -6.790  1.00 51.14 ? 207 LYS A CD  1 
ATOM   851  C CE  . LYS A 1 128 ? -6.583  7.729   -8.216  1.00 52.77 ? 207 LYS A CE  1 
ATOM   852  N NZ  . LYS A 1 128 ? -5.146  8.113   -8.377  1.00 61.88 ? 207 LYS A NZ  1 
ATOM   853  N N   . HIS A 1 129 ? -9.716  3.876   -5.895  1.00 39.79 ? 208 HIS A N   1 
ATOM   854  C CA  . HIS A 1 129 ? -9.426  2.467   -6.136  1.00 38.87 ? 208 HIS A CA  1 
ATOM   855  C C   . HIS A 1 129 ? -8.283  2.355   -7.140  1.00 38.60 ? 208 HIS A C   1 
ATOM   856  O O   . HIS A 1 129 ? -8.303  2.992   -8.190  1.00 44.55 ? 208 HIS A O   1 
ATOM   857  C CB  . HIS A 1 129 ? -10.674 1.735   -6.664  1.00 39.22 ? 208 HIS A CB  1 
ATOM   858  C CG  . HIS A 1 129 ? -11.896 1.915   -5.809  1.00 44.63 ? 208 HIS A CG  1 
ATOM   859  N ND1 . HIS A 1 129 ? -12.712 3.026   -5.897  1.00 45.24 ? 208 HIS A ND1 1 
ATOM   860  C CD2 . HIS A 1 129 ? -12.453 1.119   -4.864  1.00 44.39 ? 208 HIS A CD2 1 
ATOM   861  C CE1 . HIS A 1 129 ? -13.708 2.911   -5.036  1.00 43.48 ? 208 HIS A CE1 1 
ATOM   862  N NE2 . HIS A 1 129 ? -13.574 1.762   -4.396  1.00 47.71 ? 208 HIS A NE2 1 
ATOM   863  N N   . PHE A 1 130 ? -7.278  1.558   -6.794  1.00 37.83 ? 209 PHE A N   1 
ATOM   864  C CA  . PHE A 1 130 ? -6.120  1.312   -7.648  1.00 38.43 ? 209 PHE A CA  1 
ATOM   865  C C   . PHE A 1 130 ? -6.025  -0.156  -8.060  1.00 39.05 ? 209 PHE A C   1 
ATOM   866  O O   . PHE A 1 130 ? -6.232  -1.067  -7.238  1.00 37.24 ? 209 PHE A O   1 
ATOM   867  C CB  . PHE A 1 130 ? -4.827  1.680   -6.917  1.00 38.14 ? 209 PHE A CB  1 
ATOM   868  C CG  . PHE A 1 130 ? -4.709  3.142   -6.556  1.00 39.10 ? 209 PHE A CG  1 
ATOM   869  C CD1 . PHE A 1 130 ? -3.934  3.999   -7.325  1.00 43.18 ? 209 PHE A CD1 1 
ATOM   870  C CD2 . PHE A 1 130 ? -5.333  3.649   -5.430  1.00 38.30 ? 209 PHE A CD2 1 
ATOM   871  C CE1 . PHE A 1 130 ? -3.798  5.334   -6.989  1.00 42.48 ? 209 PHE A CE1 1 
ATOM   872  C CE2 . PHE A 1 130 ? -5.198  4.992   -5.091  1.00 37.70 ? 209 PHE A CE2 1 
ATOM   873  C CZ  . PHE A 1 130 ? -4.432  5.830   -5.877  1.00 37.84 ? 209 PHE A CZ  1 
ATOM   874  N N   . ASN A 1 131 ? -5.702  -0.354  -9.340  1.00 43.47 ? 210 ASN A N   1 
ATOM   875  C CA  . ASN A 1 131 ? -5.300  -1.638  -9.907  1.00 42.68 ? 210 ASN A CA  1 
ATOM   876  C C   . ASN A 1 131 ? -4.055  -1.375  -10.739 1.00 44.38 ? 210 ASN A C   1 
ATOM   877  O O   . ASN A 1 131 ? -4.152  -0.975  -11.900 1.00 47.40 ? 210 ASN A O   1 
ATOM   878  C CB  . ASN A 1 131 ? -6.387  -2.208  -10.816 1.00 45.57 ? 210 ASN A CB  1 
ATOM   879  C CG  . ASN A 1 131 ? -6.015  -3.559  -11.392 1.00 50.60 ? 210 ASN A CG  1 
ATOM   880  O OD1 . ASN A 1 131 ? -4.846  -3.840  -11.682 1.00 54.09 ? 210 ASN A OD1 1 
ATOM   881  N ND2 . ASN A 1 131 ? -7.009  -4.407  -11.560 1.00 51.17 ? 210 ASN A ND2 1 
ATOM   882  N N   . ILE A 1 132 ? -2.886  -1.628  -10.172 1.00 38.17 ? 211 ILE A N   1 
ATOM   883  C CA  . ILE A 1 132 ? -1.673  -1.109  -10.783 1.00 37.54 ? 211 ILE A CA  1 
ATOM   884  C C   . ILE A 1 132 ? -0.687  -2.239  -11.040 1.00 43.88 ? 211 ILE A C   1 
ATOM   885  O O   . ILE A 1 132 ? -0.657  -3.210  -10.294 1.00 44.05 ? 211 ILE A O   1 
ATOM   886  C CB  . ILE A 1 132 ? -1.054  0.018   -9.890  1.00 38.61 ? 211 ILE A CB  1 
ATOM   887  C CG1 . ILE A 1 132 ? -1.992  1.239   -9.848  1.00 38.33 ? 211 ILE A CG1 1 
ATOM   888  C CG2 . ILE A 1 132 ? 0.302   0.466   -10.397 1.00 40.19 ? 211 ILE A CG2 1 
ATOM   889  C CD1 . ILE A 1 132 ? -1.351  2.480   -9.240  1.00 42.63 ? 211 ILE A CD1 1 
ATOM   890  N N   . CYS A 1 133 ? 0.104   -2.124  -12.104 1.00 42.69 ? 212 CYS A N   1 
ATOM   891  C CA  . CYS A 1 133 ? 1.150   -3.101  -12.380 1.00 43.01 ? 212 CYS A CA  1 
ATOM   892  C C   . CYS A 1 133 ? 2.357   -2.862  -11.482 1.00 42.82 ? 212 CYS A C   1 
ATOM   893  O O   . CYS A 1 133 ? 2.917   -1.762  -11.463 1.00 45.78 ? 212 CYS A O   1 
ATOM   894  C CB  . CYS A 1 133 ? 1.585   -3.018  -13.838 1.00 43.12 ? 212 CYS A CB  1 
ATOM   895  S SG  . CYS A 1 133 ? 0.316   -3.541  -15.016 1.00 50.70 ? 212 CYS A SG  1 
ATOM   896  N N   . LEU A 1 134 ? 2.752   -3.890  -10.733 1.00 43.56 ? 213 LEU A N   1 
ATOM   897  C CA  . LEU A 1 134 ? 3.946   -3.829  -9.886  1.00 45.04 ? 213 LEU A CA  1 
ATOM   898  C C   . LEU A 1 134 ? 5.195   -3.596  -10.718 1.00 48.57 ? 213 LEU A C   1 
ATOM   899  O O   . LEU A 1 134 ? 5.224   -3.951  -11.901 1.00 46.60 ? 213 LEU A O   1 
ATOM   900  C CB  . LEU A 1 134 ? 4.109   -5.139  -9.129  1.00 40.81 ? 213 LEU A CB  1 
ATOM   901  C CG  . LEU A 1 134 ? 3.048   -5.395  -8.073  1.00 44.30 ? 213 LEU A CG  1 
ATOM   902  C CD1 . LEU A 1 134 ? 3.172   -6.811  -7.557  1.00 39.92 ? 213 LEU A CD1 1 
ATOM   903  C CD2 . LEU A 1 134 ? 3.190   -4.378  -6.941  1.00 40.45 ? 213 LEU A CD2 1 
ATOM   904  N N   . GLU A 1 135 ? 6.225   -3.005  -10.111 1.00 41.13 ? 214 GLU A N   1 
ATOM   905  C CA  . GLU A 1 135 ? 7.487   -2.801  -10.818 1.00 50.60 ? 214 GLU A CA  1 
ATOM   906  C C   . GLU A 1 135 ? 8.727   -3.131  -10.003 1.00 51.87 ? 214 GLU A C   1 
ATOM   907  O O   . GLU A 1 135 ? 8.666   -3.275  -8.781  1.00 45.46 ? 214 GLU A O   1 
ATOM   908  C CB  . GLU A 1 135 ? 7.624   -1.357  -11.301 1.00 55.03 ? 214 GLU A CB  1 
ATOM   909  C CG  . GLU A 1 135 ? 6.337   -0.607  -11.531 1.00 57.45 ? 214 GLU A CG  1 
ATOM   910  C CD  . GLU A 1 135 ? 6.600   0.878   -11.772 1.00 66.35 ? 214 GLU A CD  1 
ATOM   911  O OE1 . GLU A 1 135 ? 7.396   1.210   -12.669 1.00 72.96 ? 214 GLU A OE1 1 
ATOM   912  O OE2 . GLU A 1 135 ? 6.040   1.717   -11.042 1.00 65.99 ? 214 GLU A OE2 1 
ATOM   913  N N   . ARG A 1 136 ? 9.849   -3.222  -10.711 1.00 55.20 ? 215 ARG A N   1 
ATOM   914  C CA  . ARG A 1 136 ? 11.163  -3.431  -10.119 1.00 59.35 ? 215 ARG A CA  1 
ATOM   915  C C   . ARG A 1 136 ? 11.687  -2.144  -9.472  1.00 62.76 ? 215 ARG A C   1 
ATOM   916  O O   . ARG A 1 136 ? 12.481  -2.200  -8.529  1.00 65.69 ? 215 ARG A O   1 
ATOM   917  C CB  . ARG A 1 136 ? 12.140  -3.932  -11.196 1.00 54.25 ? 215 ARG A CB  1 
ATOM   918  C CG  . ARG A 1 136 ? 13.612  -3.657  -10.906 1.00 59.49 ? 215 ARG A CG  1 
ATOM   919  C CD  . ARG A 1 136 ? 14.524  -4.021  -12.075 1.00 63.10 ? 215 ARG A CD  1 
ATOM   920  N NE  . ARG A 1 136 ? 15.877  -3.499  -11.879 1.00 61.05 ? 215 ARG A NE  1 
ATOM   921  C CZ  . ARG A 1 136 ? 16.666  -3.062  -12.858 1.00 53.98 ? 215 ARG A CZ  1 
ATOM   922  N NH1 . ARG A 1 136 ? 16.248  -3.076  -14.116 1.00 51.60 ? 215 ARG A NH1 1 
ATOM   923  N NH2 . ARG A 1 136 ? 17.870  -2.596  -12.573 1.00 46.32 ? 215 ARG A NH2 1 
ATOM   924  N N   . GLN A 1 137 ? 11.227  -0.994  -9.967  1.00 61.97 ? 216 GLN A N   1 
ATOM   925  C CA  . GLN A 1 137 ? 11.693  0.309   -9.484  1.00 66.16 ? 216 GLN A CA  1 
ATOM   926  C C   . GLN A 1 137 ? 11.518  0.473   -7.978  1.00 67.90 ? 216 GLN A C   1 
ATOM   927  O O   . GLN A 1 137 ? 12.175  1.309   -7.355  1.00 68.91 ? 216 GLN A O   1 
ATOM   928  C CB  . GLN A 1 137 ? 10.983  1.455   -10.220 1.00 67.42 ? 216 GLN A CB  1 
ATOM   929  C CG  . GLN A 1 137 ? 9.604   1.810   -9.677  1.00 68.98 ? 216 GLN A CG  1 
ATOM   930  C CD  . GLN A 1 137 ? 9.166   3.227   -10.068 1.00 72.91 ? 216 GLN A CD  1 
ATOM   931  O OE1 . GLN A 1 137 ? 8.651   3.444   -11.155 1.00 78.63 ? 216 GLN A OE1 1 
ATOM   932  N NE2 . GLN A 1 137 ? 9.371   4.187   -9.175  1.00 71.46 ? 216 GLN A NE2 1 
HETATM 933  O O   . HOH B 2 .   ? 3.447   13.062  10.976  0.50 28.83 ? 301 HOH A O   1 
HETATM 934  O O   . HOH B 2 .   ? -5.289  10.661  13.490  1.00 31.70 ? 302 HOH A O   1 
HETATM 935  O O   . HOH B 2 .   ? 0.600   6.752   11.888  1.00 34.38 ? 303 HOH A O   1 
HETATM 936  O O   . HOH B 2 .   ? -8.839  10.052  -0.494  1.00 36.14 ? 304 HOH A O   1 
HETATM 937  O O   . HOH B 2 .   ? 6.479   9.773   6.598   1.00 33.34 ? 305 HOH A O   1 
HETATM 938  O O   . HOH B 2 .   ? -12.601 14.186  4.775   1.00 37.53 ? 306 HOH A O   1 
HETATM 939  O O   . HOH B 2 .   ? -10.521 -8.720  -2.686  1.00 43.76 ? 307 HOH A O   1 
HETATM 940  O O   . HOH B 2 .   ? 14.592  8.647   9.478   1.00 43.30 ? 308 HOH A O   1 
HETATM 941  O O   . HOH B 2 .   ? 11.102  4.485   14.969  1.00 38.15 ? 309 HOH A O   1 
HETATM 942  O O   . HOH B 2 .   ? 2.232   11.655  9.143   1.00 34.91 ? 310 HOH A O   1 
HETATM 943  O O   . HOH B 2 .   ? -10.273 21.131  1.823   1.00 38.48 ? 311 HOH A O   1 
HETATM 944  O O   . HOH B 2 .   ? -1.410  -19.100 -7.348  1.00 37.59 ? 312 HOH A O   1 
HETATM 945  O O   . HOH B 2 .   ? -12.178 19.744  1.893   1.00 46.34 ? 313 HOH A O   1 
HETATM 946  O O   . HOH B 2 .   ? 1.680   4.000   12.354  1.00 42.16 ? 314 HOH A O   1 
HETATM 947  O O   . HOH B 2 .   ? 8.325   5.566   14.893  1.00 31.18 ? 315 HOH A O   1 
HETATM 948  O O   . HOH B 2 .   ? 3.862   -5.949  -13.473 1.00 45.54 ? 316 HOH A O   1 
HETATM 949  O O   . HOH B 2 .   ? 4.860   16.771  5.686   1.00 45.24 ? 317 HOH A O   1 
HETATM 950  O O   . HOH B 2 .   ? -3.385  -0.479  10.993  1.00 42.30 ? 318 HOH A O   1 
HETATM 951  O O   . HOH B 2 .   ? 2.473   18.058  8.476   1.00 35.29 ? 319 HOH A O   1 
HETATM 952  O O   . HOH B 2 .   ? 3.102   -10.629 7.105   1.00 39.15 ? 320 HOH A O   1 
HETATM 953  O O   . HOH B 2 .   ? 10.979  -12.318 -6.418  1.00 46.01 ? 321 HOH A O   1 
HETATM 954  O O   . HOH B 2 .   ? 1.731   14.789  10.611  1.00 39.38 ? 322 HOH A O   1 
HETATM 955  O O   . HOH B 2 .   ? 7.218   15.058  5.253   1.00 38.35 ? 323 HOH A O   1 
HETATM 956  O O   . HOH B 2 .   ? 5.676   3.459   -8.903  1.00 51.21 ? 324 HOH A O   1 
HETATM 957  O O   . HOH B 2 .   ? -6.783  -16.998 -4.526  1.00 47.08 ? 325 HOH A O   1 
HETATM 958  O O   . HOH B 2 .   ? 5.680   9.352   11.107  1.00 42.12 ? 326 HOH A O   1 
HETATM 959  O O   . HOH B 2 .   ? -9.044  17.147  12.646  1.00 39.98 ? 327 HOH A O   1 
HETATM 960  O O   . HOH B 2 .   ? 0.964   -13.714 8.692   1.00 45.09 ? 328 HOH A O   1 
HETATM 961  O O   . HOH B 2 .   ? -9.366  10.638  -4.005  1.00 43.62 ? 329 HOH A O   1 
HETATM 962  O O   . HOH B 2 .   ? -9.492  2.510   1.984   1.00 36.54 ? 330 HOH A O   1 
HETATM 963  O O   . HOH B 2 .   ? 6.878   14.849  -2.283  1.00 50.15 ? 331 HOH A O   1 
HETATM 964  O O   . HOH B 2 .   ? -12.997 -2.064  -3.192  1.00 44.46 ? 332 HOH A O   1 
HETATM 965  O O   . HOH B 2 .   ? -4.711  -10.719 5.206   1.00 46.62 ? 333 HOH A O   1 
HETATM 966  O O   . HOH B 2 .   ? -11.820 -10.772 -3.007  1.00 46.97 ? 334 HOH A O   1 
HETATM 967  O O   . HOH B 2 .   ? -0.574  3.390   12.521  1.00 46.26 ? 335 HOH A O   1 
HETATM 968  O O   . HOH B 2 .   ? 3.937   -14.394 9.087   1.00 48.22 ? 336 HOH A O   1 
HETATM 969  O O   . HOH B 2 .   ? 2.328   -15.635 -12.249 1.00 44.96 ? 337 HOH A O   1 
HETATM 970  O O   . HOH B 2 .   ? 3.369   5.879   16.632  1.00 53.65 ? 338 HOH A O   1 
HETATM 971  O O   . HOH B 2 .   ? -14.476 9.774   4.856   1.00 49.90 ? 339 HOH A O   1 
HETATM 972  O O   . HOH B 2 .   ? 13.087  -9.604  2.952   1.00 55.89 ? 340 HOH A O   1 
HETATM 973  O O   . HOH B 2 .   ? -12.071 -0.638  0.595   1.00 40.44 ? 341 HOH A O   1 
HETATM 974  O O   . HOH B 2 .   ? 2.294   3.785   15.022  1.00 54.63 ? 342 HOH A O   1 
HETATM 975  O O   . HOH B 2 .   ? 2.458   -23.367 4.019   1.00 53.83 ? 343 HOH A O   1 
HETATM 976  O O   . HOH B 2 .   ? -15.612 9.251   2.109   1.00 54.38 ? 344 HOH A O   1 
HETATM 977  O O   . HOH B 2 .   ? 10.864  -10.970 2.698   1.00 46.54 ? 345 HOH A O   1 
HETATM 978  O O   . HOH B 2 .   ? 4.351   14.728  9.218   0.50 33.82 ? 346 HOH A O   1 
HETATM 979  O O   . HOH B 2 .   ? -1.723  -7.138  9.542   1.00 47.03 ? 347 HOH A O   1 
HETATM 980  O O   . HOH B 2 .   ? 2.946   8.425   15.118  1.00 42.94 ? 348 HOH A O   1 
HETATM 981  O O   . HOH B 2 .   ? -4.718  -15.788 -0.366  1.00 42.40 ? 349 HOH A O   1 
HETATM 982  O O   . HOH B 2 .   ? 2.739   11.756  12.354  0.50 41.47 ? 350 HOH A O   1 
HETATM 983  O O   . HOH B 2 .   ? -14.523 11.651  10.577  1.00 48.87 ? 351 HOH A O   1 
HETATM 984  O O   . HOH B 2 .   ? 8.329   -18.394 1.282   1.00 45.55 ? 352 HOH A O   1 
HETATM 985  O O   . HOH B 2 .   ? -9.492  22.653  2.737   1.00 43.88 ? 353 HOH A O   1 
HETATM 986  O O   . HOH B 2 .   ? 4.798   -18.148 -3.154  1.00 46.66 ? 354 HOH A O   1 
HETATM 987  O O   . HOH B 2 .   ? 11.386  -18.900 -10.451 1.00 54.65 ? 355 HOH A O   1 
HETATM 988  O O   . HOH B 2 .   ? 11.778  2.403   -3.623  1.00 59.82 ? 356 HOH A O   1 
HETATM 989  O O   . HOH B 2 .   ? 4.137   -0.590  12.943  1.00 58.27 ? 357 HOH A O   1 
HETATM 990  O O   . HOH B 2 .   ? 13.751  10.636  9.939   1.00 36.07 ? 358 HOH A O   1 
HETATM 991  O O   . HOH B 2 .   ? 17.615  -10.508 -1.328  1.00 58.05 ? 359 HOH A O   1 
HETATM 992  O O   . HOH B 2 .   ? 12.723  -16.559 -9.585  1.00 49.48 ? 360 HOH A O   1 
HETATM 993  O O   . HOH B 2 .   ? 17.837  -10.693 0.672   1.00 58.73 ? 361 HOH A O   1 
HETATM 994  O O   . HOH B 2 .   ? -6.111  15.772  7.923   1.00 44.42 ? 362 HOH A O   1 
HETATM 995  O O   . HOH B 2 .   ? -5.658  2.027   -11.347 1.00 45.19 ? 363 HOH A O   1 
HETATM 996  O O   . HOH B 2 .   ? 11.619  2.653   17.532  1.00 48.37 ? 364 HOH A O   1 
HETATM 997  O O   . HOH B 2 .   ? 9.392   9.279   -4.510  1.00 59.13 ? 365 HOH A O   1 
HETATM 998  O O   . HOH B 2 .   ? 14.484  -14.395 2.184   1.00 43.41 ? 366 HOH A O   1 
HETATM 999  O O   . HOH B 2 .   ? 13.112  -14.738 0.405   1.00 38.26 ? 367 HOH A O   1 
HETATM 1000 O O   . HOH B 2 .   ? -8.296  -5.604  8.458   1.00 49.01 ? 368 HOH A O   1 
HETATM 1001 O O   . HOH B 2 .   ? -11.271 5.421   -8.121  1.00 40.65 ? 369 HOH A O   1 
HETATM 1002 O O   . HOH B 2 .   ? 12.006  -16.078 -0.806  1.00 50.56 ? 370 HOH A O   1 
HETATM 1003 O O   . HOH B 2 .   ? 10.374  10.897  -4.115  1.00 65.73 ? 371 HOH A O   1 
HETATM 1004 O O   . HOH B 2 .   ? 2.272   13.846  -2.117  1.00 40.85 ? 372 HOH A O   1 
HETATM 1005 O O   . HOH B 2 .   ? 9.511   -20.039 -10.973 1.00 58.22 ? 373 HOH A O   1 
HETATM 1006 O O   . HOH B 2 .   ? 4.393   -21.704 2.841   1.00 51.44 ? 374 HOH A O   1 
HETATM 1007 O O   . HOH B 2 .   ? -3.764  18.840  0.789   1.00 45.70 ? 375 HOH A O   1 
HETATM 1008 O O   . HOH B 2 .   ? 3.371   -18.235 -1.833  1.00 41.14 ? 376 HOH A O   1 
HETATM 1009 O O   . HOH B 2 .   ? -11.604 7.411   10.627  1.00 47.44 ? 377 HOH A O   1 
HETATM 1010 O O   . HOH B 2 .   ? -13.681 14.440  7.063   1.00 49.26 ? 378 HOH A O   1 
HETATM 1011 O O   . HOH B 2 .   ? 5.636   -16.238 -4.074  1.00 48.93 ? 379 HOH A O   1 
HETATM 1012 O O   . HOH B 2 .   ? 9.763   4.047   18.380  1.00 54.92 ? 380 HOH A O   1 
HETATM 1013 O O   . HOH B 2 .   ? 4.564   14.176  -4.242  1.00 58.43 ? 381 HOH A O   1 
HETATM 1014 O O   . HOH B 2 .   ? 11.546  -17.682 -1.982  1.00 47.44 ? 382 HOH A O   1 
HETATM 1015 O O   . HOH B 2 .   ? 16.771  -12.936 0.689   1.00 46.81 ? 383 HOH A O   1 
HETATM 1016 O O   . HOH B 2 .   ? 17.544  -14.395 1.555   1.00 60.79 ? 384 HOH A O   1 
HETATM 1017 O O   . HOH B 2 .   ? 5.534   -3.870  10.705  1.00 55.89 ? 385 HOH A O   1 
HETATM 1018 O O   . HOH B 2 .   ? 14.550  -7.859  2.061   1.00 57.91 ? 386 HOH A O   1 
HETATM 1019 O O   . HOH B 2 .   ? 8.477   -17.696 -4.807  1.00 49.07 ? 387 HOH A O   1 
HETATM 1020 O O   . HOH B 2 .   ? -8.730  -5.567  -11.854 0.50 56.77 ? 388 HOH A O   1 
HETATM 1021 O O   . HOH B 2 .   ? 7.179   -3.864  8.214   1.00 61.71 ? 389 HOH A O   1 
# 
